data_8FO3
#
_entry.id   8FO3
#
_cell.length_a   63.141
_cell.length_b   95.655
_cell.length_c   125.918
_cell.angle_alpha   106.31
_cell.angle_beta   92.93
_cell.angle_gamma   90.16
#
_symmetry.space_group_name_H-M   'P 1'
#
loop_
_entity.id
_entity.type
_entity.pdbx_description
1 polymer 'H9 immunoglobulin light chain'
2 non-polymer 3-nitro-4-{2-[(2S)-2-phenylpropyl]hydrazinyl}benzene-1-sulfonamide
3 non-polymer 'PHOSPHATE ION'
4 water water
#
_entity_poly.entity_id   1
_entity_poly.type   'polypeptide(L)'
_entity_poly.pdbx_seq_one_letter_code
;QSALTQPPSASGSPGQSVTISCTGTSSDVGGSDSVSWYQQHPGKAPKLIIYEVSQRPSGVPNRFSGSKSGNTASLTVSGL
QAEDDADYYCSSYGGDNNLFFGGGTKVTVLGQPKAAPSVTLFPPSSEELQANKATLVCLISDFYPGAVTVAWKADSSPVK
AGVETTTPSKQSNNKYAASSYLSLTPEQWKSHRSYSCQVTHEGSTVEKTVAPTECS
;
_entity_poly.pdbx_strand_id   A,B,C,D,G,H,I,J,E,F,K,L
#
# COMPACT_ATOMS: atom_id res chain seq x y z
N SER A 2 -20.10 1.58 -3.96
CA SER A 2 -21.11 0.61 -4.51
C SER A 2 -22.29 1.40 -5.10
N ALA A 3 -22.88 0.95 -6.22
CA ALA A 3 -24.06 1.61 -6.85
C ALA A 3 -25.28 1.46 -5.93
N LEU A 4 -25.55 0.25 -5.42
CA LEU A 4 -26.52 -0.01 -4.31
C LEU A 4 -25.79 0.03 -2.97
N THR A 5 -26.42 0.54 -1.92
CA THR A 5 -25.81 0.71 -0.58
C THR A 5 -26.27 -0.43 0.34
N GLN A 6 -25.32 -1.26 0.78
CA GLN A 6 -25.51 -2.30 1.83
C GLN A 6 -24.69 -1.95 3.08
N PRO A 7 -25.15 -2.27 4.30
CA PRO A 7 -24.27 -2.17 5.46
C PRO A 7 -23.07 -3.08 5.23
N PRO A 8 -21.85 -2.66 5.67
CA PRO A 8 -20.66 -3.49 5.52
C PRO A 8 -20.73 -4.81 6.28
N SER A 9 -21.39 -4.82 7.43
CA SER A 9 -21.37 -5.99 8.35
C SER A 9 -22.71 -6.14 9.03
N ALA A 10 -23.02 -7.36 9.44
CA ALA A 10 -24.13 -7.65 10.38
C ALA A 10 -23.71 -8.89 11.16
N SER A 11 -24.27 -9.10 12.35
CA SER A 11 -23.91 -10.28 13.19
C SER A 11 -25.09 -10.78 14.02
N GLY A 12 -25.01 -12.03 14.44
CA GLY A 12 -25.84 -12.57 15.53
C GLY A 12 -25.34 -13.91 15.98
N SER A 13 -25.87 -14.43 17.08
CA SER A 13 -25.46 -15.76 17.62
C SER A 13 -26.31 -16.84 16.98
N PRO A 14 -25.94 -18.14 17.11
CA PRO A 14 -26.78 -19.23 16.63
C PRO A 14 -28.23 -19.06 17.06
N GLY A 15 -29.18 -19.27 16.12
CA GLY A 15 -30.62 -19.20 16.40
C GLY A 15 -31.15 -17.78 16.32
N GLN A 16 -30.32 -16.75 16.24
CA GLN A 16 -30.86 -15.36 16.17
C GLN A 16 -31.30 -15.05 14.74
N SER A 17 -31.94 -13.91 14.56
CA SER A 17 -32.26 -13.38 13.21
C SER A 17 -31.32 -12.23 12.89
N VAL A 18 -31.14 -11.97 11.60
CA VAL A 18 -30.42 -10.76 11.12
C VAL A 18 -31.21 -10.23 9.91
N THR A 19 -31.35 -8.92 9.81
CA THR A 19 -31.92 -8.26 8.61
C THR A 19 -30.86 -7.32 8.03
N ILE A 20 -30.59 -7.46 6.74
CA ILE A 20 -29.58 -6.64 6.00
C ILE A 20 -30.29 -5.91 4.86
N SER A 21 -29.94 -4.64 4.66
CA SER A 21 -30.62 -3.70 3.75
C SER A 21 -29.78 -3.50 2.49
N CYS A 22 -30.44 -3.08 1.43
CA CYS A 22 -29.89 -2.88 0.06
C CYS A 22 -30.65 -1.70 -0.52
N THR A 23 -30.08 -0.50 -0.50
CA THR A 23 -30.76 0.77 -0.85
C THR A 23 -30.19 1.28 -2.19
N GLY A 24 -31.11 1.60 -3.11
CA GLY A 24 -30.84 2.24 -4.39
C GLY A 24 -31.75 3.45 -4.60
N THR A 25 -32.16 3.68 -5.84
CA THR A 25 -32.96 4.85 -6.26
C THR A 25 -34.24 4.33 -6.91
N SER A 26 -35.12 5.27 -7.24
CA SER A 26 -36.46 4.99 -7.82
C SER A 26 -36.26 4.26 -9.16
N SER A 27 -35.15 4.53 -9.84
CA SER A 27 -34.81 4.02 -11.21
C SER A 27 -34.12 2.66 -11.15
N ASP A 28 -33.81 2.12 -9.97
CA ASP A 28 -33.35 0.71 -9.88
C ASP A 28 -34.17 -0.03 -8.84
N VAL A 29 -33.82 0.04 -7.54
CA VAL A 29 -34.47 -0.83 -6.52
C VAL A 29 -35.97 -0.51 -6.43
N GLY A 30 -36.33 0.78 -6.36
CA GLY A 30 -37.72 1.23 -6.21
C GLY A 30 -38.52 1.21 -7.51
N GLY A 31 -37.91 0.78 -8.62
CA GLY A 31 -38.46 0.89 -9.98
C GLY A 31 -39.08 -0.39 -10.49
N SER A 32 -38.67 -1.55 -9.97
CA SER A 32 -39.20 -2.87 -10.42
C SER A 32 -38.94 -3.94 -9.36
N ASP A 33 -39.45 -5.16 -9.57
CA ASP A 33 -39.36 -6.27 -8.60
C ASP A 33 -38.19 -7.19 -9.02
N SER A 34 -37.04 -6.60 -9.28
CA SER A 34 -35.87 -7.29 -9.87
C SER A 34 -34.67 -7.27 -8.91
N VAL A 35 -34.91 -7.45 -7.61
CA VAL A 35 -33.83 -7.51 -6.58
C VAL A 35 -33.45 -8.99 -6.40
N SER A 36 -32.16 -9.31 -6.52
CA SER A 36 -31.61 -10.66 -6.23
C SER A 36 -30.61 -10.54 -5.07
N TRP A 37 -30.46 -11.62 -4.31
CA TRP A 37 -29.50 -11.77 -3.18
C TRP A 37 -28.66 -12.99 -3.47
N TYR A 38 -27.34 -12.86 -3.27
CA TYR A 38 -26.35 -13.92 -3.51
C TYR A 38 -25.55 -14.07 -2.21
N GLN A 39 -25.20 -15.30 -1.91
CA GLN A 39 -24.48 -15.70 -0.69
C GLN A 39 -23.12 -16.21 -1.19
N GLN A 40 -22.02 -15.74 -0.62
CA GLN A 40 -20.69 -16.30 -0.96
C GLN A 40 -19.94 -16.67 0.32
N HIS A 41 -19.60 -17.93 0.46
CA HIS A 41 -18.58 -18.41 1.42
C HIS A 41 -17.23 -18.04 0.82
N PRO A 42 -16.29 -17.44 1.56
CA PRO A 42 -15.16 -16.76 0.92
C PRO A 42 -14.26 -17.76 0.18
N GLY A 43 -13.83 -17.41 -1.03
CA GLY A 43 -13.01 -18.27 -1.91
C GLY A 43 -13.81 -19.42 -2.53
N LYS A 44 -15.14 -19.44 -2.35
CA LYS A 44 -16.03 -20.41 -3.01
C LYS A 44 -16.98 -19.66 -3.96
N ALA A 45 -17.55 -20.39 -4.92
CA ALA A 45 -18.58 -19.89 -5.85
C ALA A 45 -19.74 -19.25 -5.08
N PRO A 46 -20.22 -18.05 -5.46
CA PRO A 46 -21.49 -17.55 -4.93
C PRO A 46 -22.71 -18.42 -5.33
N LYS A 47 -23.86 -18.14 -4.72
CA LYS A 47 -25.13 -18.87 -4.94
C LYS A 47 -26.24 -17.84 -4.91
N LEU A 48 -27.10 -17.86 -5.92
CA LEU A 48 -28.35 -17.04 -5.89
C LEU A 48 -29.23 -17.61 -4.78
N ILE A 49 -29.81 -16.78 -3.94
CA ILE A 49 -30.65 -17.27 -2.81
C ILE A 49 -32.00 -16.57 -2.78
N ILE A 50 -32.11 -15.42 -3.44
CA ILE A 50 -33.39 -14.66 -3.61
C ILE A 50 -33.35 -14.01 -5.00
N TYR A 51 -34.46 -14.12 -5.74
CA TYR A 51 -34.71 -13.33 -6.97
C TYR A 51 -36.09 -12.69 -6.88
N GLU A 52 -36.29 -11.66 -7.69
CA GLU A 52 -37.59 -10.93 -7.78
C GLU A 52 -38.06 -10.63 -6.37
N VAL A 53 -37.14 -10.11 -5.57
CA VAL A 53 -37.34 -9.61 -4.20
C VAL A 53 -37.49 -10.76 -3.19
N SER A 54 -38.42 -11.70 -3.42
CA SER A 54 -39.01 -12.62 -2.40
C SER A 54 -38.85 -14.09 -2.78
N GLN A 55 -38.43 -14.41 -4.00
CA GLN A 55 -38.49 -15.79 -4.56
C GLN A 55 -37.22 -16.54 -4.15
N ARG A 56 -37.38 -17.71 -3.52
CA ARG A 56 -36.25 -18.58 -3.14
C ARG A 56 -36.06 -19.62 -4.22
N PRO A 57 -34.85 -19.73 -4.81
CA PRO A 57 -34.50 -20.88 -5.65
C PRO A 57 -34.79 -22.21 -4.93
N SER A 58 -35.03 -23.26 -5.70
CA SER A 58 -35.12 -24.67 -5.23
C SER A 58 -33.99 -24.98 -4.25
N GLY A 59 -34.32 -25.37 -3.02
CA GLY A 59 -33.36 -25.96 -2.06
C GLY A 59 -32.69 -24.93 -1.17
N VAL A 60 -33.07 -23.64 -1.31
CA VAL A 60 -32.77 -22.53 -0.36
C VAL A 60 -33.86 -22.55 0.70
N PRO A 61 -33.52 -22.66 2.02
CA PRO A 61 -34.54 -22.87 3.03
C PRO A 61 -35.29 -21.58 3.34
N ASN A 62 -36.49 -21.70 3.93
CA ASN A 62 -37.43 -20.58 4.15
C ASN A 62 -36.98 -19.74 5.34
N ARG A 63 -35.84 -20.06 5.94
CA ARG A 63 -35.10 -19.18 6.89
C ARG A 63 -34.81 -17.87 6.17
N PHE A 64 -34.53 -17.92 4.87
CA PHE A 64 -34.20 -16.73 4.03
C PHE A 64 -35.50 -16.13 3.46
N SER A 65 -35.80 -14.88 3.80
CA SER A 65 -36.92 -14.13 3.18
C SER A 65 -36.42 -12.76 2.71
N GLY A 66 -36.89 -12.33 1.55
CA GLY A 66 -36.57 -11.03 0.96
C GLY A 66 -37.83 -10.19 0.88
N SER A 67 -37.71 -8.91 1.18
CA SER A 67 -38.78 -7.89 1.05
C SER A 67 -38.21 -6.59 0.48
N LYS A 68 -39.09 -5.66 0.21
CA LYS A 68 -38.77 -4.37 -0.42
C LYS A 68 -39.86 -3.40 0.01
N SER A 69 -39.46 -2.21 0.43
CA SER A 69 -40.31 -1.04 0.72
C SER A 69 -39.61 0.18 0.11
N GLY A 70 -40.24 0.84 -0.86
CA GLY A 70 -39.68 1.98 -1.59
C GLY A 70 -38.36 1.62 -2.26
N ASN A 71 -37.30 2.37 -1.95
CA ASN A 71 -35.97 2.23 -2.60
C ASN A 71 -35.02 1.32 -1.79
N THR A 72 -35.52 0.57 -0.79
CA THR A 72 -34.70 -0.32 0.07
C THR A 72 -35.30 -1.73 0.08
N ALA A 73 -34.53 -2.71 -0.40
CA ALA A 73 -34.81 -4.15 -0.21
C ALA A 73 -34.07 -4.66 1.03
N SER A 74 -34.58 -5.75 1.60
CA SER A 74 -34.08 -6.39 2.84
C SER A 74 -34.08 -7.90 2.67
N LEU A 75 -33.02 -8.54 3.13
CA LEU A 75 -32.94 -9.99 3.29
C LEU A 75 -32.99 -10.24 4.79
N THR A 76 -33.87 -11.12 5.26
CA THR A 76 -33.92 -11.59 6.67
C THR A 76 -33.41 -13.01 6.69
N VAL A 77 -32.42 -13.30 7.52
CA VAL A 77 -32.00 -14.69 7.80
C VAL A 77 -32.41 -14.94 9.22
N SER A 78 -33.35 -15.86 9.43
CA SER A 78 -33.82 -16.20 10.79
C SER A 78 -33.18 -17.54 11.21
N GLY A 79 -33.06 -17.76 12.51
CA GLY A 79 -32.42 -18.94 13.09
C GLY A 79 -31.04 -19.12 12.51
N LEU A 80 -30.12 -18.15 12.71
CA LEU A 80 -28.78 -18.24 12.10
C LEU A 80 -28.17 -19.57 12.52
N GLN A 81 -27.56 -20.27 11.56
CA GLN A 81 -26.73 -21.48 11.73
C GLN A 81 -25.31 -21.12 11.25
N ALA A 82 -24.32 -21.96 11.58
CA ALA A 82 -22.89 -21.71 11.28
C ALA A 82 -22.72 -21.45 9.78
N GLU A 83 -23.41 -22.22 8.94
CA GLU A 83 -23.23 -22.17 7.45
C GLU A 83 -23.74 -20.86 6.84
N ASP A 84 -24.46 -20.04 7.60
CA ASP A 84 -24.99 -18.74 7.10
C ASP A 84 -23.91 -17.67 7.20
N ASP A 85 -22.80 -18.00 7.84
CA ASP A 85 -21.60 -17.13 7.93
C ASP A 85 -21.04 -16.95 6.52
N ALA A 86 -21.19 -15.76 5.94
CA ALA A 86 -20.83 -15.53 4.52
C ALA A 86 -20.93 -14.06 4.18
N ASP A 87 -20.58 -13.72 2.94
CA ASP A 87 -20.86 -12.39 2.35
C ASP A 87 -22.18 -12.49 1.56
N TYR A 88 -23.02 -11.47 1.67
CA TYR A 88 -24.31 -11.34 0.97
C TYR A 88 -24.28 -10.09 0.08
N TYR A 89 -24.56 -10.29 -1.21
CA TYR A 89 -24.63 -9.25 -2.26
C TYR A 89 -26.07 -9.14 -2.76
N CYS A 90 -26.52 -7.90 -3.00
CA CYS A 90 -27.82 -7.62 -3.65
C CYS A 90 -27.56 -7.06 -5.05
N SER A 91 -28.47 -7.27 -5.97
CA SER A 91 -28.40 -6.68 -7.33
C SER A 91 -29.80 -6.24 -7.71
N SER A 92 -29.90 -5.20 -8.54
CA SER A 92 -31.19 -4.76 -9.10
C SER A 92 -30.97 -4.27 -10.54
N TYR A 93 -31.92 -4.56 -11.44
CA TYR A 93 -31.91 -3.94 -12.78
C TYR A 93 -32.29 -2.47 -12.62
N GLY A 94 -31.84 -1.63 -13.55
CA GLY A 94 -32.22 -0.22 -13.68
C GLY A 94 -32.93 0.05 -14.99
N GLY A 95 -32.90 1.32 -15.42
CA GLY A 95 -33.71 1.84 -16.55
C GLY A 95 -33.27 1.24 -17.87
N ASP A 96 -31.95 1.26 -18.14
CA ASP A 96 -31.34 0.72 -19.39
C ASP A 96 -31.29 -0.81 -19.32
N ASN A 97 -32.16 -1.44 -18.51
CA ASN A 97 -32.06 -2.86 -18.09
C ASN A 97 -30.61 -3.15 -17.71
N ASN A 98 -29.88 -2.13 -17.23
CA ASN A 98 -28.52 -2.23 -16.64
C ASN A 98 -28.65 -2.91 -15.27
N LEU A 99 -27.64 -3.69 -14.85
CA LEU A 99 -27.59 -4.45 -13.57
C LEU A 99 -26.69 -3.68 -12.60
N PHE A 100 -27.23 -3.33 -11.42
CA PHE A 100 -26.58 -2.58 -10.32
C PHE A 100 -26.30 -3.54 -9.16
N PHE A 101 -25.13 -3.42 -8.52
CA PHE A 101 -24.66 -4.31 -7.42
C PHE A 101 -24.49 -3.51 -6.15
N GLY A 102 -24.88 -4.10 -5.01
CA GLY A 102 -24.51 -3.63 -3.66
C GLY A 102 -23.06 -3.91 -3.33
N GLY A 103 -22.53 -3.31 -2.26
CA GLY A 103 -21.12 -3.48 -1.86
C GLY A 103 -20.86 -4.82 -1.19
N GLY A 104 -21.91 -5.52 -0.74
CA GLY A 104 -21.81 -6.77 0.03
C GLY A 104 -21.86 -6.53 1.52
N THR A 105 -22.49 -7.44 2.27
CA THR A 105 -22.59 -7.42 3.75
C THR A 105 -21.97 -8.71 4.30
N LYS A 106 -20.92 -8.54 5.12
CA LYS A 106 -20.26 -9.64 5.87
C LYS A 106 -21.16 -9.99 7.06
N VAL A 107 -21.79 -11.15 7.02
CA VAL A 107 -22.68 -11.64 8.10
C VAL A 107 -21.87 -12.66 8.93
N THR A 108 -21.61 -12.35 10.19
CA THR A 108 -20.85 -13.25 11.08
C THR A 108 -21.86 -13.92 12.02
N VAL A 109 -21.78 -15.22 12.16
CA VAL A 109 -22.42 -15.97 13.27
C VAL A 109 -21.39 -16.04 14.41
N LEU A 110 -21.59 -15.22 15.44
CA LEU A 110 -20.61 -14.94 16.54
C LEU A 110 -20.06 -16.24 17.12
N GLY A 111 -18.77 -16.48 16.94
CA GLY A 111 -18.09 -17.68 17.47
C GLY A 111 -17.39 -17.36 18.78
N GLN A 112 -17.44 -16.10 19.22
CA GLN A 112 -16.81 -15.57 20.44
C GLN A 112 -17.50 -14.23 20.74
N PRO A 113 -17.20 -13.62 21.90
CA PRO A 113 -17.77 -12.32 22.22
C PRO A 113 -17.32 -11.18 21.28
N LYS A 114 -18.22 -10.22 21.08
CA LYS A 114 -17.92 -8.97 20.33
C LYS A 114 -16.90 -8.16 21.12
N ALA A 115 -15.99 -7.51 20.39
CA ALA A 115 -14.91 -6.69 20.98
C ALA A 115 -14.69 -5.54 20.02
N ALA A 116 -14.79 -4.31 20.51
CA ALA A 116 -14.66 -3.08 19.72
C ALA A 116 -13.17 -2.84 19.51
N PRO A 117 -12.79 -2.29 18.34
CA PRO A 117 -11.37 -2.09 18.09
C PRO A 117 -10.72 -1.04 18.99
N SER A 118 -9.45 -1.27 19.33
N SER A 118 -9.48 -1.31 19.43
CA SER A 118 -8.51 -0.26 19.86
CA SER A 118 -8.51 -0.26 19.83
C SER A 118 -7.85 0.46 18.67
C SER A 118 -8.08 0.43 18.54
N VAL A 119 -8.10 1.75 18.52
CA VAL A 119 -7.68 2.50 17.30
C VAL A 119 -6.59 3.47 17.73
N THR A 120 -5.44 3.47 17.05
CA THR A 120 -4.32 4.40 17.32
C THR A 120 -3.91 5.05 16.00
N LEU A 121 -3.87 6.37 15.96
CA LEU A 121 -3.53 7.12 14.73
C LEU A 121 -2.14 7.71 14.91
N PHE A 122 -1.20 7.34 14.05
CA PHE A 122 0.20 7.80 14.14
C PHE A 122 0.41 8.85 13.05
N PRO A 123 0.90 10.06 13.40
CA PRO A 123 1.34 11.05 12.41
C PRO A 123 2.68 10.67 11.81
N PRO A 124 3.18 11.43 10.82
CA PRO A 124 4.40 11.03 10.11
C PRO A 124 5.59 11.08 11.07
N SER A 125 6.49 10.07 10.95
CA SER A 125 7.74 9.97 11.71
C SER A 125 8.74 10.96 11.11
N SER A 126 9.71 11.39 11.90
CA SER A 126 10.82 12.28 11.47
C SER A 126 11.59 11.61 10.33
N GLU A 127 11.94 10.33 10.49
CA GLU A 127 12.75 9.64 9.46
C GLU A 127 12.00 9.69 8.12
N GLU A 128 10.73 9.25 8.07
CA GLU A 128 9.97 9.27 6.79
C GLU A 128 9.85 10.72 6.27
N LEU A 129 9.56 11.71 7.12
CA LEU A 129 9.44 13.14 6.70
C LEU A 129 10.75 13.58 6.05
N GLN A 130 11.90 13.26 6.66
CA GLN A 130 13.22 13.66 6.10
C GLN A 130 13.49 12.89 4.79
N ALA A 131 12.72 11.83 4.51
CA ALA A 131 12.81 11.03 3.26
C ALA A 131 11.64 11.39 2.34
N ASN A 132 11.01 12.55 2.57
CA ASN A 132 9.92 13.10 1.73
C ASN A 132 8.73 12.16 1.59
N LYS A 133 8.35 11.46 2.65
CA LYS A 133 7.07 10.69 2.72
C LYS A 133 6.37 11.11 4.00
N ALA A 134 5.04 11.23 4.01
CA ALA A 134 4.27 11.61 5.22
C ALA A 134 3.12 10.62 5.46
N THR A 135 3.40 9.34 5.29
CA THR A 135 2.46 8.25 5.52
C THR A 135 1.97 8.31 6.95
N LEU A 136 0.66 8.28 7.10
CA LEU A 136 -0.05 8.12 8.38
C LEU A 136 -0.46 6.68 8.49
N VAL A 137 -0.48 6.14 9.71
N VAL A 137 -0.51 6.16 9.73
CA VAL A 137 -0.97 4.75 9.93
CA VAL A 137 -0.96 4.79 10.02
C VAL A 137 -2.02 4.78 11.03
C VAL A 137 -2.07 4.84 11.05
N CYS A 138 -3.15 4.14 10.78
CA CYS A 138 -4.25 3.97 11.74
C CYS A 138 -4.26 2.51 12.15
N LEU A 139 -3.73 2.18 13.34
CA LEU A 139 -3.67 0.78 13.85
C LEU A 139 -5.00 0.41 14.53
N ILE A 140 -5.54 -0.73 14.14
CA ILE A 140 -6.87 -1.24 14.56
C ILE A 140 -6.67 -2.67 15.05
N SER A 141 -6.87 -2.94 16.33
CA SER A 141 -6.51 -4.23 16.96
C SER A 141 -7.62 -4.64 17.91
N ASP A 142 -7.63 -5.92 18.25
CA ASP A 142 -8.39 -6.46 19.39
C ASP A 142 -9.90 -6.45 19.11
N PHE A 143 -10.34 -6.62 17.85
CA PHE A 143 -11.77 -6.54 17.48
C PHE A 143 -12.30 -7.92 17.01
N TYR A 144 -13.58 -8.10 17.24
CA TYR A 144 -14.37 -9.29 16.80
C TYR A 144 -15.79 -8.80 16.61
N PRO A 145 -16.55 -9.12 15.54
CA PRO A 145 -16.07 -9.87 14.38
C PRO A 145 -14.94 -9.18 13.58
N GLY A 146 -14.30 -9.96 12.72
CA GLY A 146 -13.10 -9.58 11.97
C GLY A 146 -13.39 -8.71 10.77
N ALA A 147 -14.33 -7.80 10.90
CA ALA A 147 -14.84 -7.02 9.75
C ALA A 147 -14.90 -5.58 10.21
N VAL A 148 -14.36 -4.70 9.39
CA VAL A 148 -14.13 -3.30 9.76
C VAL A 148 -14.08 -2.53 8.44
N THR A 149 -14.56 -1.30 8.45
CA THR A 149 -14.38 -0.39 7.31
C THR A 149 -13.69 0.88 7.80
N VAL A 150 -12.81 1.42 6.97
CA VAL A 150 -11.93 2.56 7.34
C VAL A 150 -12.13 3.63 6.27
N ALA A 151 -12.54 4.81 6.71
CA ALA A 151 -12.57 6.03 5.89
C ALA A 151 -11.51 6.99 6.42
N TRP A 152 -10.83 7.72 5.55
CA TRP A 152 -9.93 8.83 5.92
C TRP A 152 -10.56 10.19 5.52
N LYS A 153 -10.30 11.23 6.31
CA LYS A 153 -10.68 12.63 5.98
C LYS A 153 -9.43 13.51 5.95
N ALA A 154 -9.29 14.36 4.92
CA ALA A 154 -8.39 15.53 4.88
C ALA A 154 -9.22 16.76 5.26
N ASP A 155 -8.98 17.31 6.44
CA ASP A 155 -9.91 18.26 7.11
C ASP A 155 -11.21 17.49 7.30
N SER A 156 -12.27 17.78 6.53
CA SER A 156 -13.59 17.13 6.61
C SER A 156 -13.96 16.48 5.29
N SER A 157 -13.01 16.43 4.36
CA SER A 157 -13.21 15.88 3.00
C SER A 157 -12.72 14.44 2.96
N PRO A 158 -13.61 13.50 2.59
CA PRO A 158 -13.16 12.13 2.29
C PRO A 158 -11.93 12.21 1.37
N VAL A 159 -10.95 11.33 1.59
CA VAL A 159 -9.83 11.10 0.64
C VAL A 159 -9.89 9.63 0.21
N LYS A 160 -9.84 9.37 -1.10
CA LYS A 160 -9.86 8.00 -1.67
C LYS A 160 -8.44 7.59 -2.08
N ALA A 161 -7.72 8.47 -2.77
CA ALA A 161 -6.36 8.20 -3.28
C ALA A 161 -5.42 7.96 -2.09
N GLY A 162 -4.51 7.00 -2.24
CA GLY A 162 -3.40 6.78 -1.32
C GLY A 162 -3.86 6.12 -0.02
N VAL A 163 -5.10 5.60 0.03
CA VAL A 163 -5.62 4.80 1.20
C VAL A 163 -5.38 3.32 0.93
N GLU A 164 -4.70 2.61 1.85
CA GLU A 164 -4.59 1.13 1.81
C GLU A 164 -4.98 0.57 3.18
N THR A 165 -5.85 -0.43 3.22
CA THR A 165 -6.22 -1.16 4.46
C THR A 165 -5.93 -2.65 4.29
N THR A 166 -5.25 -3.25 5.24
CA THR A 166 -4.88 -4.68 5.22
C THR A 166 -6.12 -5.50 5.58
N THR A 167 -6.16 -6.73 5.10
CA THR A 167 -7.22 -7.70 5.41
C THR A 167 -7.06 -8.05 6.87
N PRO A 168 -8.10 -7.86 7.70
CA PRO A 168 -8.00 -8.24 9.11
C PRO A 168 -7.53 -9.69 9.25
N SER A 169 -6.60 -9.90 10.16
CA SER A 169 -6.01 -11.24 10.43
C SER A 169 -6.20 -11.50 11.92
N LYS A 170 -6.31 -12.74 12.29
CA LYS A 170 -6.55 -13.13 13.69
C LYS A 170 -5.19 -13.19 14.39
N GLN A 171 -5.04 -12.48 15.51
CA GLN A 171 -3.74 -12.41 16.23
C GLN A 171 -3.74 -13.50 17.32
N SER A 172 -2.70 -13.54 18.17
CA SER A 172 -2.45 -14.57 19.22
C SER A 172 -3.53 -14.56 20.32
N ASN A 173 -4.27 -13.46 20.50
CA ASN A 173 -5.37 -13.36 21.52
C ASN A 173 -6.73 -13.75 20.90
N ASN A 174 -6.70 -14.32 19.70
CA ASN A 174 -7.86 -14.83 18.94
C ASN A 174 -8.75 -13.67 18.49
N LYS A 175 -8.29 -12.43 18.57
CA LYS A 175 -9.02 -11.26 18.02
C LYS A 175 -8.26 -10.70 16.82
N TYR A 176 -8.94 -9.84 16.05
CA TYR A 176 -8.44 -9.35 14.73
C TYR A 176 -7.66 -8.05 14.88
N ALA A 177 -6.74 -7.86 13.94
CA ALA A 177 -5.93 -6.64 13.80
C ALA A 177 -5.74 -6.32 12.32
N ALA A 178 -5.70 -5.03 12.03
CA ALA A 178 -5.46 -4.46 10.69
C ALA A 178 -4.95 -3.05 10.86
N SER A 179 -4.38 -2.52 9.81
CA SER A 179 -3.92 -1.13 9.77
C SER A 179 -4.34 -0.55 8.41
N SER A 180 -4.77 0.68 8.46
CA SER A 180 -4.94 1.53 7.27
C SER A 180 -3.77 2.52 7.22
N TYR A 181 -3.18 2.73 6.05
CA TYR A 181 -2.12 3.73 5.86
C TYR A 181 -2.53 4.66 4.73
N LEU A 182 -2.31 5.96 4.95
CA LEU A 182 -2.60 7.03 3.97
C LEU A 182 -1.25 7.61 3.53
N SER A 183 -0.84 7.37 2.28
CA SER A 183 0.51 7.72 1.79
C SER A 183 0.53 9.18 1.30
N LEU A 184 0.49 10.13 2.24
CA LEU A 184 0.59 11.57 1.91
C LEU A 184 2.02 11.94 1.53
N THR A 185 2.16 13.02 0.73
CA THR A 185 3.42 13.78 0.55
C THR A 185 3.54 14.76 1.71
N PRO A 186 4.80 15.12 2.09
CA PRO A 186 5.01 16.13 3.12
C PRO A 186 4.20 17.42 2.91
N GLU A 187 4.07 17.87 1.65
CA GLU A 187 3.31 19.11 1.31
C GLU A 187 1.84 18.90 1.70
N GLN A 188 1.22 17.79 1.27
CA GLN A 188 -0.20 17.44 1.59
C GLN A 188 -0.36 17.50 3.10
N TRP A 189 0.51 16.81 3.83
CA TRP A 189 0.48 16.68 5.30
C TRP A 189 0.57 18.06 5.95
N LYS A 190 1.59 18.84 5.58
CA LYS A 190 1.90 20.17 6.19
C LYS A 190 0.85 21.23 5.83
N SER A 191 0.16 21.10 4.70
CA SER A 191 -0.71 22.18 4.16
C SER A 191 -2.18 22.03 4.60
N HIS A 192 -2.50 21.00 5.37
CA HIS A 192 -3.89 20.76 5.86
C HIS A 192 -3.90 20.98 7.39
N ARG A 193 -5.05 21.35 7.96
N ARG A 193 -5.04 21.37 7.95
CA ARG A 193 -5.19 21.57 9.42
CA ARG A 193 -5.22 21.57 9.41
C ARG A 193 -5.13 20.21 10.14
C ARG A 193 -5.11 20.21 10.12
N SER A 194 -5.66 19.15 9.53
CA SER A 194 -5.64 17.79 10.12
C SER A 194 -6.05 16.73 9.10
N TYR A 195 -5.84 15.48 9.52
CA TYR A 195 -6.29 14.26 8.84
C TYR A 195 -6.90 13.39 9.94
N SER A 196 -7.92 12.64 9.59
CA SER A 196 -8.71 11.83 10.55
C SER A 196 -8.85 10.43 9.97
N CYS A 197 -8.92 9.45 10.83
CA CYS A 197 -9.14 8.02 10.49
C CYS A 197 -10.44 7.65 11.17
N GLN A 198 -11.45 7.23 10.40
CA GLN A 198 -12.77 6.79 10.95
C GLN A 198 -12.87 5.29 10.81
N VAL A 199 -13.06 4.61 11.95
CA VAL A 199 -13.15 3.12 11.99
C VAL A 199 -14.58 2.74 12.41
N THR A 200 -15.27 1.99 11.53
CA THR A 200 -16.64 1.47 11.73
C THR A 200 -16.55 -0.03 12.05
N HIS A 201 -17.09 -0.43 13.18
CA HIS A 201 -17.15 -1.87 13.56
C HIS A 201 -18.51 -2.14 14.21
N GLU A 202 -19.27 -3.09 13.68
CA GLU A 202 -20.55 -3.50 14.29
C GLU A 202 -21.44 -2.25 14.34
N GLY A 203 -21.50 -1.50 13.23
CA GLY A 203 -22.37 -0.33 13.05
C GLY A 203 -22.01 0.88 13.90
N SER A 204 -20.94 0.85 14.72
CA SER A 204 -20.49 2.01 15.53
C SER A 204 -19.13 2.52 15.02
N THR A 205 -18.98 3.84 14.89
CA THR A 205 -17.78 4.51 14.31
C THR A 205 -17.00 5.24 15.41
N VAL A 206 -15.67 5.08 15.43
CA VAL A 206 -14.68 5.83 16.27
C VAL A 206 -13.81 6.69 15.33
N GLU A 207 -13.52 7.95 15.69
CA GLU A 207 -12.69 8.87 14.87
C GLU A 207 -11.41 9.24 15.64
N LYS A 208 -10.27 9.29 14.94
CA LYS A 208 -9.00 9.86 15.47
C LYS A 208 -8.49 10.92 14.48
N THR A 209 -7.89 11.95 15.03
CA THR A 209 -7.39 13.11 14.27
C THR A 209 -5.95 13.41 14.69
N VAL A 210 -5.10 13.74 13.72
CA VAL A 210 -3.74 14.25 14.01
C VAL A 210 -3.52 15.45 13.10
N ALA A 211 -2.65 16.33 13.54
CA ALA A 211 -2.27 17.56 12.81
C ALA A 211 -0.76 17.73 12.90
N PRO A 212 -0.20 18.47 11.92
CA PRO A 212 1.24 18.74 11.88
C PRO A 212 1.70 19.50 13.12
N THR A 213 2.92 19.18 13.58
CA THR A 213 3.53 19.82 14.77
C THR A 213 4.78 20.58 14.32
N GLU A 214 5.39 21.36 15.22
CA GLU A 214 6.60 22.18 14.94
C GLU A 214 7.85 21.36 15.27
N CYS A 215 7.65 20.15 15.79
CA CYS A 215 8.73 19.20 16.15
C CYS A 215 8.24 17.75 15.93
N SER A 216 9.06 16.93 15.27
CA SER A 216 8.91 15.45 15.16
C SER A 216 10.15 14.76 15.76
N GLN B 1 -28.67 -27.09 -7.58
CA GLN B 1 -27.31 -27.15 -6.93
C GLN B 1 -26.27 -27.62 -7.96
N SER B 2 -26.49 -27.34 -9.25
CA SER B 2 -25.66 -27.81 -10.40
C SER B 2 -24.69 -26.71 -10.83
N ALA B 3 -23.38 -26.98 -10.75
CA ALA B 3 -22.30 -26.00 -11.05
C ALA B 3 -22.00 -26.05 -12.55
N LEU B 4 -21.67 -24.91 -13.13
CA LEU B 4 -20.98 -24.84 -14.44
C LEU B 4 -19.56 -25.35 -14.22
N THR B 5 -18.97 -26.00 -15.21
CA THR B 5 -17.61 -26.57 -15.10
C THR B 5 -16.59 -25.54 -15.59
N GLN B 6 -15.61 -25.27 -14.72
CA GLN B 6 -14.43 -24.41 -14.98
C GLN B 6 -13.23 -25.18 -14.49
N PRO B 7 -12.06 -25.08 -15.15
CA PRO B 7 -10.83 -25.62 -14.58
C PRO B 7 -10.54 -24.89 -13.26
N PRO B 8 -10.05 -25.57 -12.20
CA PRO B 8 -9.78 -24.90 -10.92
C PRO B 8 -8.65 -23.85 -11.03
N SER B 9 -7.77 -23.98 -12.02
CA SER B 9 -6.55 -23.13 -12.13
C SER B 9 -6.15 -22.96 -13.59
N ALA B 10 -5.24 -22.03 -13.82
CA ALA B 10 -4.72 -21.56 -15.12
C ALA B 10 -3.64 -20.53 -14.78
N SER B 11 -2.66 -20.36 -15.66
CA SER B 11 -1.44 -19.57 -15.33
C SER B 11 -0.76 -19.08 -16.59
N GLY B 12 0.00 -17.99 -16.45
CA GLY B 12 0.71 -17.29 -17.52
C GLY B 12 1.63 -16.26 -16.88
N SER B 13 2.72 -15.91 -17.56
CA SER B 13 3.67 -14.84 -17.17
C SER B 13 3.18 -13.51 -17.74
N PRO B 14 3.64 -12.37 -17.21
CA PRO B 14 3.22 -11.07 -17.74
C PRO B 14 3.41 -11.04 -19.26
N GLY B 15 2.40 -10.52 -19.97
CA GLY B 15 2.37 -10.41 -21.43
C GLY B 15 1.78 -11.64 -22.08
N GLN B 16 1.66 -12.77 -21.38
CA GLN B 16 1.04 -14.00 -21.96
C GLN B 16 -0.47 -13.80 -22.03
N SER B 17 -1.14 -14.68 -22.79
CA SER B 17 -2.62 -14.82 -22.85
C SER B 17 -3.01 -16.07 -22.07
N VAL B 18 -4.13 -16.00 -21.36
CA VAL B 18 -4.78 -17.24 -20.84
C VAL B 18 -6.21 -17.27 -21.33
N THR B 19 -6.70 -18.44 -21.72
CA THR B 19 -8.12 -18.72 -22.03
C THR B 19 -8.66 -19.67 -20.97
N ILE B 20 -9.83 -19.37 -20.41
CA ILE B 20 -10.49 -20.28 -19.46
C ILE B 20 -11.91 -20.55 -19.95
N SER B 21 -12.37 -21.76 -19.68
CA SER B 21 -13.58 -22.33 -20.29
C SER B 21 -14.62 -22.53 -19.19
N CYS B 22 -15.88 -22.50 -19.59
CA CYS B 22 -17.06 -22.52 -18.70
C CYS B 22 -18.12 -23.39 -19.37
N THR B 23 -18.18 -24.68 -19.00
CA THR B 23 -19.06 -25.67 -19.67
C THR B 23 -20.41 -25.74 -18.97
N GLY B 24 -21.49 -25.58 -19.73
CA GLY B 24 -22.86 -25.75 -19.21
C GLY B 24 -23.59 -26.90 -19.87
N THR B 25 -24.89 -26.74 -20.06
CA THR B 25 -25.77 -27.59 -20.92
C THR B 25 -26.59 -26.67 -21.82
N SER B 26 -27.31 -27.25 -22.79
CA SER B 26 -28.09 -26.51 -23.82
C SER B 26 -29.17 -25.64 -23.17
N SER B 27 -29.60 -25.92 -21.94
CA SER B 27 -30.67 -25.13 -21.25
C SER B 27 -30.09 -23.95 -20.41
N ASP B 28 -28.76 -23.77 -20.36
CA ASP B 28 -28.12 -22.62 -19.67
C ASP B 28 -27.13 -21.95 -20.63
N VAL B 29 -25.83 -22.29 -20.58
CA VAL B 29 -24.76 -21.62 -21.40
C VAL B 29 -25.13 -21.72 -22.90
N GLY B 30 -25.69 -22.84 -23.35
CA GLY B 30 -26.05 -23.05 -24.78
C GLY B 30 -27.35 -22.35 -25.18
N GLY B 31 -28.24 -22.11 -24.22
CA GLY B 31 -29.64 -21.79 -24.48
C GLY B 31 -29.92 -20.31 -24.70
N SER B 32 -28.93 -19.44 -24.48
CA SER B 32 -29.11 -17.97 -24.59
C SER B 32 -27.78 -17.22 -24.40
N ASP B 33 -27.84 -15.89 -24.51
CA ASP B 33 -26.68 -14.97 -24.53
C ASP B 33 -26.68 -14.19 -23.20
N SER B 34 -26.66 -14.92 -22.10
CA SER B 34 -26.68 -14.39 -20.71
C SER B 34 -25.44 -14.87 -19.94
N VAL B 35 -24.31 -15.14 -20.59
CA VAL B 35 -23.09 -15.57 -19.86
C VAL B 35 -22.42 -14.33 -19.27
N SER B 36 -22.14 -14.38 -17.96
CA SER B 36 -21.32 -13.35 -17.28
C SER B 36 -20.01 -13.95 -16.77
N TRP B 37 -18.98 -13.13 -16.74
CA TRP B 37 -17.69 -13.40 -16.05
C TRP B 37 -17.44 -12.37 -14.97
N TYR B 38 -17.01 -12.84 -13.79
CA TYR B 38 -16.58 -12.01 -12.64
C TYR B 38 -15.12 -12.29 -12.29
N GLN B 39 -14.38 -11.23 -12.05
CA GLN B 39 -13.03 -11.25 -11.42
C GLN B 39 -13.16 -10.95 -9.93
N GLN B 40 -12.57 -11.77 -9.06
CA GLN B 40 -12.56 -11.47 -7.60
C GLN B 40 -11.15 -11.65 -7.02
N HIS B 41 -10.57 -10.59 -6.46
CA HIS B 41 -9.37 -10.72 -5.58
C HIS B 41 -9.81 -11.27 -4.23
N PRO B 42 -9.05 -12.20 -3.60
CA PRO B 42 -9.38 -12.72 -2.27
C PRO B 42 -9.73 -11.64 -1.23
N GLY B 43 -10.82 -11.84 -0.50
CA GLY B 43 -11.32 -10.89 0.50
C GLY B 43 -11.85 -9.59 -0.10
N LYS B 44 -12.00 -9.50 -1.43
CA LYS B 44 -12.57 -8.31 -2.11
C LYS B 44 -13.91 -8.67 -2.78
N ALA B 45 -14.79 -7.67 -2.93
CA ALA B 45 -15.99 -7.73 -3.80
C ALA B 45 -15.56 -8.12 -5.21
N PRO B 46 -16.38 -8.94 -5.92
CA PRO B 46 -16.10 -9.25 -7.31
C PRO B 46 -16.26 -7.99 -8.19
N LYS B 47 -15.70 -8.09 -9.40
CA LYS B 47 -15.94 -7.11 -10.49
C LYS B 47 -16.48 -7.86 -11.70
N LEU B 48 -17.51 -7.29 -12.33
CA LEU B 48 -18.10 -7.77 -13.59
C LEU B 48 -17.18 -7.38 -14.75
N ILE B 49 -16.58 -8.34 -15.43
CA ILE B 49 -15.68 -8.02 -16.56
C ILE B 49 -16.36 -8.36 -17.90
N ILE B 50 -17.29 -9.33 -17.95
CA ILE B 50 -18.05 -9.65 -19.20
C ILE B 50 -19.52 -9.89 -18.87
N TYR B 51 -20.43 -9.36 -19.69
CA TYR B 51 -21.87 -9.75 -19.68
C TYR B 51 -22.34 -10.02 -21.11
N GLU B 52 -23.45 -10.76 -21.24
CA GLU B 52 -24.07 -11.11 -22.54
C GLU B 52 -22.94 -11.72 -23.38
N VAL B 53 -22.20 -12.67 -22.79
CA VAL B 53 -21.12 -13.48 -23.43
C VAL B 53 -19.84 -12.71 -23.82
N SER B 54 -19.94 -11.46 -24.28
CA SER B 54 -18.83 -10.79 -25.01
C SER B 54 -18.74 -9.32 -24.63
N GLN B 55 -19.72 -8.77 -23.91
CA GLN B 55 -19.77 -7.30 -23.71
C GLN B 55 -18.95 -6.88 -22.47
N ARG B 56 -18.04 -5.91 -22.62
CA ARG B 56 -17.24 -5.37 -21.49
C ARG B 56 -17.96 -4.15 -20.94
N PRO B 57 -18.21 -4.09 -19.61
CA PRO B 57 -18.73 -2.86 -19.00
C PRO B 57 -17.69 -1.73 -19.03
N SER B 58 -18.12 -0.48 -18.77
CA SER B 58 -17.23 0.70 -18.75
C SER B 58 -16.09 0.40 -17.77
N GLY B 59 -14.86 0.70 -18.14
CA GLY B 59 -13.67 0.59 -17.28
C GLY B 59 -13.01 -0.78 -17.35
N VAL B 60 -13.52 -1.72 -18.15
CA VAL B 60 -12.82 -3.02 -18.33
C VAL B 60 -11.99 -2.94 -19.60
N PRO B 61 -10.64 -3.05 -19.48
CA PRO B 61 -9.74 -3.13 -20.64
C PRO B 61 -10.17 -4.10 -21.76
N ASN B 62 -9.89 -3.74 -23.02
CA ASN B 62 -10.25 -4.57 -24.20
C ASN B 62 -9.34 -5.83 -24.24
N ARG B 63 -8.40 -5.97 -23.30
CA ARG B 63 -7.59 -7.19 -23.03
C ARG B 63 -8.48 -8.38 -22.61
N PHE B 64 -9.62 -8.11 -22.00
CA PHE B 64 -10.60 -9.15 -21.60
C PHE B 64 -11.63 -9.34 -22.72
N SER B 65 -11.78 -10.56 -23.21
CA SER B 65 -12.72 -10.86 -24.32
C SER B 65 -13.41 -12.18 -24.04
N GLY B 66 -14.72 -12.19 -24.23
CA GLY B 66 -15.60 -13.33 -23.94
C GLY B 66 -16.25 -13.84 -25.20
N SER B 67 -16.40 -15.16 -25.26
CA SER B 67 -16.90 -15.91 -26.43
C SER B 67 -17.76 -17.08 -25.93
N LYS B 68 -18.45 -17.73 -26.86
CA LYS B 68 -19.34 -18.89 -26.59
C LYS B 68 -19.39 -19.74 -27.86
N SER B 69 -19.31 -21.05 -27.69
CA SER B 69 -19.31 -22.06 -28.76
C SER B 69 -20.10 -23.27 -28.23
N GLY B 70 -21.36 -23.40 -28.64
CA GLY B 70 -22.27 -24.46 -28.15
C GLY B 70 -22.60 -24.25 -26.68
N ASN B 71 -22.21 -25.19 -25.81
CA ASN B 71 -22.48 -25.19 -24.36
C ASN B 71 -21.25 -24.74 -23.55
N THR B 72 -20.18 -24.26 -24.20
CA THR B 72 -18.95 -23.74 -23.54
C THR B 72 -18.77 -22.25 -23.83
N ALA B 73 -18.78 -21.42 -22.79
CA ALA B 73 -18.25 -20.04 -22.83
C ALA B 73 -16.74 -20.04 -22.52
N SER B 74 -16.02 -19.09 -23.10
CA SER B 74 -14.58 -18.88 -22.86
C SER B 74 -14.30 -17.41 -22.58
N LEU B 75 -13.40 -17.16 -21.62
CA LEU B 75 -12.80 -15.84 -21.34
C LEU B 75 -11.33 -15.92 -21.73
N THR B 76 -10.86 -14.93 -22.48
CA THR B 76 -9.43 -14.77 -22.82
C THR B 76 -8.93 -13.50 -22.17
N VAL B 77 -7.88 -13.64 -21.37
CA VAL B 77 -7.13 -12.47 -20.85
C VAL B 77 -5.79 -12.47 -21.56
N SER B 78 -5.58 -11.51 -22.45
CA SER B 78 -4.28 -11.30 -23.13
C SER B 78 -3.51 -10.22 -22.38
N GLY B 79 -2.20 -10.14 -22.62
CA GLY B 79 -1.32 -9.14 -21.99
C GLY B 79 -1.48 -9.22 -20.48
N LEU B 80 -1.31 -10.42 -19.92
CA LEU B 80 -1.46 -10.65 -18.46
C LEU B 80 -0.60 -9.65 -17.72
N GLN B 81 -1.19 -9.03 -16.70
CA GLN B 81 -0.59 -8.09 -15.73
C GLN B 81 -0.76 -8.69 -14.32
N ALA B 82 0.04 -8.23 -13.35
CA ALA B 82 -0.04 -8.62 -11.92
C ALA B 82 -1.49 -8.52 -11.43
N GLU B 83 -2.20 -7.42 -11.69
CA GLU B 83 -3.60 -7.19 -11.21
C GLU B 83 -4.57 -8.27 -11.72
N ASP B 84 -4.21 -9.09 -12.70
CA ASP B 84 -5.17 -10.08 -13.27
C ASP B 84 -5.14 -11.37 -12.44
N ASP B 85 -4.15 -11.53 -11.56
CA ASP B 85 -4.04 -12.67 -10.64
C ASP B 85 -5.24 -12.62 -9.69
N ALA B 86 -6.13 -13.60 -9.74
CA ALA B 86 -7.47 -13.55 -9.09
C ALA B 86 -8.27 -14.81 -9.41
N ASP B 87 -9.45 -14.91 -8.80
CA ASP B 87 -10.44 -15.97 -9.08
C ASP B 87 -11.42 -15.42 -10.12
N TYR B 88 -11.69 -16.19 -11.17
CA TYR B 88 -12.63 -15.85 -12.27
C TYR B 88 -13.80 -16.81 -12.23
N TYR B 89 -15.02 -16.27 -12.05
CA TYR B 89 -16.30 -17.02 -12.05
C TYR B 89 -17.09 -16.71 -13.32
N CYS B 90 -17.66 -17.74 -13.93
CA CYS B 90 -18.71 -17.53 -14.96
C CYS B 90 -20.06 -17.87 -14.35
N SER B 91 -21.10 -17.30 -14.93
CA SER B 91 -22.51 -17.57 -14.57
C SER B 91 -23.33 -17.56 -15.86
N SER B 92 -24.44 -18.28 -15.87
CA SER B 92 -25.44 -18.28 -16.97
C SER B 92 -26.83 -18.37 -16.34
N TYR B 93 -27.74 -17.51 -16.78
CA TYR B 93 -29.19 -17.72 -16.59
C TYR B 93 -29.54 -19.04 -17.31
N GLY B 94 -30.52 -19.77 -16.77
CA GLY B 94 -31.09 -20.98 -17.38
C GLY B 94 -32.57 -20.78 -17.62
N GLY B 95 -33.33 -21.87 -17.75
CA GLY B 95 -34.78 -21.84 -17.61
C GLY B 95 -35.13 -21.78 -16.13
N ASP B 96 -36.34 -21.35 -15.80
CA ASP B 96 -36.96 -21.58 -14.46
C ASP B 96 -36.36 -20.61 -13.42
N ASN B 97 -35.96 -19.41 -13.86
CA ASN B 97 -35.40 -18.31 -13.01
C ASN B 97 -34.07 -18.72 -12.36
N ASN B 98 -33.47 -19.84 -12.79
CA ASN B 98 -32.19 -20.39 -12.31
C ASN B 98 -31.03 -19.48 -12.73
N LEU B 99 -30.09 -19.23 -11.83
CA LEU B 99 -28.75 -18.68 -12.20
C LEU B 99 -27.71 -19.73 -11.82
N PHE B 100 -26.89 -20.13 -12.77
CA PHE B 100 -25.84 -21.14 -12.56
C PHE B 100 -24.51 -20.39 -12.43
N PHE B 101 -23.69 -20.80 -11.47
CA PHE B 101 -22.32 -20.29 -11.29
C PHE B 101 -21.35 -21.44 -11.56
N GLY B 102 -20.20 -21.11 -12.15
CA GLY B 102 -19.05 -22.02 -12.19
C GLY B 102 -18.35 -22.09 -10.85
N GLY B 103 -17.46 -23.07 -10.69
CA GLY B 103 -16.68 -23.29 -9.46
C GLY B 103 -15.57 -22.27 -9.29
N GLY B 104 -15.18 -21.54 -10.34
CA GLY B 104 -14.11 -20.53 -10.25
C GLY B 104 -12.81 -21.08 -10.80
N THR B 105 -12.08 -20.26 -11.53
CA THR B 105 -10.70 -20.54 -11.97
C THR B 105 -9.78 -19.54 -11.26
N LYS B 106 -8.79 -20.05 -10.53
CA LYS B 106 -7.69 -19.25 -9.97
C LYS B 106 -6.66 -19.05 -11.08
N VAL B 107 -6.61 -17.83 -11.63
CA VAL B 107 -5.51 -17.40 -12.56
C VAL B 107 -4.30 -16.90 -11.73
N THR B 108 -3.17 -17.57 -11.91
CA THR B 108 -1.85 -17.20 -11.32
C THR B 108 -1.02 -16.48 -12.39
N VAL B 109 -0.51 -15.32 -12.06
CA VAL B 109 0.47 -14.58 -12.91
C VAL B 109 1.86 -14.92 -12.38
N LEU B 110 2.52 -15.84 -13.06
CA LEU B 110 3.84 -16.40 -12.66
C LEU B 110 4.90 -15.32 -12.74
N GLY B 111 6.00 -15.53 -12.03
CA GLY B 111 7.22 -14.70 -12.09
C GLY B 111 6.96 -13.22 -11.92
N GLN B 112 6.15 -12.81 -10.95
CA GLN B 112 5.98 -11.37 -10.59
C GLN B 112 7.28 -10.85 -9.98
N PRO B 113 7.61 -9.56 -10.11
CA PRO B 113 8.91 -9.07 -9.66
C PRO B 113 9.08 -9.11 -8.13
N LYS B 114 10.20 -9.67 -7.65
CA LYS B 114 10.58 -9.59 -6.22
C LYS B 114 10.74 -8.11 -5.83
N ALA B 115 10.29 -7.78 -4.62
CA ALA B 115 10.38 -6.39 -4.09
C ALA B 115 10.67 -6.46 -2.58
N ALA B 116 11.72 -5.75 -2.17
CA ALA B 116 12.06 -5.48 -0.76
C ALA B 116 11.01 -4.57 -0.13
N PRO B 117 10.73 -4.78 1.16
CA PRO B 117 9.77 -3.96 1.88
C PRO B 117 10.22 -2.52 2.16
N SER B 118 9.27 -1.59 2.04
CA SER B 118 9.35 -0.25 2.64
C SER B 118 8.98 -0.42 4.11
N VAL B 119 9.86 0.02 5.00
CA VAL B 119 9.67 -0.15 6.47
C VAL B 119 9.63 1.24 7.11
N THR B 120 8.56 1.55 7.81
CA THR B 120 8.42 2.81 8.56
C THR B 120 8.05 2.46 10.01
N LEU B 121 8.86 2.93 10.97
CA LEU B 121 8.65 2.70 12.41
C LEU B 121 8.06 3.98 13.00
N PHE B 122 6.96 3.87 13.71
CA PHE B 122 6.29 5.05 14.30
C PHE B 122 6.48 4.97 15.81
N PRO B 123 7.00 6.04 16.46
CA PRO B 123 7.10 6.08 17.92
C PRO B 123 5.68 6.27 18.41
N PRO B 124 5.41 6.22 19.73
CA PRO B 124 4.05 6.35 20.23
C PRO B 124 3.44 7.75 19.99
N SER B 125 2.14 7.82 19.69
CA SER B 125 1.46 9.09 19.36
C SER B 125 1.17 9.83 20.68
N SER B 126 1.20 11.16 20.66
CA SER B 126 0.90 12.00 21.86
C SER B 126 -0.40 11.54 22.53
N GLU B 127 -1.44 11.26 21.73
CA GLU B 127 -2.79 10.86 22.22
C GLU B 127 -2.70 9.56 23.02
N GLU B 128 -2.02 8.50 22.55
CA GLU B 128 -2.04 7.19 23.29
C GLU B 128 -1.20 7.36 24.56
N LEU B 129 -0.12 8.15 24.52
CA LEU B 129 0.73 8.47 25.70
C LEU B 129 -0.17 9.14 26.77
N GLN B 130 -1.02 10.09 26.37
CA GLN B 130 -2.02 10.74 27.27
C GLN B 130 -3.00 9.69 27.82
N ALA B 131 -3.28 8.60 27.08
CA ALA B 131 -4.14 7.48 27.54
C ALA B 131 -3.32 6.35 28.16
N ASN B 132 -2.09 6.62 28.61
CA ASN B 132 -1.23 5.65 29.34
C ASN B 132 -0.93 4.40 28.47
N LYS B 133 -0.74 4.58 27.16
CA LYS B 133 -0.27 3.51 26.23
C LYS B 133 0.87 4.04 25.37
N ALA B 134 1.75 3.15 24.93
CA ALA B 134 2.95 3.52 24.14
C ALA B 134 3.23 2.44 23.10
N THR B 135 2.19 1.93 22.45
CA THR B 135 2.27 0.99 21.30
C THR B 135 3.07 1.65 20.17
N LEU B 136 4.04 0.91 19.65
CA LEU B 136 4.78 1.34 18.42
C LEU B 136 4.20 0.52 17.27
N VAL B 137 4.24 1.08 16.06
N VAL B 137 4.21 1.08 16.06
CA VAL B 137 3.82 0.35 14.82
CA VAL B 137 3.80 0.31 14.84
C VAL B 137 4.97 0.41 13.83
C VAL B 137 4.94 0.39 13.83
N CYS B 138 5.30 -0.76 13.29
CA CYS B 138 6.26 -0.93 12.19
C CYS B 138 5.44 -1.30 10.95
N LEU B 139 5.24 -0.35 10.01
CA LEU B 139 4.52 -0.53 8.72
C LEU B 139 5.47 -1.11 7.68
N ILE B 140 5.11 -2.26 7.13
CA ILE B 140 5.91 -3.04 6.16
C ILE B 140 5.05 -3.12 4.89
N SER B 141 5.45 -2.45 3.80
CA SER B 141 4.63 -2.34 2.57
C SER B 141 5.49 -2.57 1.32
N ASP B 142 4.83 -2.83 0.19
CA ASP B 142 5.43 -2.79 -1.17
C ASP B 142 6.33 -4.00 -1.34
N PHE B 143 6.03 -5.12 -0.69
CA PHE B 143 6.95 -6.29 -0.76
C PHE B 143 6.30 -7.44 -1.54
N TYR B 144 7.17 -8.23 -2.20
CA TYR B 144 6.75 -9.45 -2.92
C TYR B 144 7.90 -10.46 -2.94
N PRO B 145 7.67 -11.75 -2.65
CA PRO B 145 6.37 -12.30 -2.27
C PRO B 145 5.95 -11.97 -0.83
N GLY B 146 4.84 -12.57 -0.37
CA GLY B 146 4.01 -12.10 0.77
C GLY B 146 4.38 -12.75 2.09
N ALA B 147 5.68 -12.88 2.36
CA ALA B 147 6.24 -13.58 3.53
C ALA B 147 7.38 -12.73 4.10
N VAL B 148 7.31 -12.36 5.37
CA VAL B 148 8.36 -11.60 6.10
C VAL B 148 8.45 -12.17 7.50
N THR B 149 9.58 -11.95 8.16
CA THR B 149 9.71 -12.17 9.62
C THR B 149 10.14 -10.85 10.26
N VAL B 150 9.65 -10.62 11.46
CA VAL B 150 9.92 -9.39 12.24
C VAL B 150 10.52 -9.78 13.58
N ALA B 151 11.59 -9.09 13.95
CA ALA B 151 12.11 -9.06 15.33
C ALA B 151 12.13 -7.60 15.81
N TRP B 152 11.86 -7.39 17.10
CA TRP B 152 12.02 -6.08 17.76
C TRP B 152 13.21 -6.13 18.71
N LYS B 153 13.80 -4.98 18.90
CA LYS B 153 14.92 -4.73 19.86
C LYS B 153 14.55 -3.60 20.82
N ALA B 154 14.89 -3.77 22.10
CA ALA B 154 14.87 -2.75 23.16
C ALA B 154 16.32 -2.37 23.43
N ASP B 155 16.69 -1.12 23.13
CA ASP B 155 18.14 -0.79 22.94
C ASP B 155 18.72 -1.85 22.00
N SER B 156 19.74 -2.63 22.39
CA SER B 156 20.34 -3.65 21.50
C SER B 156 19.79 -5.04 21.81
N SER B 157 18.87 -5.16 22.77
CA SER B 157 18.44 -6.51 23.22
C SER B 157 17.19 -6.98 22.48
N PRO B 158 17.04 -8.28 22.20
CA PRO B 158 15.77 -8.81 21.71
C PRO B 158 14.59 -8.58 22.65
N VAL B 159 13.45 -8.13 22.09
CA VAL B 159 12.13 -8.01 22.77
C VAL B 159 11.37 -9.30 22.48
N LYS B 160 10.96 -10.02 23.52
CA LYS B 160 10.37 -11.37 23.39
C LYS B 160 8.85 -11.30 23.60
N ALA B 161 8.34 -10.20 24.18
CA ALA B 161 6.95 -10.08 24.63
C ALA B 161 6.30 -8.83 24.01
N GLY B 162 4.99 -8.92 23.74
CA GLY B 162 4.10 -7.79 23.42
C GLY B 162 4.08 -7.53 21.92
N VAL B 163 4.61 -8.48 21.13
CA VAL B 163 4.77 -8.39 19.66
C VAL B 163 3.54 -9.02 18.98
N GLU B 164 2.93 -8.31 18.04
CA GLU B 164 1.95 -8.90 17.09
C GLU B 164 2.32 -8.46 15.69
N THR B 165 2.27 -9.37 14.72
CA THR B 165 2.44 -8.98 13.31
C THR B 165 1.25 -9.51 12.49
N THR B 166 0.62 -8.65 11.71
CA THR B 166 -0.55 -9.04 10.89
C THR B 166 -0.07 -9.95 9.74
N THR B 167 -0.95 -10.84 9.31
CA THR B 167 -0.81 -11.67 8.08
C THR B 167 -0.70 -10.73 6.90
N PRO B 168 0.40 -10.75 6.11
CA PRO B 168 0.53 -9.87 4.97
C PRO B 168 -0.64 -10.06 4.00
N SER B 169 -1.18 -8.94 3.51
CA SER B 169 -2.28 -8.94 2.53
C SER B 169 -1.87 -8.10 1.32
N LYS B 170 -2.31 -8.57 0.15
CA LYS B 170 -2.01 -7.97 -1.16
C LYS B 170 -2.83 -6.69 -1.28
N GLN B 171 -2.17 -5.60 -1.63
CA GLN B 171 -2.78 -4.25 -1.68
C GLN B 171 -3.04 -3.91 -3.15
N SER B 172 -3.56 -2.70 -3.40
CA SER B 172 -4.02 -2.23 -4.72
C SER B 172 -2.85 -2.22 -5.71
N ASN B 173 -1.62 -2.10 -5.22
CA ASN B 173 -0.40 -2.03 -6.06
C ASN B 173 0.13 -3.46 -6.34
N ASN B 174 -0.65 -4.48 -5.99
CA ASN B 174 -0.35 -5.90 -6.23
C ASN B 174 0.84 -6.35 -5.36
N LYS B 175 1.23 -5.56 -4.37
CA LYS B 175 2.32 -5.91 -3.41
C LYS B 175 1.74 -6.00 -2.00
N TYR B 176 2.41 -6.73 -1.12
CA TYR B 176 1.95 -7.08 0.24
C TYR B 176 2.24 -5.95 1.24
N ALA B 177 1.37 -5.87 2.24
CA ALA B 177 1.50 -4.96 3.39
C ALA B 177 1.20 -5.75 4.66
N ALA B 178 1.89 -5.39 5.73
CA ALA B 178 1.59 -5.88 7.08
C ALA B 178 2.07 -4.86 8.08
N SER B 179 1.57 -4.99 9.28
CA SER B 179 2.02 -4.16 10.40
C SER B 179 2.50 -5.05 11.54
N SER B 180 3.59 -4.67 12.18
CA SER B 180 3.99 -5.27 13.46
C SER B 180 3.84 -4.22 14.53
N TYR B 181 3.24 -4.57 15.67
CA TYR B 181 2.98 -3.58 16.73
C TYR B 181 3.52 -4.13 18.04
N LEU B 182 4.13 -3.24 18.81
CA LEU B 182 4.78 -3.57 20.09
C LEU B 182 4.05 -2.80 21.19
N SER B 183 3.34 -3.50 22.06
CA SER B 183 2.45 -2.88 23.08
C SER B 183 3.22 -2.59 24.36
N LEU B 184 3.95 -1.48 24.40
CA LEU B 184 4.73 -1.03 25.58
C LEU B 184 3.85 -0.16 26.50
N THR B 185 4.24 -0.05 27.77
CA THR B 185 3.78 1.00 28.70
C THR B 185 4.61 2.25 28.45
N PRO B 186 4.09 3.45 28.80
CA PRO B 186 4.88 4.67 28.75
C PRO B 186 6.23 4.55 29.50
N GLU B 187 6.24 3.88 30.65
CA GLU B 187 7.45 3.60 31.47
C GLU B 187 8.49 2.85 30.63
N GLN B 188 8.10 1.73 30.01
CA GLN B 188 9.02 0.92 29.16
C GLN B 188 9.57 1.78 28.01
N TRP B 189 8.69 2.47 27.28
CA TRP B 189 9.11 3.43 26.22
C TRP B 189 10.16 4.42 26.77
N LYS B 190 9.86 5.10 27.88
CA LYS B 190 10.69 6.24 28.37
C LYS B 190 11.97 5.76 29.05
N SER B 191 12.02 4.53 29.55
CA SER B 191 13.18 3.97 30.28
C SER B 191 14.27 3.50 29.30
N HIS B 192 13.95 3.21 28.05
CA HIS B 192 14.97 2.72 27.09
C HIS B 192 15.50 3.88 26.24
N ARG B 193 16.66 3.70 25.61
CA ARG B 193 17.23 4.76 24.72
C ARG B 193 16.59 4.69 23.33
N SER B 194 16.18 3.50 22.90
CA SER B 194 15.57 3.27 21.56
C SER B 194 14.81 1.95 21.52
N TYR B 195 13.92 1.83 20.54
CA TYR B 195 13.34 0.55 20.06
C TYR B 195 13.59 0.43 18.57
N SER B 196 13.73 -0.82 18.11
CA SER B 196 14.02 -1.10 16.68
C SER B 196 13.15 -2.23 16.15
N CYS B 197 12.75 -2.10 14.90
CA CYS B 197 11.98 -3.12 14.17
C CYS B 197 12.89 -3.65 13.07
N GLN B 198 13.24 -4.94 13.10
CA GLN B 198 14.09 -5.60 12.07
C GLN B 198 13.18 -6.45 11.17
N VAL B 199 13.15 -6.18 9.87
CA VAL B 199 12.31 -6.92 8.90
C VAL B 199 13.22 -7.70 7.92
N THR B 200 12.99 -9.01 7.88
CA THR B 200 13.66 -10.01 7.01
C THR B 200 12.68 -10.38 5.89
N HIS B 201 13.08 -10.13 4.65
CA HIS B 201 12.38 -10.56 3.40
C HIS B 201 13.42 -11.14 2.43
N GLU B 202 13.26 -12.42 2.07
CA GLU B 202 14.14 -13.13 1.10
C GLU B 202 15.60 -13.06 1.56
N GLY B 203 15.89 -13.38 2.82
CA GLY B 203 17.24 -13.33 3.42
C GLY B 203 17.95 -11.97 3.32
N SER B 204 17.21 -10.86 3.12
CA SER B 204 17.69 -9.45 3.21
C SER B 204 16.96 -8.76 4.38
N THR B 205 17.68 -7.97 5.19
CA THR B 205 17.19 -7.43 6.49
C THR B 205 17.29 -5.91 6.47
N VAL B 206 16.19 -5.26 6.87
CA VAL B 206 16.01 -3.78 7.01
C VAL B 206 15.69 -3.55 8.49
N GLU B 207 16.44 -2.71 9.18
CA GLU B 207 16.08 -2.30 10.56
C GLU B 207 15.81 -0.79 10.63
N LYS B 208 14.80 -0.40 11.39
CA LYS B 208 14.48 1.00 11.72
C LYS B 208 14.53 1.13 13.25
N THR B 209 14.93 2.30 13.73
CA THR B 209 15.18 2.63 15.16
C THR B 209 14.46 3.95 15.46
N VAL B 210 13.63 3.97 16.49
CA VAL B 210 13.03 5.22 17.05
C VAL B 210 13.41 5.38 18.51
N ALA B 211 13.40 6.63 18.98
CA ALA B 211 13.91 7.00 20.33
C ALA B 211 12.92 8.00 20.93
N PRO B 212 12.66 7.97 22.25
CA PRO B 212 11.77 8.95 22.86
C PRO B 212 12.12 10.39 22.43
N THR B 213 11.13 11.09 21.86
CA THR B 213 11.30 12.39 21.16
C THR B 213 11.81 13.43 22.17
N GLU B 214 12.35 14.54 21.68
CA GLU B 214 12.92 15.63 22.51
C GLU B 214 12.11 16.92 22.30
N CYS B 215 10.81 16.79 22.04
CA CYS B 215 9.91 17.91 21.64
C CYS B 215 9.03 18.32 22.83
N SER C 2 49.52 8.89 19.60
CA SER C 2 49.62 8.76 21.10
C SER C 2 50.92 8.03 21.47
N ALA C 3 51.51 8.32 22.63
CA ALA C 3 52.68 7.61 23.18
C ALA C 3 52.24 6.22 23.70
N LEU C 4 51.14 6.15 24.47
CA LEU C 4 50.47 4.89 24.90
C LEU C 4 49.35 4.53 23.91
N THR C 5 49.19 3.24 23.66
CA THR C 5 48.18 2.69 22.75
C THR C 5 46.94 2.17 23.49
N GLN C 6 45.80 2.76 23.17
CA GLN C 6 44.44 2.35 23.61
C GLN C 6 43.64 2.02 22.36
N PRO C 7 42.72 1.01 22.40
CA PRO C 7 41.82 0.76 21.28
C PRO C 7 40.92 2.00 21.23
N PRO C 8 40.55 2.49 20.03
CA PRO C 8 39.80 3.74 19.92
C PRO C 8 38.38 3.63 20.48
N SER C 9 37.84 2.41 20.56
CA SER C 9 36.41 2.21 20.94
C SER C 9 36.25 0.86 21.66
N ALA C 10 35.28 0.79 22.57
CA ALA C 10 34.75 -0.47 23.12
C ALA C 10 33.25 -0.26 23.37
N SER C 11 32.47 -1.32 23.46
CA SER C 11 31.02 -1.20 23.76
C SER C 11 30.53 -2.41 24.54
N GLY C 12 29.42 -2.22 25.23
CA GLY C 12 28.64 -3.34 25.77
C GLY C 12 27.24 -2.86 26.05
N SER C 13 26.33 -3.77 26.31
CA SER C 13 24.95 -3.42 26.68
C SER C 13 24.91 -3.20 28.19
N PRO C 14 23.87 -2.52 28.75
CA PRO C 14 23.75 -2.40 30.20
C PRO C 14 23.97 -3.72 30.94
N GLY C 15 24.70 -3.68 32.06
CA GLY C 15 24.97 -4.87 32.89
C GLY C 15 26.11 -5.69 32.36
N GLN C 16 26.58 -5.48 31.13
CA GLN C 16 27.75 -6.24 30.62
C GLN C 16 29.05 -5.68 31.23
N SER C 17 30.16 -6.35 30.97
CA SER C 17 31.50 -5.87 31.34
C SER C 17 32.29 -5.50 30.08
N VAL C 18 33.22 -4.58 30.22
CA VAL C 18 34.09 -4.15 29.11
C VAL C 18 35.49 -3.97 29.71
N THR C 19 36.52 -4.45 29.01
CA THR C 19 37.94 -4.35 29.38
C THR C 19 38.63 -3.56 28.28
N ILE C 20 39.31 -2.49 28.65
CA ILE C 20 40.03 -1.63 27.69
C ILE C 20 41.50 -1.63 28.13
N SER C 21 42.40 -1.66 27.17
CA SER C 21 43.84 -1.87 27.39
C SER C 21 44.57 -0.55 27.13
N CYS C 22 45.75 -0.41 27.73
CA CYS C 22 46.63 0.76 27.63
C CYS C 22 48.09 0.27 27.57
N THR C 23 48.66 0.13 26.37
CA THR C 23 49.99 -0.48 26.14
C THR C 23 51.02 0.64 25.94
N GLY C 24 52.11 0.58 26.71
CA GLY C 24 53.33 1.38 26.50
C GLY C 24 54.57 0.49 26.37
N THR C 25 55.69 0.90 26.93
CA THR C 25 56.98 0.17 26.89
C THR C 25 57.46 -0.09 28.32
N SER C 26 58.64 -0.71 28.46
CA SER C 26 59.26 -1.06 29.78
C SER C 26 59.58 0.21 30.57
N SER C 27 59.83 1.33 29.87
CA SER C 27 60.24 2.63 30.46
C SER C 27 59.04 3.49 30.87
N ASP C 28 57.79 3.10 30.58
CA ASP C 28 56.60 3.86 31.07
C ASP C 28 55.66 2.90 31.77
N VAL C 29 54.72 2.24 31.05
CA VAL C 29 53.69 1.35 31.66
C VAL C 29 54.37 0.15 32.36
N GLY C 30 55.42 -0.42 31.76
CA GLY C 30 56.10 -1.63 32.26
C GLY C 30 57.13 -1.34 33.33
N GLY C 31 57.42 -0.06 33.59
CA GLY C 31 58.57 0.39 34.40
C GLY C 31 58.22 0.68 35.84
N SER C 32 56.93 0.83 36.17
CA SER C 32 56.46 1.29 37.51
C SER C 32 54.93 1.16 37.61
N ASP C 33 54.37 1.40 38.80
CA ASP C 33 52.92 1.19 39.10
C ASP C 33 52.24 2.56 39.10
N SER C 34 52.40 3.31 38.02
CA SER C 34 52.07 4.76 37.95
C SER C 34 51.04 5.02 36.84
N VAL C 35 50.27 3.98 36.48
CA VAL C 35 49.16 4.07 35.49
C VAL C 35 47.95 4.75 36.16
N SER C 36 47.41 5.76 35.51
CA SER C 36 46.13 6.42 35.92
C SER C 36 45.11 6.26 34.78
N TRP C 37 43.81 6.26 35.09
CA TRP C 37 42.67 6.20 34.15
C TRP C 37 41.73 7.37 34.44
N TYR C 38 41.34 8.12 33.41
CA TYR C 38 40.46 9.30 33.55
C TYR C 38 39.23 9.02 32.67
N GLN C 39 38.09 9.46 33.17
CA GLN C 39 36.76 9.36 32.53
C GLN C 39 36.36 10.77 32.18
N GLN C 40 35.93 10.97 30.93
CA GLN C 40 35.39 12.27 30.52
C GLN C 40 34.09 12.06 29.75
N HIS C 41 33.01 12.60 30.29
CA HIS C 41 31.74 12.79 29.55
C HIS C 41 31.98 13.96 28.61
N PRO C 42 31.65 13.85 27.30
CA PRO C 42 32.03 14.88 26.33
C PRO C 42 31.53 16.30 26.73
N GLY C 43 32.42 17.29 26.64
CA GLY C 43 32.14 18.70 26.97
C GLY C 43 32.17 18.97 28.47
N LYS C 44 32.53 17.97 29.29
CA LYS C 44 32.62 18.10 30.76
C LYS C 44 34.06 17.87 31.21
N ALA C 45 34.41 18.45 32.35
CA ALA C 45 35.68 18.19 33.08
C ALA C 45 35.90 16.69 33.21
N PRO C 46 37.11 16.15 32.97
CA PRO C 46 37.35 14.73 33.22
C PRO C 46 37.44 14.43 34.73
N LYS C 47 37.59 13.17 35.08
CA LYS C 47 37.62 12.76 36.50
C LYS C 47 38.63 11.64 36.61
N LEU C 48 39.53 11.73 37.59
CA LEU C 48 40.46 10.61 37.88
C LEU C 48 39.62 9.45 38.42
N ILE C 49 39.81 8.22 37.94
CA ILE C 49 38.99 7.07 38.43
C ILE C 49 39.90 5.94 38.92
N ILE C 50 41.13 5.86 38.40
CA ILE C 50 42.17 4.92 38.91
C ILE C 50 43.51 5.68 38.98
N TYR C 51 44.28 5.46 40.05
CA TYR C 51 45.71 5.84 40.15
C TYR C 51 46.51 4.61 40.59
N GLU C 52 47.81 4.63 40.34
CA GLU C 52 48.74 3.56 40.76
C GLU C 52 48.17 2.20 40.33
N VAL C 53 47.72 2.10 39.07
CA VAL C 53 47.27 0.85 38.38
C VAL C 53 45.89 0.43 38.88
N SER C 54 45.72 0.32 40.21
CA SER C 54 44.60 -0.45 40.84
C SER C 54 43.77 0.39 41.82
N GLN C 55 44.18 1.59 42.21
CA GLN C 55 43.59 2.38 43.32
C GLN C 55 42.45 3.28 42.82
N ARG C 56 41.31 3.23 43.52
N ARG C 56 41.31 3.24 43.52
CA ARG C 56 40.09 4.02 43.22
CA ARG C 56 40.08 4.02 43.19
C ARG C 56 40.08 5.26 44.10
C ARG C 56 40.04 5.25 44.08
N PRO C 57 39.99 6.48 43.54
CA PRO C 57 39.72 7.67 44.35
C PRO C 57 38.45 7.49 45.17
N SER C 58 38.24 8.34 46.16
CA SER C 58 37.00 8.40 46.97
C SER C 58 35.80 8.50 46.04
N GLY C 59 34.75 7.70 46.22
CA GLY C 59 33.46 7.92 45.53
C GLY C 59 33.43 7.45 44.09
N VAL C 60 34.47 6.70 43.65
CA VAL C 60 34.46 5.83 42.44
C VAL C 60 34.01 4.44 42.88
N PRO C 61 32.94 3.86 42.30
CA PRO C 61 32.41 2.59 42.79
C PRO C 61 33.32 1.46 42.32
N ASN C 62 33.23 0.28 42.92
CA ASN C 62 34.21 -0.81 42.74
C ASN C 62 33.88 -1.62 41.49
N ARG C 63 32.90 -1.15 40.71
CA ARG C 63 32.62 -1.63 39.33
C ARG C 63 33.87 -1.40 38.48
N PHE C 64 34.62 -0.33 38.75
CA PHE C 64 35.89 0.05 38.07
C PHE C 64 37.09 -0.59 38.76
N SER C 65 37.87 -1.37 38.03
CA SER C 65 39.12 -1.94 38.57
C SER C 65 40.21 -1.82 37.52
N GLY C 66 41.45 -1.64 37.97
CA GLY C 66 42.63 -1.53 37.11
C GLY C 66 43.64 -2.62 37.43
N SER C 67 44.27 -3.17 36.40
CA SER C 67 45.33 -4.19 36.50
C SER C 67 46.42 -3.81 35.51
N LYS C 68 47.53 -4.54 35.57
CA LYS C 68 48.62 -4.44 34.59
C LYS C 68 49.35 -5.79 34.54
N SER C 69 49.77 -6.17 33.34
CA SER C 69 50.71 -7.28 33.07
C SER C 69 51.73 -6.75 32.06
N GLY C 70 53.01 -6.77 32.41
CA GLY C 70 54.08 -6.30 31.52
C GLY C 70 53.87 -4.85 31.11
N ASN C 71 53.81 -4.60 29.80
CA ASN C 71 53.77 -3.23 29.21
C ASN C 71 52.31 -2.80 28.95
N THR C 72 51.33 -3.48 29.54
CA THR C 72 49.87 -3.27 29.28
C THR C 72 49.12 -3.15 30.61
N ALA C 73 48.53 -1.98 30.90
CA ALA C 73 47.48 -1.77 31.92
C ALA C 73 46.06 -1.96 31.30
N SER C 74 45.11 -2.39 32.12
CA SER C 74 43.71 -2.70 31.73
C SER C 74 42.74 -2.10 32.75
N LEU C 75 41.70 -1.47 32.25
CA LEU C 75 40.57 -1.01 33.07
C LEU C 75 39.40 -1.93 32.75
N THR C 76 38.79 -2.53 33.76
CA THR C 76 37.53 -3.31 33.62
C THR C 76 36.42 -2.47 34.25
N VAL C 77 35.33 -2.27 33.51
CA VAL C 77 34.05 -1.69 34.01
C VAL C 77 33.01 -2.81 33.99
N SER C 78 32.63 -3.24 35.18
CA SER C 78 31.57 -4.27 35.39
C SER C 78 30.22 -3.57 35.57
N GLY C 79 29.13 -4.28 35.26
CA GLY C 79 27.77 -3.77 35.42
C GLY C 79 27.62 -2.44 34.72
N LEU C 80 27.93 -2.40 33.43
CA LEU C 80 27.90 -1.13 32.67
C LEU C 80 26.56 -0.45 32.94
N GLN C 81 26.61 0.81 33.30
CA GLN C 81 25.46 1.73 33.48
C GLN C 81 25.51 2.80 32.40
N ALA C 82 24.38 3.48 32.19
CA ALA C 82 24.23 4.59 31.23
C ALA C 82 25.38 5.58 31.45
N GLU C 83 25.60 5.99 32.70
CA GLU C 83 26.61 7.02 33.08
C GLU C 83 28.05 6.55 32.80
N ASP C 84 28.27 5.29 32.46
CA ASP C 84 29.63 4.79 32.15
C ASP C 84 29.98 5.20 30.72
N ASP C 85 29.00 5.65 29.97
CA ASP C 85 29.17 6.02 28.55
C ASP C 85 30.02 7.29 28.52
N ALA C 86 31.25 7.21 28.04
CA ALA C 86 32.21 8.33 28.16
C ALA C 86 33.52 7.97 27.46
N ASP C 87 34.47 8.91 27.41
CA ASP C 87 35.84 8.65 26.89
C ASP C 87 36.73 8.29 28.08
N TYR C 88 37.58 7.27 27.93
CA TYR C 88 38.55 6.88 28.97
C TYR C 88 39.97 7.07 28.46
N TYR C 89 40.78 7.79 29.23
CA TYR C 89 42.22 8.04 28.99
C TYR C 89 43.09 7.35 30.05
N CYS C 90 44.18 6.71 29.62
CA CYS C 90 45.21 6.23 30.58
C CYS C 90 46.43 7.15 30.52
N SER C 91 47.21 7.17 31.60
CA SER C 91 48.52 7.85 31.65
C SER C 91 49.49 6.99 32.44
N SER C 92 50.77 7.21 32.23
CA SER C 92 51.86 6.53 33.00
C SER C 92 53.02 7.51 33.13
N TYR C 93 53.64 7.60 34.30
CA TYR C 93 54.97 8.27 34.38
C TYR C 93 55.95 7.41 33.59
N GLY C 94 56.91 8.06 32.95
CA GLY C 94 58.06 7.40 32.30
C GLY C 94 59.35 7.64 33.06
N GLY C 95 60.49 7.41 32.39
CA GLY C 95 61.85 7.48 32.96
C GLY C 95 62.33 8.85 33.42
N ASP C 96 62.11 9.89 32.63
CA ASP C 96 62.58 11.27 32.92
C ASP C 96 61.42 11.85 33.73
N ASN C 97 60.80 11.01 34.57
CA ASN C 97 59.52 11.34 35.25
C ASN C 97 58.67 12.20 34.28
N ASN C 98 58.63 11.83 32.99
CA ASN C 98 57.72 12.42 31.96
C ASN C 98 56.34 11.78 32.12
N LEU C 99 55.27 12.49 31.79
CA LEU C 99 53.89 11.94 31.83
C LEU C 99 53.49 11.59 30.40
N PHE C 100 53.20 10.31 30.15
CA PHE C 100 52.74 9.77 28.84
C PHE C 100 51.23 9.52 28.86
N PHE C 101 50.54 9.79 27.74
CA PHE C 101 49.07 9.59 27.57
C PHE C 101 48.73 8.63 26.42
N GLY C 102 47.69 7.81 26.65
CA GLY C 102 47.01 7.05 25.60
C GLY C 102 46.04 7.94 24.82
N GLY C 103 45.57 7.46 23.67
CA GLY C 103 44.78 8.24 22.70
C GLY C 103 43.33 8.32 23.12
N GLY C 104 42.91 7.53 24.11
CA GLY C 104 41.52 7.58 24.60
C GLY C 104 40.68 6.48 23.99
N THR C 105 39.78 5.89 24.77
CA THR C 105 38.83 4.86 24.30
C THR C 105 37.41 5.37 24.50
N LYS C 106 36.64 5.47 23.42
CA LYS C 106 35.20 5.84 23.49
C LYS C 106 34.43 4.59 23.92
N VAL C 107 33.89 4.56 25.13
CA VAL C 107 33.13 3.36 25.62
C VAL C 107 31.63 3.66 25.40
N THR C 108 30.97 2.89 24.56
CA THR C 108 29.52 3.11 24.35
C THR C 108 28.75 2.05 25.11
N VAL C 109 27.78 2.48 25.87
CA VAL C 109 26.74 1.57 26.38
C VAL C 109 25.61 1.55 25.35
N LEU C 110 25.46 0.42 24.65
CA LEU C 110 24.65 0.29 23.40
C LEU C 110 23.23 0.78 23.65
N GLY C 111 22.86 1.84 22.93
CA GLY C 111 21.54 2.48 23.01
C GLY C 111 20.60 1.92 21.94
N GLN C 112 21.14 1.11 21.01
CA GLN C 112 20.47 0.59 19.82
C GLN C 112 21.38 -0.51 19.27
N PRO C 113 20.93 -1.38 18.34
CA PRO C 113 21.78 -2.42 17.76
C PRO C 113 23.02 -1.86 17.04
N LYS C 114 24.10 -2.66 17.05
CA LYS C 114 25.33 -2.35 16.31
C LYS C 114 25.01 -2.42 14.84
N ALA C 115 25.62 -1.53 14.07
CA ALA C 115 25.45 -1.44 12.62
C ALA C 115 26.81 -1.06 12.04
N ALA C 116 27.32 -1.95 11.18
CA ALA C 116 28.60 -1.81 10.46
C ALA C 116 28.41 -0.75 9.37
N PRO C 117 29.43 0.10 9.14
CA PRO C 117 29.30 1.16 8.15
C PRO C 117 29.19 0.66 6.70
N SER C 118 28.39 1.35 5.90
N SER C 118 28.35 1.31 5.91
CA SER C 118 28.48 1.31 4.42
CA SER C 118 28.49 1.35 4.43
C SER C 118 29.57 2.29 3.96
C SER C 118 29.67 2.26 4.11
N VAL C 119 30.62 1.79 3.30
CA VAL C 119 31.81 2.60 2.92
C VAL C 119 31.84 2.69 1.38
N THR C 120 31.92 3.91 0.85
CA THR C 120 32.00 4.19 -0.60
C THR C 120 33.16 5.15 -0.83
N LEU C 121 34.11 4.73 -1.64
CA LEU C 121 35.34 5.49 -1.92
C LEU C 121 35.16 6.16 -3.28
N PHE C 122 35.22 7.48 -3.37
CA PHE C 122 35.06 8.22 -4.65
C PHE C 122 36.43 8.71 -5.08
N PRO C 123 36.82 8.41 -6.34
CA PRO C 123 38.00 9.01 -6.95
C PRO C 123 37.72 10.44 -7.38
N PRO C 124 38.75 11.17 -7.84
CA PRO C 124 38.59 12.59 -8.14
C PRO C 124 37.63 12.76 -9.32
N SER C 125 36.78 13.79 -9.22
CA SER C 125 35.79 14.13 -10.24
C SER C 125 36.53 14.84 -11.37
N SER C 126 35.99 14.76 -12.57
CA SER C 126 36.54 15.45 -13.76
C SER C 126 36.71 16.95 -13.47
N GLU C 127 35.75 17.57 -12.79
CA GLU C 127 35.75 19.04 -12.62
C GLU C 127 36.83 19.51 -11.65
N GLU C 128 36.99 18.84 -10.50
CA GLU C 128 37.99 19.27 -9.51
C GLU C 128 39.38 19.08 -10.14
N LEU C 129 39.54 18.04 -10.95
CA LEU C 129 40.82 17.71 -11.65
C LEU C 129 41.22 18.88 -12.55
N GLN C 130 40.31 19.34 -13.39
CA GLN C 130 40.53 20.49 -14.30
C GLN C 130 40.66 21.77 -13.46
N ALA C 131 40.52 21.69 -12.13
CA ALA C 131 40.80 22.79 -11.16
C ALA C 131 42.04 22.49 -10.30
N ASN C 132 42.87 21.52 -10.69
CA ASN C 132 44.12 21.17 -9.97
C ASN C 132 43.87 20.74 -8.52
N LYS C 133 42.75 20.07 -8.25
CA LYS C 133 42.53 19.33 -6.97
C LYS C 133 42.21 17.88 -7.34
N ALA C 134 42.64 16.91 -6.51
CA ALA C 134 42.41 15.47 -6.70
C ALA C 134 41.91 14.86 -5.38
N THR C 135 41.06 15.59 -4.68
CA THR C 135 40.49 15.16 -3.39
C THR C 135 39.69 13.88 -3.65
N LEU C 136 39.99 12.87 -2.85
CA LEU C 136 39.22 11.63 -2.74
C LEU C 136 38.31 11.76 -1.53
N VAL C 137 37.14 11.13 -1.58
N VAL C 137 37.18 11.05 -1.58
CA VAL C 137 36.20 11.12 -0.41
CA VAL C 137 36.16 11.05 -0.50
C VAL C 137 35.80 9.69 -0.13
C VAL C 137 35.82 9.62 -0.16
N CYS C 138 35.90 9.30 1.14
CA CYS C 138 35.46 8.02 1.69
C CYS C 138 34.19 8.33 2.46
N LEU C 139 33.03 7.96 1.91
CA LEU C 139 31.73 8.17 2.57
C LEU C 139 31.46 6.93 3.44
N ILE C 140 31.11 7.15 4.70
CA ILE C 140 30.94 6.13 5.78
C ILE C 140 29.60 6.45 6.42
N SER C 141 28.57 5.60 6.26
CA SER C 141 27.20 5.92 6.75
C SER C 141 26.59 4.72 7.45
N ASP C 142 25.47 4.96 8.14
CA ASP C 142 24.57 3.91 8.69
C ASP C 142 25.28 3.04 9.74
N PHE C 143 26.19 3.60 10.54
CA PHE C 143 26.93 2.85 11.59
C PHE C 143 26.49 3.26 13.01
N TYR C 144 26.65 2.30 13.91
CA TYR C 144 26.40 2.47 15.36
C TYR C 144 27.23 1.43 16.08
N PRO C 145 27.95 1.77 17.18
CA PRO C 145 28.04 3.14 17.70
C PRO C 145 28.73 4.16 16.78
N GLY C 146 28.66 5.43 17.18
CA GLY C 146 29.06 6.59 16.38
C GLY C 146 30.54 6.84 16.40
N ALA C 147 31.37 5.81 16.54
CA ALA C 147 32.83 5.97 16.63
C ALA C 147 33.47 5.09 15.55
N VAL C 148 34.45 5.64 14.87
CA VAL C 148 35.07 4.98 13.70
C VAL C 148 36.49 5.57 13.55
N THR C 149 37.43 4.75 13.10
CA THR C 149 38.81 5.21 12.77
C THR C 149 39.03 4.95 11.29
N VAL C 150 39.63 5.92 10.61
CA VAL C 150 39.89 5.86 9.14
C VAL C 150 41.40 5.93 8.96
N ALA C 151 41.95 4.97 8.21
CA ALA C 151 43.35 4.96 7.74
C ALA C 151 43.35 5.04 6.21
N TRP C 152 44.24 5.88 5.66
CA TRP C 152 44.42 5.97 4.19
C TRP C 152 45.77 5.34 3.81
N LYS C 153 45.79 4.62 2.70
CA LYS C 153 47.03 4.10 2.08
C LYS C 153 47.26 4.80 0.73
N ALA C 154 48.50 5.27 0.50
CA ALA C 154 49.09 5.56 -0.82
C ALA C 154 49.89 4.31 -1.23
N ASP C 155 49.34 3.54 -2.17
CA ASP C 155 49.84 2.19 -2.55
C ASP C 155 49.65 1.27 -1.35
N SER C 156 50.61 1.27 -0.41
CA SER C 156 50.54 0.54 0.89
C SER C 156 51.18 1.35 2.01
N SER C 157 51.47 2.63 1.78
CA SER C 157 52.15 3.56 2.73
C SER C 157 51.11 4.38 3.48
N PRO C 158 50.80 4.07 4.76
CA PRO C 158 49.99 4.98 5.55
C PRO C 158 50.31 6.42 5.15
N VAL C 159 49.31 7.18 4.70
CA VAL C 159 49.49 8.62 4.31
C VAL C 159 48.97 9.49 5.46
N LYS C 160 49.83 10.32 6.03
CA LYS C 160 49.52 11.13 7.23
C LYS C 160 48.84 12.44 6.79
N ALA C 161 49.56 13.31 6.09
CA ALA C 161 49.08 14.66 5.73
C ALA C 161 47.97 14.53 4.68
N GLY C 162 47.11 15.56 4.63
CA GLY C 162 46.02 15.69 3.65
C GLY C 162 44.81 14.86 4.02
N VAL C 163 44.83 14.13 5.15
CA VAL C 163 43.65 13.37 5.68
C VAL C 163 42.86 14.29 6.61
N GLU C 164 41.57 14.50 6.36
CA GLU C 164 40.57 15.11 7.28
C GLU C 164 39.37 14.15 7.40
N THR C 165 38.81 13.97 8.61
CA THR C 165 37.60 13.14 8.86
C THR C 165 36.62 14.00 9.69
N THR C 166 35.36 14.11 9.26
CA THR C 166 34.33 14.88 10.00
C THR C 166 33.98 14.05 11.25
N THR C 167 33.60 14.73 12.31
CA THR C 167 32.98 14.17 13.53
C THR C 167 31.69 13.44 13.14
N PRO C 168 31.56 12.13 13.41
CA PRO C 168 30.35 11.41 13.05
C PRO C 168 29.12 12.18 13.58
N SER C 169 28.09 12.29 12.75
CA SER C 169 26.81 12.93 13.12
C SER C 169 25.68 11.93 12.94
N LYS C 170 24.68 12.02 13.79
CA LYS C 170 23.53 11.11 13.81
C LYS C 170 22.59 11.56 12.69
N GLN C 171 22.29 10.70 11.72
CA GLN C 171 21.43 11.12 10.57
C GLN C 171 19.95 10.81 10.84
N SER C 172 19.09 11.04 9.85
CA SER C 172 17.62 10.94 9.99
C SER C 172 17.20 9.51 10.35
N ASN C 173 18.04 8.50 10.09
CA ASN C 173 17.74 7.08 10.42
C ASN C 173 18.29 6.68 11.81
N ASN C 174 18.74 7.66 12.60
CA ASN C 174 19.32 7.50 13.97
C ASN C 174 20.63 6.68 13.91
N LYS C 175 21.26 6.57 12.74
CA LYS C 175 22.61 5.97 12.63
C LYS C 175 23.60 7.06 12.20
N TYR C 176 24.89 6.79 12.32
CA TYR C 176 25.94 7.83 12.17
C TYR C 176 26.46 7.86 10.73
N ALA C 177 26.91 9.03 10.33
CA ALA C 177 27.61 9.19 9.05
C ALA C 177 28.76 10.18 9.23
N ALA C 178 29.79 9.97 8.44
CA ALA C 178 30.96 10.86 8.39
C ALA C 178 31.57 10.67 7.02
N SER C 179 32.42 11.61 6.64
N SER C 179 32.44 11.60 6.67
CA SER C 179 33.24 11.53 5.40
CA SER C 179 33.25 11.55 5.43
C SER C 179 34.70 11.75 5.78
C SER C 179 34.72 11.75 5.80
N SER C 180 35.58 10.91 5.23
CA SER C 180 37.03 11.12 5.28
C SER C 180 37.44 11.62 3.89
N TYR C 181 38.21 12.70 3.82
CA TYR C 181 38.70 13.19 2.51
C TYR C 181 40.22 13.37 2.57
N LEU C 182 40.85 12.97 1.46
CA LEU C 182 42.31 12.97 1.21
C LEU C 182 42.57 14.00 0.10
N SER C 183 43.12 15.17 0.45
CA SER C 183 43.25 16.35 -0.44
C SER C 183 44.53 16.24 -1.27
N LEU C 184 44.58 15.28 -2.21
CA LEU C 184 45.74 15.06 -3.12
C LEU C 184 45.81 16.16 -4.18
N THR C 185 47.01 16.47 -4.68
CA THR C 185 47.23 17.17 -5.98
C THR C 185 47.00 16.19 -7.13
N PRO C 186 46.63 16.71 -8.33
CA PRO C 186 46.57 15.85 -9.51
C PRO C 186 47.83 15.00 -9.73
N GLU C 187 49.02 15.56 -9.46
CA GLU C 187 50.34 14.92 -9.65
CA GLU C 187 50.34 14.89 -9.67
C GLU C 187 50.45 13.73 -8.68
N GLN C 188 50.17 13.97 -7.39
CA GLN C 188 50.15 12.87 -6.39
C GLN C 188 49.19 11.79 -6.87
N TRP C 189 47.98 12.18 -7.29
CA TRP C 189 46.91 11.20 -7.64
C TRP C 189 47.34 10.37 -8.83
N LYS C 190 47.79 10.99 -9.93
CA LYS C 190 48.10 10.26 -11.20
C LYS C 190 49.42 9.47 -11.11
N SER C 191 50.34 9.84 -10.21
CA SER C 191 51.68 9.21 -10.08
C SER C 191 51.69 7.95 -9.18
N HIS C 192 50.57 7.61 -8.55
CA HIS C 192 50.48 6.41 -7.66
C HIS C 192 49.62 5.34 -8.33
N ARG C 193 49.87 4.05 -8.05
CA ARG C 193 49.07 2.93 -8.62
C ARG C 193 47.64 2.99 -8.07
N SER C 194 47.50 3.46 -6.84
CA SER C 194 46.21 3.36 -6.11
C SER C 194 46.27 4.13 -4.80
N TYR C 195 45.09 4.42 -4.29
CA TYR C 195 44.86 4.91 -2.92
C TYR C 195 43.73 4.08 -2.33
N SER C 196 43.79 3.88 -1.02
CA SER C 196 42.90 2.94 -0.31
C SER C 196 42.35 3.66 0.93
N CYS C 197 41.11 3.41 1.27
CA CYS C 197 40.48 3.92 2.52
C CYS C 197 40.19 2.71 3.39
N GLN C 198 40.72 2.69 4.61
CA GLN C 198 40.46 1.59 5.58
C GLN C 198 39.58 2.16 6.68
N VAL C 199 38.41 1.55 6.90
CA VAL C 199 37.47 2.02 7.94
C VAL C 199 37.32 0.91 8.97
N THR C 200 37.61 1.25 10.23
CA THR C 200 37.61 0.37 11.42
C THR C 200 36.40 0.76 12.29
N HIS C 201 35.56 -0.21 12.61
CA HIS C 201 34.37 -0.02 13.48
C HIS C 201 34.16 -1.25 14.36
N GLU C 202 34.00 -1.08 15.66
CA GLU C 202 33.74 -2.24 16.55
C GLU C 202 34.89 -3.25 16.27
N GLY C 203 36.12 -2.73 16.23
CA GLY C 203 37.37 -3.50 16.03
C GLY C 203 37.42 -4.39 14.79
N SER C 204 36.60 -4.16 13.74
CA SER C 204 36.73 -4.87 12.43
C SER C 204 36.81 -3.86 11.28
N THR C 205 37.44 -4.26 10.17
CA THR C 205 37.99 -3.34 9.14
C THR C 205 37.35 -3.65 7.77
N VAL C 206 37.06 -2.59 6.99
CA VAL C 206 36.59 -2.65 5.58
C VAL C 206 37.56 -1.77 4.78
N GLU C 207 37.96 -2.19 3.58
CA GLU C 207 38.91 -1.38 2.78
C GLU C 207 38.38 -1.26 1.35
N LYS C 208 38.48 -0.07 0.78
CA LYS C 208 38.10 0.24 -0.61
C LYS C 208 39.34 0.81 -1.30
N THR C 209 39.60 0.38 -2.53
CA THR C 209 40.76 0.89 -3.29
C THR C 209 40.26 1.61 -4.54
N VAL C 210 40.92 2.69 -4.93
CA VAL C 210 40.67 3.32 -6.25
C VAL C 210 42.01 3.67 -6.89
N ALA C 211 41.99 3.82 -8.21
CA ALA C 211 43.19 4.07 -9.03
C ALA C 211 42.83 4.98 -10.19
N PRO C 212 43.78 5.79 -10.69
CA PRO C 212 43.51 6.66 -11.84
C PRO C 212 43.01 5.87 -13.07
N THR C 213 42.11 6.46 -13.86
CA THR C 213 41.66 5.86 -15.15
C THR C 213 42.08 6.83 -16.26
N GLU C 214 41.95 6.42 -17.54
CA GLU C 214 42.37 7.25 -18.71
C GLU C 214 41.29 8.28 -19.01
N CYS C 215 40.03 7.94 -18.71
CA CYS C 215 38.84 8.74 -19.04
C CYS C 215 38.25 9.38 -17.76
N GLN D 1 35.66 15.17 45.44
CA GLN D 1 34.45 15.48 44.62
C GLN D 1 34.46 16.95 44.17
N SER D 2 35.20 17.81 44.87
CA SER D 2 35.13 19.29 44.74
C SER D 2 35.97 19.76 43.55
N ALA D 3 35.43 20.70 42.76
CA ALA D 3 36.04 21.17 41.50
C ALA D 3 36.89 22.43 41.77
N LEU D 4 38.02 22.55 41.08
CA LEU D 4 38.77 23.82 40.93
C LEU D 4 37.84 24.79 40.19
N THR D 5 37.88 26.08 40.54
CA THR D 5 36.92 27.09 40.00
C THR D 5 37.55 27.84 38.83
N GLN D 6 36.94 27.77 37.65
CA GLN D 6 37.33 28.57 36.46
C GLN D 6 36.14 29.37 35.98
N PRO D 7 36.32 30.54 35.34
CA PRO D 7 35.21 31.22 34.67
C PRO D 7 34.74 30.31 33.53
N PRO D 8 33.41 30.15 33.29
CA PRO D 8 32.93 29.25 32.26
C PRO D 8 33.26 29.75 30.85
N SER D 9 33.51 31.04 30.67
CA SER D 9 33.74 31.63 29.33
C SER D 9 34.84 32.70 29.39
N ALA D 10 35.53 32.90 28.27
CA ALA D 10 36.51 33.97 28.03
C ALA D 10 36.53 34.20 26.52
N SER D 11 36.88 35.40 26.06
CA SER D 11 36.78 35.78 24.62
C SER D 11 37.86 36.80 24.24
N GLY D 12 38.26 36.79 22.98
CA GLY D 12 39.24 37.73 22.41
C GLY D 12 39.23 37.66 20.89
N SER D 13 39.56 38.75 20.23
CA SER D 13 39.74 38.84 18.77
C SER D 13 41.16 38.42 18.44
N PRO D 14 41.46 38.05 17.17
CA PRO D 14 42.81 37.61 16.82
C PRO D 14 43.83 38.68 17.23
N GLY D 15 44.97 38.24 17.76
CA GLY D 15 46.06 39.12 18.23
C GLY D 15 45.85 39.62 19.66
N GLN D 16 44.67 39.47 20.25
CA GLN D 16 44.43 39.87 21.64
C GLN D 16 45.05 38.82 22.56
N SER D 17 45.17 39.16 23.85
CA SER D 17 45.59 38.25 24.96
C SER D 17 44.35 37.86 25.76
N VAL D 18 44.30 36.64 26.25
CA VAL D 18 43.26 36.25 27.23
C VAL D 18 43.99 35.63 28.42
N THR D 19 43.53 35.96 29.63
CA THR D 19 44.01 35.36 30.89
C THR D 19 42.84 34.70 31.59
N ILE D 20 43.00 33.45 31.93
CA ILE D 20 41.92 32.68 32.61
C ILE D 20 42.50 32.17 33.93
N SER D 21 41.66 32.16 34.96
CA SER D 21 42.08 31.83 36.34
C SER D 21 41.55 30.45 36.73
N CYS D 22 42.22 29.87 37.70
CA CYS D 22 41.96 28.53 38.25
C CYS D 22 42.17 28.59 39.76
N THR D 23 41.08 28.68 40.50
CA THR D 23 41.06 28.87 41.97
C THR D 23 40.81 27.54 42.67
N GLY D 24 41.68 27.18 43.62
CA GLY D 24 41.46 26.04 44.53
C GLY D 24 41.69 26.43 45.98
N THR D 25 42.49 25.66 46.69
CA THR D 25 42.73 25.81 48.16
C THR D 25 44.21 25.59 48.42
N SER D 26 44.71 25.92 49.62
CA SER D 26 46.16 25.82 49.94
C SER D 26 46.62 24.36 49.94
N SER D 27 45.72 23.38 50.10
CA SER D 27 46.06 21.94 50.02
C SER D 27 46.08 21.43 48.55
N ASP D 28 45.69 22.23 47.57
CA ASP D 28 45.77 21.82 46.13
C ASP D 28 46.56 22.88 45.35
N VAL D 29 45.88 23.86 44.77
CA VAL D 29 46.54 24.87 43.88
C VAL D 29 47.65 25.58 44.68
N GLY D 30 47.42 25.96 45.93
CA GLY D 30 48.43 26.64 46.76
C GLY D 30 49.50 25.69 47.31
N GLY D 31 49.18 24.40 47.44
CA GLY D 31 49.95 23.43 48.25
C GLY D 31 51.21 22.93 47.57
N SER D 32 51.34 23.13 46.27
CA SER D 32 52.48 22.62 45.46
C SER D 32 52.48 23.27 44.07
N ASP D 33 53.43 22.85 43.23
CA ASP D 33 53.68 23.46 41.89
C ASP D 33 53.27 22.46 40.79
N SER D 34 52.23 21.67 41.00
CA SER D 34 51.78 20.62 40.05
C SER D 34 50.50 21.06 39.32
N VAL D 35 50.42 22.32 38.89
CA VAL D 35 49.24 22.81 38.14
C VAL D 35 49.44 22.48 36.66
N SER D 36 48.45 21.83 36.06
CA SER D 36 48.44 21.54 34.61
C SER D 36 47.29 22.28 33.97
N TRP D 37 47.47 22.66 32.70
CA TRP D 37 46.41 23.22 31.83
C TRP D 37 46.30 22.35 30.58
N TYR D 38 45.07 22.04 30.18
CA TYR D 38 44.79 21.25 28.96
C TYR D 38 43.95 22.13 28.03
N GLN D 39 44.26 22.08 26.75
CA GLN D 39 43.42 22.62 25.67
C GLN D 39 42.63 21.46 25.04
N GLN D 40 41.31 21.61 24.85
CA GLN D 40 40.51 20.53 24.20
C GLN D 40 39.54 21.13 23.18
N HIS D 41 39.71 20.78 21.92
CA HIS D 41 38.70 21.03 20.85
C HIS D 41 37.54 20.05 21.00
N PRO D 42 36.26 20.45 20.80
CA PRO D 42 35.13 19.52 20.82
C PRO D 42 35.37 18.20 20.07
N GLY D 43 35.02 17.07 20.69
CA GLY D 43 35.16 15.70 20.11
C GLY D 43 36.59 15.20 19.91
N LYS D 44 37.62 15.90 20.40
CA LYS D 44 39.04 15.52 20.19
C LYS D 44 39.71 15.27 21.56
N ALA D 45 40.74 14.44 21.59
CA ALA D 45 41.64 14.25 22.75
C ALA D 45 42.19 15.60 23.19
N PRO D 46 42.40 15.84 24.50
CA PRO D 46 43.03 17.07 24.98
C PRO D 46 44.50 17.14 24.59
N LYS D 47 45.05 18.35 24.65
CA LYS D 47 46.50 18.61 24.50
C LYS D 47 47.00 19.26 25.79
N LEU D 48 48.08 18.75 26.34
CA LEU D 48 48.74 19.33 27.53
C LEU D 48 49.51 20.58 27.10
N ILE D 49 49.14 21.77 27.57
CA ILE D 49 49.84 23.02 27.15
C ILE D 49 50.71 23.57 28.31
N ILE D 50 50.42 23.22 29.59
CA ILE D 50 51.22 23.67 30.78
C ILE D 50 51.28 22.54 31.80
N TYR D 51 52.44 22.33 32.42
CA TYR D 51 52.61 21.45 33.60
C TYR D 51 53.59 22.14 34.56
N GLU D 52 53.60 21.73 35.83
CA GLU D 52 54.45 22.33 36.88
C GLU D 52 54.24 23.85 36.82
N VAL D 53 52.98 24.28 36.70
CA VAL D 53 52.51 25.71 36.75
C VAL D 53 52.89 26.58 35.54
N SER D 54 54.06 26.37 34.93
CA SER D 54 54.67 27.33 33.97
C SER D 54 55.39 26.56 32.85
N GLN D 55 55.59 25.25 32.95
CA GLN D 55 56.42 24.59 31.92
C GLN D 55 55.58 24.26 30.67
N ARG D 56 56.06 24.60 29.48
CA ARG D 56 55.43 24.22 28.18
C ARG D 56 56.09 22.96 27.66
N PRO D 57 55.32 21.91 27.25
CA PRO D 57 55.93 20.73 26.62
C PRO D 57 56.38 21.09 25.20
N SER D 58 57.20 20.25 24.58
CA SER D 58 57.62 20.42 23.18
C SER D 58 56.36 20.57 22.35
N GLY D 59 56.39 21.50 21.39
CA GLY D 59 55.28 21.69 20.44
C GLY D 59 54.37 22.82 20.87
N VAL D 60 54.42 23.25 22.12
CA VAL D 60 53.46 24.30 22.62
C VAL D 60 54.09 25.68 22.45
N PRO D 61 53.54 26.56 21.58
CA PRO D 61 54.09 27.92 21.40
C PRO D 61 54.30 28.68 22.73
N ASN D 62 55.26 29.61 22.74
CA ASN D 62 55.57 30.43 23.95
C ASN D 62 54.53 31.54 24.10
N ARG D 63 53.54 31.58 23.21
CA ARG D 63 52.30 32.40 23.38
C ARG D 63 51.51 31.95 24.60
N PHE D 64 51.66 30.68 25.04
CA PHE D 64 50.93 30.14 26.22
C PHE D 64 51.83 30.22 27.46
N SER D 65 51.44 31.02 28.45
CA SER D 65 52.21 31.22 29.69
C SER D 65 51.34 30.87 30.90
N GLY D 66 51.89 30.13 31.86
CA GLY D 66 51.20 29.76 33.11
C GLY D 66 51.93 30.31 34.34
N SER D 67 51.17 30.74 35.33
CA SER D 67 51.65 31.33 36.59
C SER D 67 50.71 30.92 37.71
N LYS D 68 51.08 31.26 38.94
CA LYS D 68 50.35 30.94 40.20
C LYS D 68 50.62 32.06 41.21
N SER D 69 49.56 32.62 41.79
CA SER D 69 49.58 33.52 42.98
C SER D 69 48.63 32.95 44.04
N GLY D 70 49.19 32.47 45.17
CA GLY D 70 48.43 31.86 46.27
C GLY D 70 47.71 30.58 45.84
N ASN D 71 46.37 30.61 45.87
CA ASN D 71 45.47 29.46 45.57
C ASN D 71 44.82 29.64 44.19
N THR D 72 45.38 30.51 43.34
CA THR D 72 44.86 30.80 41.98
C THR D 72 45.99 30.65 40.96
N ALA D 73 45.81 29.75 39.99
CA ALA D 73 46.65 29.64 38.78
C ALA D 73 46.02 30.44 37.64
N SER D 74 46.85 31.05 36.80
CA SER D 74 46.40 31.82 35.63
C SER D 74 47.09 31.30 34.38
N LEU D 75 46.31 31.15 33.32
CA LEU D 75 46.85 30.87 31.98
C LEU D 75 46.63 32.13 31.17
N THR D 76 47.66 32.55 30.45
CA THR D 76 47.56 33.66 29.47
C THR D 76 47.89 33.09 28.10
N VAL D 77 46.98 33.35 27.16
CA VAL D 77 47.21 33.08 25.73
C VAL D 77 47.37 34.46 25.10
N SER D 78 48.57 34.76 24.62
CA SER D 78 48.83 35.99 23.85
C SER D 78 48.78 35.67 22.35
N GLY D 79 48.55 36.70 21.54
CA GLY D 79 48.40 36.61 20.07
C GLY D 79 47.36 35.56 19.72
N LEU D 80 46.12 35.71 20.19
CA LEU D 80 45.05 34.68 19.99
C LEU D 80 44.97 34.37 18.49
N GLN D 81 44.96 33.09 18.16
CA GLN D 81 44.70 32.60 16.78
C GLN D 81 43.41 31.77 16.78
N ALA D 82 42.78 31.57 15.61
CA ALA D 82 41.61 30.70 15.39
C ALA D 82 41.73 29.38 16.17
N GLU D 83 42.84 28.65 16.04
CA GLU D 83 43.04 27.30 16.64
C GLU D 83 43.05 27.35 18.17
N ASP D 84 43.10 28.52 18.80
CA ASP D 84 43.10 28.62 20.28
C ASP D 84 41.68 28.55 20.80
N ASP D 85 40.70 28.66 19.89
CA ASP D 85 39.25 28.50 20.19
C ASP D 85 38.94 27.07 20.63
N ALA D 86 38.64 26.88 21.90
CA ALA D 86 38.62 25.53 22.52
C ALA D 86 38.30 25.67 24.01
N ASP D 87 38.18 24.52 24.65
CA ASP D 87 37.90 24.39 26.10
C ASP D 87 39.25 24.25 26.80
N TYR D 88 39.50 25.03 27.85
CA TYR D 88 40.74 24.97 28.67
C TYR D 88 40.43 24.46 30.06
N TYR D 89 41.10 23.39 30.47
CA TYR D 89 40.94 22.75 31.81
C TYR D 89 42.22 22.96 32.62
N CYS D 90 42.09 23.26 33.90
CA CYS D 90 43.24 23.15 34.82
C CYS D 90 43.07 21.91 35.69
N SER D 91 44.18 21.40 36.19
CA SER D 91 44.19 20.33 37.20
C SER D 91 45.28 20.67 38.20
N SER D 92 45.15 20.17 39.42
CA SER D 92 46.16 20.27 40.48
C SER D 92 46.07 19.01 41.33
N TYR D 93 47.20 18.39 41.60
CA TYR D 93 47.36 17.39 42.69
C TYR D 93 47.05 18.07 44.02
N GLY D 94 46.46 17.32 44.94
CA GLY D 94 46.35 17.68 46.37
C GLY D 94 47.07 16.64 47.21
N GLY D 95 46.71 16.54 48.50
CA GLY D 95 47.14 15.42 49.33
C GLY D 95 46.34 14.19 48.97
N ASP D 96 46.75 13.00 49.43
CA ASP D 96 45.91 11.78 49.40
C ASP D 96 45.81 11.22 47.98
N ASN D 97 46.73 11.57 47.08
CA ASN D 97 46.66 11.12 45.66
C ASN D 97 45.35 11.60 45.02
N ASN D 98 44.85 12.75 45.43
CA ASN D 98 43.70 13.41 44.77
C ASN D 98 44.25 14.14 43.53
N LEU D 99 43.48 14.14 42.45
CA LEU D 99 43.70 15.04 41.30
C LEU D 99 42.42 15.86 41.09
N PHE D 100 42.50 17.18 41.24
CA PHE D 100 41.36 18.12 41.12
C PHE D 100 41.39 18.69 39.71
N PHE D 101 40.24 18.73 39.04
CA PHE D 101 40.06 19.36 37.71
C PHE D 101 39.17 20.57 37.86
N GLY D 102 39.41 21.62 37.07
CA GLY D 102 38.48 22.75 36.95
C GLY D 102 37.28 22.36 36.11
N GLY D 103 36.24 23.19 36.12
CA GLY D 103 35.06 23.02 35.27
C GLY D 103 35.35 23.23 33.79
N GLY D 104 36.39 23.98 33.44
CA GLY D 104 36.74 24.28 32.03
C GLY D 104 36.28 25.67 31.67
N THR D 105 37.08 26.36 30.87
CA THR D 105 36.74 27.68 30.30
C THR D 105 36.67 27.46 28.80
N LYS D 106 35.57 27.88 28.20
CA LYS D 106 35.42 27.93 26.73
C LYS D 106 36.00 29.26 26.28
N VAL D 107 37.15 29.24 25.62
CA VAL D 107 37.76 30.47 25.02
C VAL D 107 37.25 30.55 23.56
N THR D 108 36.45 31.58 23.29
CA THR D 108 35.97 32.01 21.96
C THR D 108 36.94 33.03 21.33
N VAL D 109 37.38 32.77 20.12
CA VAL D 109 38.10 33.75 19.29
C VAL D 109 37.08 34.44 18.41
N LEU D 110 36.80 35.70 18.71
CA LEU D 110 35.74 36.50 18.03
C LEU D 110 36.25 36.90 16.66
N GLY D 111 35.33 37.22 15.74
CA GLY D 111 35.63 37.88 14.46
C GLY D 111 36.54 37.05 13.58
N GLN D 112 36.38 35.72 13.62
CA GLN D 112 37.09 34.81 12.67
C GLN D 112 36.59 35.12 11.26
N PRO D 113 37.44 35.01 10.24
CA PRO D 113 37.07 35.42 8.89
C PRO D 113 35.94 34.56 8.32
N LYS D 114 34.93 35.19 7.72
CA LYS D 114 33.91 34.49 6.88
C LYS D 114 34.67 33.78 5.74
N ALA D 115 34.34 32.52 5.47
CA ALA D 115 34.89 31.76 4.33
C ALA D 115 33.75 31.06 3.58
N ALA D 116 33.69 31.25 2.25
CA ALA D 116 32.71 30.58 1.37
C ALA D 116 33.15 29.13 1.20
N PRO D 117 32.21 28.18 1.08
CA PRO D 117 32.56 26.77 0.98
C PRO D 117 33.18 26.38 -0.37
N SER D 118 34.11 25.44 -0.37
CA SER D 118 34.53 24.67 -1.56
C SER D 118 33.55 23.51 -1.68
N VAL D 119 32.92 23.39 -2.85
CA VAL D 119 31.94 22.31 -3.13
C VAL D 119 32.49 21.42 -4.23
N THR D 120 32.56 20.13 -3.97
CA THR D 120 32.94 19.11 -4.98
C THR D 120 31.85 18.05 -5.00
N LEU D 121 31.24 17.85 -6.17
CA LEU D 121 30.20 16.84 -6.35
C LEU D 121 30.83 15.62 -7.03
N PHE D 122 30.62 14.43 -6.49
CA PHE D 122 31.21 13.19 -7.02
C PHE D 122 30.08 12.34 -7.64
N PRO D 123 30.23 11.88 -8.90
CA PRO D 123 29.26 10.98 -9.52
C PRO D 123 29.52 9.63 -8.88
N PRO D 124 28.68 8.61 -9.11
CA PRO D 124 28.84 7.32 -8.45
C PRO D 124 30.14 6.61 -8.84
N SER D 125 30.73 5.83 -7.93
CA SER D 125 31.99 5.10 -8.16
C SER D 125 31.75 3.87 -9.05
N SER D 126 32.76 3.48 -9.83
CA SER D 126 32.80 2.19 -10.59
C SER D 126 32.30 1.06 -9.69
N GLU D 127 32.85 0.95 -8.47
CA GLU D 127 32.63 -0.17 -7.53
C GLU D 127 31.18 -0.18 -7.04
N GLU D 128 30.60 0.97 -6.67
CA GLU D 128 29.25 0.95 -6.03
C GLU D 128 28.24 0.62 -7.12
N LEU D 129 28.48 1.07 -8.35
CA LEU D 129 27.61 0.79 -9.51
C LEU D 129 27.63 -0.73 -9.80
N GLN D 130 28.77 -1.39 -9.59
CA GLN D 130 28.92 -2.87 -9.68
C GLN D 130 28.09 -3.56 -8.59
N ALA D 131 27.88 -2.91 -7.45
CA ALA D 131 27.10 -3.44 -6.29
C ALA D 131 25.68 -2.85 -6.28
N ASN D 132 25.17 -2.39 -7.43
CA ASN D 132 23.77 -1.92 -7.57
C ASN D 132 23.52 -0.74 -6.63
N LYS D 133 24.49 0.15 -6.46
CA LYS D 133 24.26 1.45 -5.77
C LYS D 133 24.79 2.59 -6.65
N ALA D 134 24.20 3.76 -6.51
CA ALA D 134 24.62 4.98 -7.24
C ALA D 134 24.53 6.20 -6.31
N THR D 135 24.99 6.06 -5.06
CA THR D 135 25.15 7.20 -4.12
C THR D 135 26.11 8.22 -4.73
N LEU D 136 25.68 9.49 -4.77
CA LEU D 136 26.48 10.72 -5.08
C LEU D 136 26.88 11.34 -3.75
N VAL D 137 28.04 11.98 -3.67
CA VAL D 137 28.46 12.77 -2.48
C VAL D 137 28.90 14.18 -2.92
N CYS D 138 28.37 15.15 -2.22
CA CYS D 138 28.67 16.59 -2.28
C CYS D 138 29.50 16.95 -1.04
N LEU D 139 30.78 17.18 -1.24
CA LEU D 139 31.77 17.51 -0.19
C LEU D 139 31.84 19.02 -0.06
N ILE D 140 31.47 19.54 1.11
CA ILE D 140 31.43 20.99 1.44
C ILE D 140 32.50 21.23 2.50
N SER D 141 33.51 22.04 2.21
CA SER D 141 34.68 22.23 3.08
C SER D 141 35.09 23.71 3.09
N ASP D 142 35.89 24.09 4.08
CA ASP D 142 36.66 25.36 4.15
C ASP D 142 35.71 26.50 4.41
N PHE D 143 34.56 26.26 5.03
CA PHE D 143 33.55 27.33 5.22
C PHE D 143 33.55 27.81 6.67
N TYR D 144 33.14 29.07 6.84
CA TYR D 144 32.99 29.70 8.17
C TYR D 144 31.99 30.86 8.07
N PRO D 145 30.98 30.95 8.95
CA PRO D 145 30.75 30.01 10.04
C PRO D 145 30.10 28.68 9.61
N GLY D 146 29.74 27.86 10.61
CA GLY D 146 29.50 26.41 10.50
C GLY D 146 28.08 26.05 10.10
N ALA D 147 27.41 26.91 9.33
CA ALA D 147 26.02 26.68 8.89
C ALA D 147 25.93 26.73 7.36
N VAL D 148 25.34 25.70 6.76
CA VAL D 148 25.03 25.68 5.30
C VAL D 148 23.66 25.05 5.13
N THR D 149 23.00 25.33 4.01
CA THR D 149 21.83 24.54 3.57
C THR D 149 22.13 24.00 2.17
N VAL D 150 21.63 22.81 1.92
CA VAL D 150 21.94 21.98 0.73
C VAL D 150 20.63 21.58 0.09
N ALA D 151 20.56 21.77 -1.22
CA ALA D 151 19.43 21.33 -2.08
C ALA D 151 20.02 20.47 -3.21
N TRP D 152 19.29 19.45 -3.63
CA TRP D 152 19.66 18.64 -4.81
C TRP D 152 18.63 18.86 -5.93
N LYS D 153 19.11 18.72 -7.16
CA LYS D 153 18.36 18.79 -8.43
C LYS D 153 18.57 17.48 -9.18
N ALA D 154 17.49 16.91 -9.73
CA ALA D 154 17.49 15.88 -10.80
C ALA D 154 17.07 16.58 -12.11
N ASP D 155 18.00 16.64 -13.08
CA ASP D 155 17.89 17.57 -14.23
C ASP D 155 17.68 18.97 -13.62
N SER D 156 16.60 19.71 -13.91
CA SER D 156 16.32 21.04 -13.31
C SER D 156 15.35 20.91 -12.12
N SER D 157 14.88 19.73 -11.77
CA SER D 157 13.79 19.59 -10.78
C SER D 157 14.33 19.34 -9.38
N PRO D 158 13.70 19.89 -8.32
CA PRO D 158 14.13 19.55 -6.96
C PRO D 158 14.04 18.03 -6.70
N VAL D 159 15.09 17.44 -6.10
CA VAL D 159 15.12 16.07 -5.50
C VAL D 159 14.71 16.25 -4.05
N LYS D 160 13.68 15.56 -3.58
CA LYS D 160 13.19 15.68 -2.19
C LYS D 160 13.72 14.48 -1.38
N ALA D 161 13.73 13.28 -1.96
CA ALA D 161 13.97 12.00 -1.25
C ALA D 161 15.42 11.53 -1.38
N GLY D 162 15.89 10.79 -0.38
CA GLY D 162 17.19 10.07 -0.37
C GLY D 162 18.36 10.98 -0.01
N VAL D 163 18.09 12.13 0.59
CA VAL D 163 19.11 13.18 0.90
C VAL D 163 19.54 13.06 2.37
N GLU D 164 20.84 13.08 2.62
CA GLU D 164 21.37 13.25 4.00
C GLU D 164 22.51 14.24 3.98
N THR D 165 22.57 15.10 4.98
CA THR D 165 23.69 16.04 5.13
C THR D 165 24.24 15.93 6.55
N THR D 166 25.54 15.69 6.67
CA THR D 166 26.19 15.61 8.01
C THR D 166 26.19 17.01 8.66
N THR D 167 26.18 17.01 9.98
CA THR D 167 26.45 18.19 10.85
C THR D 167 27.85 18.72 10.58
N PRO D 168 28.00 19.99 10.19
CA PRO D 168 29.31 20.60 9.97
C PRO D 168 30.22 20.40 11.20
N SER D 169 31.45 19.96 10.98
CA SER D 169 32.45 19.83 12.04
C SER D 169 33.70 20.60 11.63
N LYS D 170 34.38 21.18 12.63
CA LYS D 170 35.57 22.03 12.45
C LYS D 170 36.77 21.12 12.18
N GLN D 171 37.48 21.39 11.09
CA GLN D 171 38.67 20.58 10.73
C GLN D 171 39.92 21.35 11.21
N SER D 172 41.10 20.84 10.88
CA SER D 172 42.43 21.31 11.34
C SER D 172 42.77 22.69 10.74
N ASN D 173 42.13 23.13 9.66
CA ASN D 173 42.36 24.49 9.10
C ASN D 173 41.47 25.49 9.85
N ASN D 174 40.71 25.01 10.83
CA ASN D 174 39.83 25.84 11.69
C ASN D 174 38.58 26.26 10.90
N LYS D 175 38.28 25.54 9.82
CA LYS D 175 37.05 25.80 9.00
C LYS D 175 36.22 24.52 8.99
N TYR D 176 34.93 24.63 8.71
CA TYR D 176 33.97 23.51 8.84
C TYR D 176 33.93 22.66 7.59
N ALA D 177 33.56 21.40 7.76
CA ALA D 177 33.32 20.52 6.62
C ALA D 177 32.05 19.72 6.88
N ALA D 178 31.35 19.43 5.79
CA ALA D 178 30.22 18.49 5.77
C ALA D 178 30.16 17.78 4.43
N SER D 179 29.44 16.67 4.43
N SER D 179 29.40 16.69 4.41
CA SER D 179 29.03 15.94 3.22
CA SER D 179 29.08 15.93 3.18
C SER D 179 27.50 15.91 3.16
C SER D 179 27.57 15.73 3.11
N SER D 180 26.96 16.06 1.95
CA SER D 180 25.56 15.76 1.63
C SER D 180 25.60 14.59 0.66
N TYR D 181 24.84 13.55 0.89
CA TYR D 181 24.89 12.37 0.00
C TYR D 181 23.45 12.02 -0.43
N LEU D 182 23.30 11.68 -1.69
CA LEU D 182 22.00 11.38 -2.34
C LEU D 182 22.04 9.90 -2.73
N SER D 183 21.24 9.04 -2.10
CA SER D 183 21.24 7.57 -2.36
C SER D 183 20.35 7.25 -3.56
N LEU D 184 20.91 7.24 -4.76
CA LEU D 184 20.18 6.87 -6.01
C LEU D 184 20.40 5.39 -6.30
N THR D 185 19.44 4.77 -6.99
CA THR D 185 19.62 3.46 -7.68
C THR D 185 20.38 3.71 -8.98
N PRO D 186 21.11 2.71 -9.51
CA PRO D 186 21.74 2.87 -10.82
C PRO D 186 20.77 3.31 -11.92
N GLU D 187 19.54 2.83 -11.88
CA GLU D 187 18.45 3.14 -12.85
C GLU D 187 18.11 4.64 -12.75
N GLN D 188 17.95 5.19 -11.55
CA GLN D 188 17.70 6.65 -11.38
C GLN D 188 18.87 7.45 -11.94
N TRP D 189 20.11 7.07 -11.62
CA TRP D 189 21.32 7.78 -12.09
C TRP D 189 21.36 7.79 -13.61
N LYS D 190 21.17 6.62 -14.22
CA LYS D 190 21.35 6.45 -15.69
C LYS D 190 20.22 7.11 -16.48
N SER D 191 19.04 7.32 -15.87
CA SER D 191 17.79 7.76 -16.55
C SER D 191 17.62 9.28 -16.52
N HIS D 192 18.54 10.00 -15.90
CA HIS D 192 18.52 11.48 -15.82
C HIS D 192 19.72 11.99 -16.61
N ARG D 193 19.65 13.22 -17.11
CA ARG D 193 20.76 13.85 -17.87
C ARG D 193 21.86 14.34 -16.91
N SER D 194 21.46 14.74 -15.70
CA SER D 194 22.38 15.25 -14.65
C SER D 194 21.73 15.24 -13.27
N TYR D 195 22.56 15.32 -12.23
CA TYR D 195 22.18 15.75 -10.86
C TYR D 195 23.04 16.92 -10.43
N SER D 196 22.47 17.81 -9.61
CA SER D 196 23.17 18.98 -9.05
C SER D 196 23.07 19.02 -7.52
N CYS D 197 24.10 19.59 -6.92
CA CYS D 197 24.17 19.93 -5.48
C CYS D 197 24.23 21.45 -5.37
N GLN D 198 23.30 22.11 -4.68
CA GLN D 198 23.28 23.59 -4.48
C GLN D 198 23.55 23.87 -2.98
N VAL D 199 24.63 24.56 -2.67
CA VAL D 199 25.04 24.88 -1.27
C VAL D 199 24.87 26.38 -1.01
N THR D 200 24.03 26.73 -0.05
CA THR D 200 23.84 28.12 0.42
C THR D 200 24.58 28.31 1.74
N HIS D 201 25.42 29.35 1.78
CA HIS D 201 26.18 29.79 2.98
C HIS D 201 26.18 31.31 3.02
N GLU D 202 25.69 31.93 4.11
CA GLU D 202 25.71 33.40 4.24
C GLU D 202 25.06 34.06 3.00
N GLY D 203 23.93 33.55 2.54
CA GLY D 203 23.13 34.19 1.47
C GLY D 203 23.68 33.99 0.06
N SER D 204 24.90 33.46 -0.10
CA SER D 204 25.55 33.14 -1.40
C SER D 204 25.39 31.65 -1.69
N THR D 205 25.04 31.30 -2.93
CA THR D 205 24.77 29.91 -3.36
C THR D 205 25.78 29.49 -4.43
N VAL D 206 26.24 28.25 -4.32
CA VAL D 206 27.21 27.57 -5.21
C VAL D 206 26.49 26.33 -5.74
N GLU D 207 26.47 26.11 -7.05
CA GLU D 207 25.86 24.88 -7.60
C GLU D 207 26.92 24.10 -8.39
N LYS D 208 26.99 22.78 -8.19
CA LYS D 208 27.77 21.83 -9.02
C LYS D 208 26.82 20.82 -9.67
N THR D 209 27.17 20.36 -10.87
CA THR D 209 26.41 19.43 -11.72
C THR D 209 27.31 18.27 -12.21
N VAL D 210 26.86 17.03 -12.02
CA VAL D 210 27.50 15.84 -12.65
C VAL D 210 26.49 15.09 -13.52
N ALA D 211 26.97 14.34 -14.52
CA ALA D 211 26.17 13.66 -15.55
C ALA D 211 26.74 12.26 -15.74
N PRO D 212 25.90 11.23 -15.99
CA PRO D 212 26.40 9.88 -16.24
C PRO D 212 27.56 9.92 -17.25
N THR D 213 28.67 9.23 -16.94
CA THR D 213 29.97 9.38 -17.67
C THR D 213 29.83 8.82 -19.08
N GLU D 214 30.85 9.07 -19.91
CA GLU D 214 30.91 8.63 -21.33
C GLU D 214 32.17 7.77 -21.53
N CYS D 215 32.55 7.01 -20.50
CA CYS D 215 33.87 6.33 -20.37
C CYS D 215 33.68 4.81 -20.37
N SER E 2 -56.74 29.63 -0.50
CA SER E 2 -57.87 28.76 -0.96
C SER E 2 -59.05 29.63 -1.39
N ALA E 3 -59.79 29.22 -2.43
CA ALA E 3 -60.97 29.94 -2.96
C ALA E 3 -62.17 29.64 -2.06
N LEU E 4 -62.27 28.42 -1.52
CA LEU E 4 -63.25 28.08 -0.44
C LEU E 4 -62.51 28.06 0.90
N THR E 5 -63.16 28.56 1.96
CA THR E 5 -62.63 28.73 3.34
C THR E 5 -63.07 27.53 4.21
N GLN E 6 -62.11 26.73 4.67
CA GLN E 6 -62.28 25.60 5.62
C GLN E 6 -61.45 25.91 6.85
N PRO E 7 -61.83 25.45 8.07
CA PRO E 7 -60.95 25.61 9.22
C PRO E 7 -59.72 24.76 8.93
N PRO E 8 -58.50 25.17 9.37
CA PRO E 8 -57.30 24.41 9.07
C PRO E 8 -57.31 23.03 9.75
N SER E 9 -58.01 22.91 10.89
CA SER E 9 -58.04 21.64 11.69
C SER E 9 -59.33 21.54 12.50
N ALA E 10 -59.64 20.33 12.97
CA ALA E 10 -60.68 20.05 13.98
C ALA E 10 -60.32 18.73 14.65
N SER E 11 -60.90 18.42 15.80
CA SER E 11 -60.53 17.19 16.55
C SER E 11 -61.69 16.68 17.40
N GLY E 12 -61.61 15.41 17.76
CA GLY E 12 -62.44 14.82 18.83
C GLY E 12 -61.85 13.51 19.29
N SER E 13 -62.36 12.98 20.43
CA SER E 13 -62.00 11.64 20.97
C SER E 13 -62.79 10.59 20.20
N PRO E 14 -62.39 9.30 20.30
CA PRO E 14 -63.19 8.21 19.72
C PRO E 14 -64.67 8.37 20.12
N GLY E 15 -65.61 8.11 19.21
CA GLY E 15 -67.06 8.19 19.50
C GLY E 15 -67.64 9.59 19.40
N GLN E 16 -66.83 10.65 19.47
CA GLN E 16 -67.32 12.04 19.40
C GLN E 16 -67.70 12.36 17.95
N SER E 17 -68.44 13.46 17.77
CA SER E 17 -68.73 14.09 16.46
C SER E 17 -67.79 15.28 16.24
N VAL E 18 -67.54 15.60 14.97
CA VAL E 18 -66.94 16.89 14.54
C VAL E 18 -67.73 17.41 13.34
N THR E 19 -67.94 18.72 13.29
CA THR E 19 -68.52 19.41 12.11
C THR E 19 -67.46 20.38 11.56
N ILE E 20 -67.09 20.19 10.30
CA ILE E 20 -66.10 21.05 9.57
C ILE E 20 -66.90 21.84 8.53
N SER E 21 -66.52 23.09 8.33
CA SER E 21 -67.29 24.10 7.59
C SER E 21 -66.53 24.41 6.30
N CYS E 22 -67.25 24.80 5.26
CA CYS E 22 -66.70 25.04 3.90
C CYS E 22 -67.44 26.22 3.25
N THR E 23 -66.93 27.44 3.42
CA THR E 23 -67.59 28.70 3.01
C THR E 23 -67.11 29.16 1.63
N GLY E 24 -68.05 29.61 0.80
CA GLY E 24 -67.75 30.29 -0.46
C GLY E 24 -68.53 31.59 -0.59
N THR E 25 -68.91 31.92 -1.83
CA THR E 25 -69.79 33.05 -2.20
C THR E 25 -71.08 32.46 -2.80
N SER E 26 -72.01 33.30 -3.25
CA SER E 26 -73.30 32.86 -3.83
C SER E 26 -73.11 32.30 -5.24
N SER E 27 -72.01 32.62 -5.92
CA SER E 27 -71.76 32.18 -7.32
C SER E 27 -71.08 30.80 -7.34
N ASP E 28 -70.68 30.26 -6.18
CA ASP E 28 -70.13 28.87 -6.06
C ASP E 28 -70.96 28.10 -5.02
N VAL E 29 -70.56 28.09 -3.75
CA VAL E 29 -71.22 27.20 -2.76
C VAL E 29 -72.72 27.53 -2.73
N GLY E 30 -73.08 28.82 -2.65
CA GLY E 30 -74.47 29.27 -2.49
C GLY E 30 -75.26 29.29 -3.78
N GLY E 31 -74.66 28.84 -4.90
CA GLY E 31 -75.20 29.00 -6.26
C GLY E 31 -75.84 27.73 -6.79
N SER E 32 -75.59 26.57 -6.15
CA SER E 32 -76.04 25.23 -6.64
C SER E 32 -75.82 24.15 -5.56
N ASP E 33 -76.22 22.92 -5.88
CA ASP E 33 -76.16 21.73 -4.98
C ASP E 33 -74.99 20.84 -5.46
N SER E 34 -73.80 21.42 -5.53
CA SER E 34 -72.60 20.88 -6.21
C SER E 34 -71.43 20.74 -5.22
N VAL E 35 -71.67 20.79 -3.90
CA VAL E 35 -70.58 20.67 -2.91
C VAL E 35 -70.21 19.20 -2.79
N SER E 36 -68.94 18.86 -2.98
CA SER E 36 -68.36 17.51 -2.70
C SER E 36 -67.40 17.61 -1.50
N TRP E 37 -67.20 16.49 -0.80
CA TRP E 37 -66.17 16.35 0.26
C TRP E 37 -65.28 15.15 -0.09
N TYR E 38 -63.97 15.30 0.09
CA TYR E 38 -62.95 14.24 -0.12
C TYR E 38 -62.14 14.04 1.17
N GLN E 39 -61.83 12.79 1.44
CA GLN E 39 -61.04 12.33 2.61
C GLN E 39 -59.69 11.90 2.09
N GLN E 40 -58.58 12.36 2.69
CA GLN E 40 -57.25 11.81 2.34
C GLN E 40 -56.53 11.42 3.62
N HIS E 41 -56.21 10.13 3.77
CA HIS E 41 -55.18 9.66 4.74
C HIS E 41 -53.84 10.08 4.18
N PRO E 42 -52.91 10.67 4.99
CA PRO E 42 -51.71 11.25 4.42
C PRO E 42 -50.92 10.12 3.74
N GLY E 43 -50.39 10.37 2.54
CA GLY E 43 -49.61 9.41 1.74
C GLY E 43 -50.46 8.51 0.85
N LYS E 44 -51.79 8.63 0.90
CA LYS E 44 -52.74 7.72 0.19
C LYS E 44 -53.61 8.52 -0.77
N ALA E 45 -54.14 7.85 -1.79
CA ALA E 45 -55.16 8.40 -2.71
C ALA E 45 -56.36 8.88 -1.91
N PRO E 46 -56.92 10.05 -2.26
CA PRO E 46 -58.13 10.54 -1.60
C PRO E 46 -59.35 9.72 -2.05
N LYS E 47 -60.51 9.96 -1.42
CA LYS E 47 -61.77 9.26 -1.71
C LYS E 47 -62.89 10.30 -1.64
N LEU E 48 -63.78 10.29 -2.64
CA LEU E 48 -65.04 11.06 -2.59
C LEU E 48 -65.92 10.41 -1.53
N ILE E 49 -66.38 11.18 -0.54
CA ILE E 49 -67.23 10.70 0.59
C ILE E 49 -68.59 11.41 0.61
N ILE E 50 -68.73 12.59 -0.02
CA ILE E 50 -70.04 13.31 -0.19
C ILE E 50 -70.01 14.00 -1.55
N TYR E 51 -71.12 13.95 -2.30
CA TYR E 51 -71.33 14.72 -3.55
C TYR E 51 -72.74 15.33 -3.54
N GLU E 52 -72.94 16.38 -4.34
CA GLU E 52 -74.23 17.11 -4.36
C GLU E 52 -74.66 17.34 -2.89
N VAL E 53 -73.77 17.88 -2.05
CA VAL E 53 -74.04 18.41 -0.67
C VAL E 53 -74.28 17.27 0.36
N SER E 54 -75.07 16.24 0.04
CA SER E 54 -75.62 15.26 1.04
C SER E 54 -75.44 13.80 0.65
N GLN E 55 -75.02 13.50 -0.57
CA GLN E 55 -75.06 12.15 -1.17
C GLN E 55 -73.80 11.36 -0.80
N ARG E 56 -73.98 10.20 -0.17
CA ARG E 56 -72.85 9.29 0.12
C ARG E 56 -72.67 8.31 -1.04
N PRO E 57 -71.47 8.22 -1.66
CA PRO E 57 -71.13 7.08 -2.54
C PRO E 57 -71.31 5.71 -1.84
N SER E 58 -71.50 4.63 -2.60
CA SER E 58 -71.54 3.23 -2.08
C SER E 58 -70.30 2.98 -1.23
N GLY E 59 -70.46 2.40 -0.02
CA GLY E 59 -69.35 2.02 0.88
C GLY E 59 -69.06 3.04 1.98
N VAL E 60 -69.39 4.32 1.75
CA VAL E 60 -69.27 5.39 2.77
C VAL E 60 -70.40 5.23 3.80
N PRO E 61 -70.07 5.02 5.10
CA PRO E 61 -71.10 4.84 6.12
C PRO E 61 -71.81 6.16 6.48
N ASN E 62 -73.03 6.03 7.02
CA ASN E 62 -73.95 7.17 7.25
C ASN E 62 -73.48 8.01 8.44
N ARG E 63 -72.37 7.64 9.10
CA ARG E 63 -71.63 8.49 10.08
C ARG E 63 -71.30 9.83 9.43
N PHE E 64 -70.98 9.80 8.13
CA PHE E 64 -70.66 10.96 7.26
C PHE E 64 -71.95 11.56 6.67
N SER E 65 -72.32 12.78 7.09
CA SER E 65 -73.45 13.55 6.50
C SER E 65 -72.97 14.94 6.06
N GLY E 66 -73.59 15.45 5.00
CA GLY E 66 -73.30 16.77 4.43
C GLY E 66 -74.55 17.62 4.43
N SER E 67 -74.40 18.94 4.46
CA SER E 67 -75.52 19.90 4.43
C SER E 67 -74.99 21.25 3.95
N LYS E 68 -75.88 22.23 3.83
CA LYS E 68 -75.58 23.59 3.33
C LYS E 68 -76.65 24.57 3.82
N SER E 69 -76.20 25.74 4.27
CA SER E 69 -76.99 26.93 4.68
C SER E 69 -76.33 28.16 4.06
N GLY E 70 -77.01 28.83 3.12
CA GLY E 70 -76.46 29.97 2.36
C GLY E 70 -75.18 29.59 1.65
N ASN E 71 -74.05 30.16 2.06
CA ASN E 71 -72.74 30.04 1.36
C ASN E 71 -71.75 29.18 2.15
N THR E 72 -72.23 28.46 3.16
CA THR E 72 -71.45 27.52 4.00
C THR E 72 -72.06 26.11 3.87
N ALA E 73 -71.32 25.17 3.29
CA ALA E 73 -71.61 23.72 3.38
C ALA E 73 -70.90 23.17 4.61
N SER E 74 -71.43 22.11 5.23
CA SER E 74 -70.84 21.49 6.44
C SER E 74 -70.84 19.97 6.31
N LEU E 75 -69.72 19.34 6.69
CA LEU E 75 -69.57 17.87 6.81
C LEU E 75 -69.51 17.52 8.30
N THR E 76 -70.43 16.67 8.76
CA THR E 76 -70.49 16.17 10.14
C THR E 76 -69.98 14.72 10.10
N VAL E 77 -69.03 14.41 10.99
CA VAL E 77 -68.57 13.01 11.22
C VAL E 77 -68.96 12.65 12.65
N SER E 78 -69.95 11.75 12.79
N SER E 78 -69.94 11.75 12.80
CA SER E 78 -70.44 11.18 14.07
CA SER E 78 -70.43 11.19 14.08
C SER E 78 -69.66 9.90 14.39
C SER E 78 -69.66 9.90 14.39
N GLY E 79 -69.55 9.55 15.68
CA GLY E 79 -68.87 8.31 16.11
C GLY E 79 -67.49 8.19 15.53
N LEU E 80 -66.69 9.26 15.66
CA LEU E 80 -65.29 9.28 15.15
C LEU E 80 -64.61 7.98 15.56
N GLN E 81 -64.00 7.30 14.61
CA GLN E 81 -63.11 6.13 14.84
C GLN E 81 -61.70 6.50 14.39
N ALA E 82 -60.70 5.67 14.74
CA ALA E 82 -59.29 5.75 14.29
C ALA E 82 -59.21 6.13 12.81
N GLU E 83 -59.90 5.35 11.98
CA GLU E 83 -59.83 5.42 10.50
C GLU E 83 -60.24 6.81 9.97
N ASP E 84 -60.95 7.64 10.75
CA ASP E 84 -61.49 8.95 10.27
C ASP E 84 -60.43 10.04 10.39
N ASP E 85 -59.32 9.70 11.02
CA ASP E 85 -58.13 10.58 11.17
C ASP E 85 -57.61 10.86 9.77
N ALA E 86 -57.73 12.09 9.27
CA ALA E 86 -57.49 12.38 7.83
C ALA E 86 -57.56 13.88 7.53
N ASP E 87 -57.24 14.19 6.27
CA ASP E 87 -57.39 15.53 5.63
C ASP E 87 -58.69 15.56 4.82
N TYR E 88 -59.55 16.55 5.08
CA TYR E 88 -60.88 16.65 4.44
C TYR E 88 -60.94 17.92 3.60
N TYR E 89 -61.22 17.74 2.31
CA TYR E 89 -61.28 18.84 1.31
C TYR E 89 -62.72 18.97 0.82
N CYS E 90 -63.21 20.20 0.68
CA CYS E 90 -64.48 20.48 -0.05
C CYS E 90 -64.17 21.06 -1.42
N SER E 91 -65.06 20.80 -2.36
CA SER E 91 -65.10 21.49 -3.68
C SER E 91 -66.54 21.95 -3.96
N SER E 92 -66.69 22.89 -4.88
CA SER E 92 -68.01 23.38 -5.36
C SER E 92 -67.81 23.89 -6.78
N TYR E 93 -68.71 23.54 -7.71
CA TYR E 93 -68.76 24.17 -9.06
C TYR E 93 -69.09 25.65 -8.89
N GLY E 94 -68.61 26.48 -9.81
CA GLY E 94 -68.86 27.94 -9.88
C GLY E 94 -69.50 28.33 -11.20
N ASP E 96 -68.53 29.53 -14.05
CA ASP E 96 -68.31 29.24 -15.49
C ASP E 96 -68.26 27.71 -15.70
N ASN E 97 -68.94 26.94 -14.85
CA ASN E 97 -68.77 25.48 -14.69
C ASN E 97 -67.34 25.17 -14.23
N ASN E 98 -66.66 26.15 -13.61
CA ASN E 98 -65.31 26.01 -13.00
C ASN E 98 -65.45 25.39 -11.60
N LEU E 99 -64.44 24.64 -11.15
CA LEU E 99 -64.40 23.89 -9.87
C LEU E 99 -63.56 24.67 -8.85
N PHE E 100 -64.11 24.97 -7.67
CA PHE E 100 -63.44 25.70 -6.57
C PHE E 100 -63.15 24.72 -5.41
N PHE E 101 -61.99 24.86 -4.78
CA PHE E 101 -61.49 23.93 -3.73
C PHE E 101 -61.25 24.70 -2.44
N GLY E 102 -61.51 24.06 -1.30
CA GLY E 102 -61.09 24.53 0.02
C GLY E 102 -59.65 24.15 0.32
N GLY E 103 -59.10 24.69 1.42
CA GLY E 103 -57.69 24.56 1.82
C GLY E 103 -57.44 23.26 2.57
N GLY E 104 -58.49 22.52 2.90
CA GLY E 104 -58.42 21.28 3.69
C GLY E 104 -58.56 21.52 5.19
N THR E 105 -59.16 20.55 5.90
CA THR E 105 -59.14 20.46 7.37
C THR E 105 -58.45 19.16 7.81
N LYS E 106 -57.40 19.29 8.61
CA LYS E 106 -56.77 18.15 9.32
C LYS E 106 -57.71 17.76 10.47
N VAL E 107 -58.32 16.59 10.38
CA VAL E 107 -59.16 16.08 11.50
C VAL E 107 -58.34 15.02 12.24
N THR E 108 -58.02 15.28 13.50
CA THR E 108 -57.32 14.33 14.39
C THR E 108 -58.34 13.66 15.30
N VAL E 109 -58.24 12.34 15.39
CA VAL E 109 -58.92 11.57 16.47
C VAL E 109 -57.92 11.48 17.63
N LEU E 110 -58.18 12.18 18.73
CA LEU E 110 -57.16 12.49 19.75
C LEU E 110 -56.59 11.19 20.28
N GLY E 111 -55.28 11.01 20.10
CA GLY E 111 -54.50 9.87 20.61
C GLY E 111 -53.82 10.19 21.92
N GLN E 112 -54.00 11.43 22.41
CA GLN E 112 -53.39 11.94 23.67
C GLN E 112 -54.02 13.28 24.02
N PRO E 113 -53.71 13.88 25.19
CA PRO E 113 -54.31 15.17 25.57
C PRO E 113 -53.93 16.33 24.63
N LYS E 114 -54.87 17.24 24.40
CA LYS E 114 -54.60 18.50 23.67
C LYS E 114 -53.51 19.23 24.45
N ALA E 115 -52.59 19.88 23.75
CA ALA E 115 -51.50 20.70 24.32
C ALA E 115 -51.27 21.87 23.37
N ALA E 116 -51.50 23.08 23.85
CA ALA E 116 -51.31 24.33 23.08
C ALA E 116 -49.81 24.51 22.88
N PRO E 117 -49.36 25.29 21.90
CA PRO E 117 -47.94 25.42 21.66
C PRO E 117 -47.26 26.46 22.56
N SER E 118 -46.02 26.19 22.96
N SER E 118 -46.02 26.18 22.97
CA SER E 118 -45.06 27.20 23.47
CA SER E 118 -45.06 27.20 23.46
C SER E 118 -44.51 27.96 22.26
C SER E 118 -44.55 27.96 22.24
N VAL E 119 -44.65 29.28 22.24
CA VAL E 119 -44.30 30.11 21.05
C VAL E 119 -43.23 31.08 21.52
N THR E 120 -42.09 31.12 20.82
CA THR E 120 -40.94 32.00 21.12
C THR E 120 -40.50 32.71 19.84
N LEU E 121 -40.62 34.03 19.82
CA LEU E 121 -40.31 34.85 18.63
C LEU E 121 -38.93 35.48 18.81
N PHE E 122 -37.98 35.13 17.94
CA PHE E 122 -36.56 35.57 18.05
C PHE E 122 -36.30 36.65 17.01
N PRO E 123 -35.79 37.82 17.44
CA PRO E 123 -35.44 38.89 16.53
C PRO E 123 -34.20 38.46 15.78
N PRO E 124 -33.72 39.24 14.78
CA PRO E 124 -32.52 38.87 14.05
C PRO E 124 -31.29 38.90 14.99
N SER E 125 -30.43 37.88 14.90
CA SER E 125 -29.16 37.76 15.67
C SER E 125 -28.17 38.78 15.11
N SER E 126 -27.25 39.25 15.93
CA SER E 126 -26.18 40.21 15.54
C SER E 126 -25.28 39.63 14.44
N GLU E 127 -25.13 38.29 14.36
CA GLU E 127 -24.24 37.68 13.34
C GLU E 127 -24.90 37.83 11.97
N GLU E 128 -26.16 37.37 11.82
CA GLU E 128 -26.84 37.35 10.50
C GLU E 128 -26.97 38.78 9.95
N LEU E 129 -27.22 39.78 10.82
CA LEU E 129 -27.34 41.20 10.41
C LEU E 129 -26.06 41.60 9.67
N GLN E 130 -24.90 41.13 10.15
CA GLN E 130 -23.57 41.38 9.55
C GLN E 130 -23.41 40.60 8.23
N ALA E 131 -24.35 39.73 7.87
CA ALA E 131 -24.41 39.01 6.58
C ALA E 131 -25.60 39.49 5.75
N ASN E 132 -26.18 40.64 6.09
CA ASN E 132 -27.20 41.35 5.27
C ASN E 132 -28.53 40.57 5.26
N LYS E 133 -28.81 39.84 6.36
CA LYS E 133 -30.04 39.01 6.56
C LYS E 133 -30.63 39.36 7.92
N ALA E 134 -31.95 39.58 8.00
CA ALA E 134 -32.68 39.87 9.25
C ALA E 134 -33.76 38.80 9.49
N THR E 135 -33.46 37.53 9.16
CA THR E 135 -34.40 36.39 9.34
C THR E 135 -34.88 36.35 10.78
N LEU E 136 -36.20 36.33 10.95
CA LEU E 136 -36.86 36.11 12.26
C LEU E 136 -37.21 34.63 12.33
N VAL E 137 -37.17 34.03 13.52
N VAL E 137 -37.18 34.06 13.53
CA VAL E 137 -37.63 32.62 13.74
CA VAL E 137 -37.61 32.65 13.82
C VAL E 137 -38.66 32.60 14.88
C VAL E 137 -38.69 32.67 14.89
N CYS E 138 -39.82 32.01 14.59
CA CYS E 138 -40.93 31.73 15.53
C CYS E 138 -40.84 30.25 15.93
N LEU E 139 -40.35 29.97 17.13
CA LEU E 139 -40.26 28.58 17.67
C LEU E 139 -41.60 28.24 18.31
N ILE E 140 -42.17 27.10 17.88
CA ILE E 140 -43.51 26.53 18.22
C ILE E 140 -43.28 25.06 18.64
N SER E 141 -43.42 24.73 19.94
CA SER E 141 -43.17 23.34 20.39
C SER E 141 -44.22 22.87 21.39
N ASP E 142 -44.13 21.59 21.77
CA ASP E 142 -44.94 20.98 22.85
C ASP E 142 -46.43 21.07 22.51
N PHE E 143 -46.84 20.85 21.26
CA PHE E 143 -48.29 20.90 20.87
C PHE E 143 -48.82 19.55 20.37
N TYR E 144 -50.10 19.35 20.62
CA TYR E 144 -50.87 18.19 20.10
C TYR E 144 -52.30 18.65 19.93
N PRO E 145 -53.03 18.29 18.85
CA PRO E 145 -52.50 17.57 17.69
C PRO E 145 -51.44 18.35 16.89
N GLY E 146 -50.77 17.67 15.97
CA GLY E 146 -49.58 18.20 15.26
C GLY E 146 -49.96 18.98 14.01
N ALA E 147 -50.92 19.90 14.14
CA ALA E 147 -51.42 20.79 13.07
C ALA E 147 -51.43 22.21 13.60
N VAL E 148 -50.82 23.12 12.88
CA VAL E 148 -50.69 24.54 13.30
C VAL E 148 -50.76 25.41 12.03
N THR E 149 -51.28 26.63 12.14
CA THR E 149 -51.15 27.63 11.05
C THR E 149 -50.49 28.86 11.65
N VAL E 150 -49.70 29.56 10.85
CA VAL E 150 -48.82 30.67 11.32
C VAL E 150 -49.08 31.89 10.43
N ALA E 151 -49.34 33.03 11.09
CA ALA E 151 -49.58 34.34 10.45
C ALA E 151 -48.49 35.29 10.94
N TRP E 152 -47.79 35.93 10.01
CA TRP E 152 -46.81 36.99 10.31
C TRP E 152 -47.47 38.35 10.07
N LYS E 153 -47.15 39.32 10.93
CA LYS E 153 -47.58 40.74 10.80
C LYS E 153 -46.34 41.64 10.84
N ALA E 154 -46.20 42.47 9.79
CA ALA E 154 -45.40 43.71 9.77
C ALA E 154 -46.25 44.84 10.39
N ASP E 155 -45.94 45.19 11.64
CA ASP E 155 -46.72 46.13 12.50
C ASP E 155 -48.10 45.48 12.68
N SER E 156 -48.97 45.66 11.68
CA SER E 156 -50.32 45.04 11.66
C SER E 156 -50.81 44.96 10.20
N SER E 157 -50.12 44.16 9.39
CA SER E 157 -50.49 43.82 7.99
C SER E 157 -49.85 42.47 7.64
N PRO E 158 -50.63 41.48 7.13
CA PRO E 158 -50.05 40.20 6.72
C PRO E 158 -48.85 40.38 5.77
N VAL E 159 -48.00 39.35 5.70
CA VAL E 159 -46.83 39.27 4.77
C VAL E 159 -46.78 37.84 4.22
N LYS E 160 -46.98 37.67 2.91
CA LYS E 160 -47.05 36.34 2.26
C LYS E 160 -45.65 35.90 1.84
N ALA E 161 -44.92 36.81 1.19
CA ALA E 161 -43.51 36.61 0.78
C ALA E 161 -42.62 36.54 2.02
N GLY E 162 -41.60 35.69 1.98
CA GLY E 162 -40.54 35.63 3.00
C GLY E 162 -40.81 34.54 4.03
N VAL E 163 -42.01 33.94 4.02
CA VAL E 163 -42.54 33.05 5.09
C VAL E 163 -42.29 31.58 4.73
N GLU E 164 -41.68 30.80 5.64
CA GLU E 164 -41.53 29.32 5.57
C GLU E 164 -41.83 28.68 6.93
N THR E 165 -42.65 27.62 6.94
CA THR E 165 -42.96 26.86 8.17
C THR E 165 -42.66 25.39 7.92
N THR E 166 -41.95 24.76 8.85
CA THR E 166 -41.56 23.33 8.74
C THR E 166 -42.78 22.47 9.08
N THR E 167 -42.82 21.24 8.60
CA THR E 167 -43.85 20.24 8.96
C THR E 167 -43.68 19.86 10.43
N PRO E 168 -44.72 20.06 11.27
CA PRO E 168 -44.63 19.63 12.66
C PRO E 168 -44.05 18.21 12.67
N SER E 169 -43.07 17.96 13.54
CA SER E 169 -42.55 16.59 13.79
C SER E 169 -42.70 16.27 15.28
N LYS E 170 -42.86 15.00 15.59
CA LYS E 170 -43.06 14.53 16.98
C LYS E 170 -41.68 14.40 17.62
N GLN E 171 -41.48 15.09 18.74
CA GLN E 171 -40.20 15.16 19.48
C GLN E 171 -40.17 14.06 20.55
N SER E 172 -39.12 14.05 21.36
CA SER E 172 -38.82 13.01 22.39
C SER E 172 -39.98 12.91 23.37
N ASN E 173 -40.73 14.01 23.58
CA ASN E 173 -41.81 14.08 24.61
C ASN E 173 -43.18 13.70 24.01
N ASN E 174 -43.18 13.06 22.83
CA ASN E 174 -44.38 12.68 22.04
C ASN E 174 -45.28 13.90 21.80
N LYS E 175 -44.73 15.12 21.80
CA LYS E 175 -45.47 16.32 21.34
C LYS E 175 -44.74 16.94 20.12
N TYR E 176 -45.45 17.73 19.34
CA TYR E 176 -44.98 18.21 18.01
C TYR E 176 -44.21 19.53 18.13
N ALA E 177 -43.23 19.74 17.26
CA ALA E 177 -42.49 21.01 17.19
C ALA E 177 -42.36 21.40 15.73
N ALA E 178 -42.42 22.71 15.50
CA ALA E 178 -42.22 23.36 14.18
C ALA E 178 -41.50 24.68 14.42
N SER E 179 -40.91 25.25 13.36
CA SER E 179 -40.40 26.64 13.37
C SER E 179 -40.93 27.34 12.11
N SER E 180 -41.40 28.58 12.26
CA SER E 180 -41.61 29.53 11.15
C SER E 180 -40.47 30.54 11.16
N TYR E 181 -39.89 30.83 10.00
CA TYR E 181 -38.86 31.88 9.84
C TYR E 181 -39.28 32.82 8.71
N LEU E 182 -39.28 34.12 8.99
CA LEU E 182 -39.53 35.22 8.03
C LEU E 182 -38.17 35.79 7.65
N SER E 183 -37.78 35.59 6.39
CA SER E 183 -36.44 35.92 5.84
CA SER E 183 -36.44 35.93 5.85
C SER E 183 -36.40 37.38 5.39
N LEU E 184 -36.34 38.32 6.33
CA LEU E 184 -36.31 39.77 6.03
C LEU E 184 -34.86 40.17 5.67
N THR E 185 -34.73 41.30 4.96
CA THR E 185 -33.46 42.06 4.79
C THR E 185 -33.37 43.09 5.91
N PRO E 186 -32.15 43.55 6.25
CA PRO E 186 -31.98 44.63 7.24
C PRO E 186 -32.79 45.89 6.91
N GLU E 187 -32.93 46.22 5.62
CA GLU E 187 -33.82 47.31 5.13
C GLU E 187 -35.22 47.07 5.70
N GLN E 188 -35.82 45.96 5.28
CA GLN E 188 -37.21 45.55 5.62
C GLN E 188 -37.37 45.50 7.15
N TRP E 189 -36.45 44.85 7.87
CA TRP E 189 -36.56 44.63 9.34
C TRP E 189 -36.53 45.97 10.08
N LYS E 190 -35.73 46.94 9.59
CA LYS E 190 -35.46 48.22 10.30
C LYS E 190 -36.48 49.29 9.86
N SER E 191 -37.03 49.18 8.64
CA SER E 191 -38.00 50.13 8.06
C SER E 191 -39.36 50.08 8.78
N HIS E 192 -39.84 48.89 9.17
CA HIS E 192 -41.13 48.70 9.90
C HIS E 192 -40.89 48.85 11.40
N ARG E 193 -41.94 49.10 12.19
CA ARG E 193 -41.84 49.46 13.63
C ARG E 193 -41.55 48.20 14.46
N SER E 194 -42.39 47.16 14.33
CA SER E 194 -42.20 45.86 15.04
C SER E 194 -42.92 44.76 14.26
N TYR E 195 -42.52 43.51 14.48
CA TYR E 195 -43.06 42.29 13.82
C TYR E 195 -43.64 41.36 14.89
N SER E 196 -44.62 40.57 14.47
CA SER E 196 -45.44 39.68 15.33
C SER E 196 -45.56 38.29 14.69
N CYS E 197 -45.45 37.23 15.48
CA CYS E 197 -45.79 35.84 15.07
C CYS E 197 -47.09 35.43 15.77
N GLN E 198 -48.11 35.13 14.97
CA GLN E 198 -49.43 34.60 15.39
C GLN E 198 -49.49 33.12 15.02
N VAL E 199 -49.70 32.23 15.98
CA VAL E 199 -49.80 30.75 15.74
C VAL E 199 -51.22 30.30 16.09
N THR E 200 -51.91 29.60 15.18
CA THR E 200 -53.27 29.08 15.44
C THR E 200 -53.15 27.57 15.66
N HIS E 201 -53.74 27.09 16.74
CA HIS E 201 -53.76 25.65 17.10
C HIS E 201 -55.11 25.36 17.71
N GLU E 202 -55.83 24.36 17.21
CA GLU E 202 -57.11 23.95 17.81
C GLU E 202 -57.99 25.21 17.90
N GLY E 203 -58.00 26.00 16.82
CA GLY E 203 -58.90 27.16 16.64
C GLY E 203 -58.58 28.34 17.57
N SER E 204 -57.52 28.27 18.38
CA SER E 204 -57.16 29.34 19.35
C SER E 204 -55.76 29.89 19.02
N THR E 205 -55.51 31.18 19.27
CA THR E 205 -54.31 31.91 18.74
C THR E 205 -53.39 32.35 19.88
N VAL E 206 -52.12 32.54 19.53
CA VAL E 206 -51.02 33.08 20.37
C VAL E 206 -50.31 34.13 19.51
N GLU E 207 -50.21 35.39 19.93
CA GLU E 207 -49.41 36.41 19.18
C GLU E 207 -48.22 36.81 20.04
N LYS E 208 -47.02 36.70 19.44
CA LYS E 208 -45.72 37.15 20.00
C LYS E 208 -45.23 38.30 19.12
N THR E 209 -44.54 39.28 19.71
CA THR E 209 -44.08 40.50 19.00
C THR E 209 -42.67 40.90 19.48
N VAL E 210 -41.86 41.40 18.54
CA VAL E 210 -40.44 41.84 18.72
C VAL E 210 -40.20 43.07 17.84
N ALA E 211 -39.38 44.02 18.32
CA ALA E 211 -39.00 45.26 17.62
C ALA E 211 -37.49 45.44 17.60
N PRO E 212 -36.91 46.10 16.57
CA PRO E 212 -35.49 46.45 16.57
C PRO E 212 -35.17 47.53 17.62
N THR E 213 -34.28 47.22 18.57
CA THR E 213 -33.88 48.12 19.70
C THR E 213 -32.56 48.84 19.38
N SER F 2 -63.49 0.94 -6.61
CA SER F 2 -62.71 0.67 -7.86
C SER F 2 -61.63 1.75 -8.05
N ALA F 3 -60.36 1.39 -7.82
CA ALA F 3 -59.20 2.30 -7.94
C ALA F 3 -58.67 2.26 -9.38
N LEU F 4 -58.57 3.43 -10.03
CA LEU F 4 -57.75 3.58 -11.27
C LEU F 4 -56.35 3.06 -10.94
N THR F 5 -55.64 2.55 -11.95
CA THR F 5 -54.33 1.88 -11.82
C THR F 5 -53.24 2.84 -12.28
N GLN F 6 -52.37 3.27 -11.35
CA GLN F 6 -51.16 4.07 -11.65
C GLN F 6 -49.95 3.26 -11.19
N PRO F 7 -48.80 3.31 -11.90
CA PRO F 7 -47.57 2.69 -11.41
C PRO F 7 -47.17 3.36 -10.08
N PRO F 8 -46.66 2.61 -9.07
CA PRO F 8 -46.34 3.23 -7.78
C PRO F 8 -45.27 4.33 -7.89
N SER F 9 -44.33 4.19 -8.84
CA SER F 9 -43.15 5.08 -8.95
C SER F 9 -42.80 5.34 -10.42
N ALA F 10 -42.24 6.51 -10.69
CA ALA F 10 -41.63 6.89 -11.98
C ALA F 10 -40.53 7.88 -11.67
N SER F 11 -39.65 8.12 -12.62
CA SER F 11 -38.42 8.90 -12.37
C SER F 11 -37.83 9.45 -13.69
N GLY F 12 -37.03 10.49 -13.55
CA GLY F 12 -36.32 11.19 -14.63
C GLY F 12 -35.27 12.10 -14.03
N SER F 13 -34.30 12.52 -14.85
CA SER F 13 -33.21 13.46 -14.50
C SER F 13 -33.69 14.87 -14.86
N PRO F 14 -33.13 15.90 -14.21
CA PRO F 14 -33.51 17.29 -14.50
C PRO F 14 -33.41 17.54 -16.01
N GLY F 15 -34.47 18.09 -16.63
CA GLY F 15 -34.48 18.50 -18.05
C GLY F 15 -35.12 17.46 -18.96
N GLN F 16 -35.11 16.18 -18.57
CA GLN F 16 -35.77 15.05 -19.28
C GLN F 16 -37.30 15.07 -19.08
N SER F 17 -37.97 14.04 -19.60
CA SER F 17 -39.45 13.90 -19.54
C SER F 17 -39.83 12.60 -18.82
N VAL F 18 -40.95 12.62 -18.13
CA VAL F 18 -41.53 11.37 -17.59
C VAL F 18 -42.99 11.31 -18.04
N THR F 19 -43.46 10.12 -18.37
CA THR F 19 -44.87 9.87 -18.73
C THR F 19 -45.44 8.84 -17.77
N ILE F 20 -46.56 9.16 -17.14
CA ILE F 20 -47.26 8.24 -16.22
C ILE F 20 -48.66 7.99 -16.78
N SER F 21 -49.13 6.76 -16.54
CA SER F 21 -50.38 6.22 -17.12
C SER F 21 -51.41 6.08 -16.01
N CYS F 22 -52.67 6.12 -16.37
CA CYS F 22 -53.80 5.98 -15.44
C CYS F 22 -54.82 5.10 -16.14
N THR F 23 -54.95 3.83 -15.75
CA THR F 23 -55.82 2.86 -16.46
C THR F 23 -57.13 2.69 -15.70
N GLY F 24 -58.25 2.95 -16.38
CA GLY F 24 -59.59 2.70 -15.84
C GLY F 24 -60.39 1.73 -16.69
N THR F 25 -61.71 1.88 -16.69
CA THR F 25 -62.67 1.01 -17.42
C THR F 25 -63.35 1.85 -18.50
N SER F 26 -64.01 1.20 -19.47
CA SER F 26 -64.80 1.81 -20.58
C SER F 26 -65.78 2.85 -20.02
N SER F 27 -66.26 2.69 -18.78
CA SER F 27 -67.30 3.56 -18.15
C SER F 27 -66.70 4.67 -17.25
N ASP F 28 -65.38 4.77 -17.09
CA ASP F 28 -64.75 5.92 -16.38
C ASP F 28 -63.77 6.60 -17.33
N VAL F 29 -62.49 6.26 -17.27
CA VAL F 29 -61.45 6.90 -18.14
C VAL F 29 -61.92 6.82 -19.60
N GLY F 30 -62.49 5.68 -20.03
CA GLY F 30 -62.94 5.45 -21.42
C GLY F 30 -64.27 6.13 -21.74
N GLY F 31 -65.10 6.44 -20.74
CA GLY F 31 -66.53 6.81 -20.92
C GLY F 31 -66.77 8.28 -21.26
N SER F 32 -65.78 9.17 -21.10
CA SER F 32 -65.92 10.63 -21.28
C SER F 32 -64.58 11.34 -21.04
N ASP F 33 -64.59 12.67 -21.17
CA ASP F 33 -63.40 13.54 -21.15
C ASP F 33 -63.35 14.29 -19.81
N SER F 34 -63.36 13.56 -18.70
CA SER F 34 -63.37 14.13 -17.33
C SER F 34 -62.24 13.50 -16.50
N VAL F 35 -61.11 13.20 -17.14
CA VAL F 35 -59.85 12.85 -16.42
C VAL F 35 -59.18 14.11 -15.89
N SER F 36 -58.87 14.08 -14.60
CA SER F 36 -58.05 15.12 -13.92
C SER F 36 -56.74 14.52 -13.41
N TRP F 37 -55.71 15.37 -13.35
CA TRP F 37 -54.44 15.09 -12.66
C TRP F 37 -54.20 16.16 -11.58
N TYR F 38 -53.69 15.69 -10.44
CA TYR F 38 -53.28 16.46 -9.26
C TYR F 38 -51.81 16.17 -8.95
N GLN F 39 -51.09 17.22 -8.56
CA GLN F 39 -49.74 17.11 -7.98
C GLN F 39 -49.83 17.45 -6.48
N GLN F 40 -49.30 16.56 -5.65
CA GLN F 40 -49.25 16.78 -4.19
C GLN F 40 -47.82 16.59 -3.70
N HIS F 41 -47.30 17.62 -3.05
CA HIS F 41 -46.08 17.53 -2.21
C HIS F 41 -46.48 16.95 -0.86
N PRO F 42 -45.74 15.94 -0.34
CA PRO F 42 -45.96 15.42 1.01
C PRO F 42 -46.28 16.49 2.07
N GLY F 43 -47.36 16.26 2.81
CA GLY F 43 -47.90 17.19 3.82
C GLY F 43 -48.42 18.51 3.28
N LYS F 44 -48.72 18.62 1.98
CA LYS F 44 -49.26 19.85 1.35
C LYS F 44 -50.59 19.55 0.67
N ALA F 45 -51.46 20.56 0.53
CA ALA F 45 -52.64 20.52 -0.35
C ALA F 45 -52.20 20.13 -1.76
N PRO F 46 -53.00 19.32 -2.49
CA PRO F 46 -52.71 19.04 -3.89
C PRO F 46 -52.99 20.27 -4.76
N LYS F 47 -52.46 20.27 -5.98
CA LYS F 47 -52.74 21.29 -7.02
C LYS F 47 -53.31 20.58 -8.27
N LEU F 48 -54.38 21.13 -8.84
CA LEU F 48 -54.95 20.63 -10.10
C LEU F 48 -54.04 21.05 -11.24
N ILE F 49 -53.52 20.09 -12.02
CA ILE F 49 -52.57 20.44 -13.12
C ILE F 49 -53.21 20.15 -14.48
N ILE F 50 -54.23 19.28 -14.53
CA ILE F 50 -54.98 18.93 -15.77
C ILE F 50 -56.43 18.64 -15.40
N TYR F 51 -57.40 19.15 -16.18
CA TYR F 51 -58.82 18.75 -16.11
C TYR F 51 -59.29 18.45 -17.53
N GLU F 52 -60.38 17.70 -17.66
CA GLU F 52 -61.01 17.29 -18.94
C GLU F 52 -59.94 16.72 -19.88
N VAL F 53 -59.07 15.84 -19.37
CA VAL F 53 -58.01 15.06 -20.08
C VAL F 53 -56.74 15.85 -20.47
N SER F 54 -56.86 17.12 -20.89
CA SER F 54 -55.75 17.83 -21.59
C SER F 54 -55.64 19.29 -21.15
N GLN F 55 -56.64 19.81 -20.44
CA GLN F 55 -56.77 21.26 -20.12
C GLN F 55 -55.95 21.61 -18.87
N ARG F 56 -54.97 22.52 -18.99
CA ARG F 56 -54.20 23.08 -17.84
C ARG F 56 -54.92 24.28 -17.24
N PRO F 57 -55.10 24.35 -15.91
CA PRO F 57 -55.57 25.60 -15.32
C PRO F 57 -54.51 26.70 -15.46
N SER F 58 -54.95 27.97 -15.30
CA SER F 58 -54.10 29.18 -15.23
C SER F 58 -52.98 28.95 -14.20
N GLY F 59 -51.75 29.30 -14.57
CA GLY F 59 -50.55 29.22 -13.72
C GLY F 59 -49.85 27.86 -13.82
N VAL F 60 -50.41 26.89 -14.55
CA VAL F 60 -49.75 25.56 -14.78
C VAL F 60 -48.96 25.63 -16.07
N PRO F 61 -47.62 25.45 -16.03
CA PRO F 61 -46.79 25.66 -17.22
C PRO F 61 -47.12 24.58 -18.27
N ASN F 62 -46.76 24.86 -19.52
CA ASN F 62 -47.11 24.05 -20.72
C ASN F 62 -46.26 22.78 -20.82
N ARG F 63 -45.36 22.53 -19.87
CA ARG F 63 -44.53 21.29 -19.82
C ARG F 63 -45.38 20.13 -19.24
N PHE F 64 -46.56 20.42 -18.73
CA PHE F 64 -47.53 19.38 -18.31
C PHE F 64 -48.55 19.16 -19.43
N SER F 65 -48.57 17.96 -20.02
CA SER F 65 -49.50 17.60 -21.13
C SER F 65 -50.29 16.35 -20.79
N GLY F 66 -51.62 16.47 -20.81
CA GLY F 66 -52.56 15.38 -20.51
C GLY F 66 -53.18 14.83 -21.78
N SER F 67 -53.33 13.50 -21.85
CA SER F 67 -53.88 12.77 -23.02
C SER F 67 -54.60 11.48 -22.57
N LYS F 68 -55.33 10.90 -23.51
CA LYS F 68 -56.23 9.75 -23.28
C LYS F 68 -56.16 8.85 -24.51
N SER F 69 -55.92 7.55 -24.33
CA SER F 69 -56.05 6.55 -25.42
C SER F 69 -56.85 5.35 -24.88
N GLY F 70 -58.10 5.20 -25.34
CA GLY F 70 -59.01 4.14 -24.87
C GLY F 70 -59.28 4.28 -23.39
N ASN F 71 -58.96 3.26 -22.57
CA ASN F 71 -59.25 3.25 -21.10
C ASN F 71 -58.07 3.78 -20.26
N THR F 72 -56.99 4.26 -20.90
CA THR F 72 -55.74 4.72 -20.23
C THR F 72 -55.46 6.18 -20.57
N ALA F 73 -55.44 7.04 -19.54
CA ALA F 73 -54.99 8.45 -19.61
C ALA F 73 -53.52 8.53 -19.22
N SER F 74 -52.78 9.47 -19.81
CA SER F 74 -51.33 9.68 -19.58
C SER F 74 -51.02 11.14 -19.29
N LEU F 75 -50.11 11.36 -18.33
CA LEU F 75 -49.53 12.68 -18.02
C LEU F 75 -48.04 12.63 -18.39
N THR F 76 -47.63 13.58 -19.24
CA THR F 76 -46.21 13.79 -19.63
C THR F 76 -45.77 15.10 -18.97
N VAL F 77 -44.71 15.00 -18.16
CA VAL F 77 -43.98 16.17 -17.63
C VAL F 77 -42.68 16.30 -18.43
N SER F 78 -42.57 17.35 -19.24
CA SER F 78 -41.32 17.73 -19.93
C SER F 78 -40.52 18.70 -19.05
N GLY F 79 -39.21 18.77 -19.30
CA GLY F 79 -38.27 19.72 -18.68
C GLY F 79 -38.28 19.57 -17.19
N LEU F 80 -38.08 18.35 -16.68
CA LEU F 80 -38.24 17.99 -15.25
C LEU F 80 -37.41 18.96 -14.39
N GLN F 81 -38.01 19.40 -13.30
CA GLN F 81 -37.45 20.38 -12.35
C GLN F 81 -37.67 19.80 -10.95
N ALA F 82 -36.81 20.20 -10.00
CA ALA F 82 -36.84 19.74 -8.60
C ALA F 82 -38.27 19.81 -8.04
N GLU F 83 -38.98 20.92 -8.30
CA GLU F 83 -40.35 21.16 -7.75
C GLU F 83 -41.37 20.14 -8.31
N ASP F 84 -41.05 19.42 -9.39
CA ASP F 84 -41.97 18.42 -9.99
C ASP F 84 -41.91 17.12 -9.20
N ASP F 85 -40.95 17.02 -8.26
CA ASP F 85 -40.73 15.80 -7.46
C ASP F 85 -41.88 15.71 -6.46
N ALA F 86 -42.82 14.82 -6.71
CA ALA F 86 -44.10 14.85 -5.96
C ALA F 86 -44.90 13.59 -6.23
N ASP F 87 -46.01 13.45 -5.52
CA ASP F 87 -47.07 12.44 -5.79
C ASP F 87 -48.04 13.01 -6.85
N TYR F 88 -48.35 12.21 -7.87
CA TYR F 88 -49.37 12.59 -8.88
C TYR F 88 -50.53 11.59 -8.88
N TYR F 89 -51.74 12.13 -8.72
CA TYR F 89 -53.02 11.38 -8.73
C TYR F 89 -53.81 11.70 -10.00
N CYS F 90 -54.36 10.67 -10.62
CA CYS F 90 -55.40 10.83 -11.67
C CYS F 90 -56.79 10.59 -11.07
N SER F 91 -57.82 11.21 -11.64
CA SER F 91 -59.24 10.94 -11.31
C SER F 91 -60.06 10.94 -12.59
N SER F 92 -61.21 10.25 -12.55
CA SER F 92 -62.22 10.25 -13.62
C SER F 92 -63.59 10.05 -12.98
N TYR F 93 -64.60 10.84 -13.36
CA TYR F 93 -66.02 10.51 -13.09
C TYR F 93 -66.35 9.22 -13.86
N GLY F 94 -67.33 8.46 -13.41
CA GLY F 94 -67.98 7.40 -14.21
C GLY F 94 -69.45 7.71 -14.40
N GLY F 95 -70.26 6.67 -14.60
CA GLY F 95 -71.71 6.71 -14.37
C GLY F 95 -72.00 6.64 -12.88
N ASP F 96 -73.22 6.99 -12.47
CA ASP F 96 -73.75 6.82 -11.09
C ASP F 96 -73.07 7.82 -10.14
N ASN F 97 -72.72 9.01 -10.63
CA ASN F 97 -72.14 10.12 -9.83
C ASN F 97 -70.82 9.68 -9.18
N ASN F 98 -70.21 8.60 -9.68
CA ASN F 98 -68.99 7.97 -9.11
C ASN F 98 -67.78 8.87 -9.41
N LEU F 99 -66.86 9.03 -8.47
CA LEU F 99 -65.53 9.63 -8.78
C LEU F 99 -64.45 8.63 -8.40
N PHE F 100 -63.59 8.28 -9.35
CA PHE F 100 -62.52 7.28 -9.15
C PHE F 100 -61.18 8.02 -9.06
N PHE F 101 -60.34 7.59 -8.13
CA PHE F 101 -58.93 8.04 -8.05
C PHE F 101 -57.99 6.86 -8.26
N GLY F 102 -56.86 7.11 -8.91
CA GLY F 102 -55.71 6.20 -8.97
C GLY F 102 -54.98 6.18 -7.65
N GLY F 103 -54.08 5.22 -7.46
CA GLY F 103 -53.27 5.08 -6.23
C GLY F 103 -52.17 6.13 -6.08
N GLY F 104 -51.87 6.90 -7.13
CA GLY F 104 -50.84 7.95 -7.08
C GLY F 104 -49.52 7.41 -7.56
N THR F 105 -48.83 8.14 -8.43
CA THR F 105 -47.43 7.86 -8.80
C THR F 105 -46.53 8.87 -8.07
N LYS F 106 -45.56 8.36 -7.32
CA LYS F 106 -44.43 9.15 -6.79
C LYS F 106 -43.44 9.41 -7.92
N VAL F 107 -43.33 10.65 -8.36
CA VAL F 107 -42.34 11.06 -9.41
C VAL F 107 -41.08 11.55 -8.68
N THR F 108 -39.96 10.83 -8.84
CA THR F 108 -38.61 11.21 -8.36
C THR F 108 -37.87 11.98 -9.46
N VAL F 109 -37.43 13.19 -9.15
CA VAL F 109 -36.47 13.96 -9.98
C VAL F 109 -35.08 13.55 -9.50
N LEU F 110 -34.44 12.66 -10.25
CA LEU F 110 -33.16 12.04 -9.85
C LEU F 110 -32.08 13.12 -9.69
N GLY F 111 -31.11 12.87 -8.81
CA GLY F 111 -29.78 13.49 -8.82
C GLY F 111 -29.85 14.98 -8.60
N GLN F 112 -30.58 15.42 -7.58
CA GLN F 112 -30.72 16.85 -7.23
C GLN F 112 -29.39 17.30 -6.61
N PRO F 113 -28.98 18.58 -6.80
CA PRO F 113 -27.67 19.05 -6.35
C PRO F 113 -27.50 18.96 -4.82
N LYS F 114 -26.35 18.47 -4.36
CA LYS F 114 -25.94 18.49 -2.93
C LYS F 114 -25.82 19.95 -2.49
N ALA F 115 -26.24 20.27 -1.27
CA ALA F 115 -26.30 21.66 -0.77
C ALA F 115 -26.04 21.70 0.76
N ALA F 116 -25.01 22.45 1.17
CA ALA F 116 -24.60 22.62 2.58
C ALA F 116 -25.63 23.49 3.30
N PRO F 117 -25.86 23.30 4.61
CA PRO F 117 -26.85 24.09 5.33
C PRO F 117 -26.41 25.52 5.73
N SER F 118 -27.32 26.50 5.65
CA SER F 118 -27.19 27.83 6.32
C SER F 118 -27.64 27.65 7.76
N VAL F 119 -26.76 28.03 8.68
CA VAL F 119 -27.02 27.91 10.13
C VAL F 119 -27.02 29.32 10.73
N THR F 120 -28.04 29.58 11.54
CA THR F 120 -28.24 30.85 12.26
C THR F 120 -28.61 30.47 13.68
N LEU F 121 -27.80 30.90 14.65
CA LEU F 121 -28.09 30.68 16.09
C LEU F 121 -28.72 31.97 16.63
N PHE F 122 -29.72 31.83 17.50
CA PHE F 122 -30.44 32.95 18.19
C PHE F 122 -30.33 32.78 19.70
N PRO F 123 -29.77 33.77 20.44
CA PRO F 123 -29.80 33.75 21.89
C PRO F 123 -31.23 33.93 22.40
N PRO F 124 -31.48 33.83 23.73
CA PRO F 124 -32.83 34.06 24.27
C PRO F 124 -33.32 35.49 24.08
N SER F 125 -34.52 35.64 23.47
CA SER F 125 -35.23 36.94 23.29
C SER F 125 -35.45 37.58 24.66
N SER F 126 -35.44 38.92 24.73
CA SER F 126 -35.79 39.70 25.94
C SER F 126 -37.12 39.16 26.50
N GLU F 127 -38.10 39.00 25.61
CA GLU F 127 -39.49 38.56 25.91
C GLU F 127 -39.48 37.21 26.67
N GLU F 128 -38.68 36.24 26.22
CA GLU F 128 -38.66 34.88 26.84
C GLU F 128 -37.83 34.94 28.12
N LEU F 129 -36.74 35.72 28.12
CA LEU F 129 -35.91 35.96 29.33
C LEU F 129 -36.79 36.54 30.44
N GLN F 130 -37.66 37.51 30.10
CA GLN F 130 -38.62 38.14 31.04
C GLN F 130 -39.58 37.08 31.60
N ALA F 131 -39.85 36.02 30.85
CA ALA F 131 -40.79 34.92 31.20
C ALA F 131 -40.06 33.75 31.87
N ASN F 132 -38.80 33.96 32.28
CA ASN F 132 -37.95 33.00 33.05
C ASN F 132 -37.57 31.79 32.17
N LYS F 133 -37.45 32.01 30.86
CA LYS F 133 -37.10 30.98 29.85
C LYS F 133 -35.90 31.50 29.04
N ALA F 134 -35.00 30.61 28.61
CA ALA F 134 -33.75 30.99 27.94
C ALA F 134 -33.44 30.02 26.80
N THR F 135 -34.49 29.51 26.14
CA THR F 135 -34.40 28.62 24.95
C THR F 135 -33.55 29.25 23.83
N LEU F 136 -32.61 28.47 23.26
CA LEU F 136 -31.80 28.84 22.07
C LEU F 136 -32.37 28.09 20.86
N VAL F 137 -32.41 28.73 19.70
CA VAL F 137 -32.84 28.08 18.44
C VAL F 137 -31.68 28.14 17.47
N CYS F 138 -31.41 26.99 16.85
CA CYS F 138 -30.49 26.81 15.71
C CYS F 138 -31.34 26.59 14.48
N LEU F 139 -31.52 27.63 13.66
CA LEU F 139 -32.26 27.51 12.37
C LEU F 139 -31.28 26.96 11.34
N ILE F 140 -31.61 25.80 10.75
CA ILE F 140 -30.82 25.10 9.70
C ILE F 140 -31.69 25.01 8.44
N SER F 141 -31.38 25.78 7.39
CA SER F 141 -32.18 25.82 6.14
C SER F 141 -31.29 25.63 4.90
N ASP F 142 -31.92 25.42 3.75
CA ASP F 142 -31.32 25.44 2.38
C ASP F 142 -30.39 24.25 2.17
N PHE F 143 -30.61 23.13 2.86
CA PHE F 143 -29.70 21.95 2.73
C PHE F 143 -30.36 20.82 1.93
N TYR F 144 -29.54 19.95 1.36
CA TYR F 144 -29.98 18.79 0.56
C TYR F 144 -28.83 17.79 0.45
N PRO F 145 -29.00 16.46 0.61
CA PRO F 145 -30.27 15.83 0.98
C PRO F 145 -30.72 16.10 2.43
N GLY F 146 -31.84 15.50 2.86
CA GLY F 146 -32.62 15.88 4.06
C GLY F 146 -32.22 15.08 5.30
N ALA F 147 -30.93 15.11 5.64
CA ALA F 147 -30.34 14.42 6.80
C ALA F 147 -29.29 15.34 7.42
N VAL F 148 -29.44 15.65 8.72
CA VAL F 148 -28.46 16.46 9.50
C VAL F 148 -28.30 15.84 10.88
N THR F 149 -27.16 16.10 11.51
CA THR F 149 -26.94 15.87 12.95
C THR F 149 -26.47 17.18 13.56
N VAL F 150 -26.92 17.41 14.78
CA VAL F 150 -26.67 18.64 15.57
C VAL F 150 -26.05 18.22 16.89
N ALA F 151 -24.95 18.86 17.28
CA ALA F 151 -24.40 18.79 18.65
C ALA F 151 -24.46 20.19 19.24
N TRP F 152 -24.71 20.29 20.54
CA TRP F 152 -24.62 21.59 21.23
C TRP F 152 -23.40 21.58 22.14
N LYS F 153 -22.83 22.77 22.35
CA LYS F 153 -21.69 23.02 23.26
C LYS F 153 -22.06 24.11 24.24
N ALA F 154 -21.67 23.93 25.49
CA ALA F 154 -21.67 24.95 26.54
C ALA F 154 -20.21 25.29 26.81
N ASP F 155 -19.83 26.54 26.55
CA ASP F 155 -18.39 26.92 26.40
C ASP F 155 -17.81 25.92 25.38
N SER F 156 -16.80 25.12 25.74
CA SER F 156 -16.25 24.05 24.87
C SER F 156 -16.83 22.67 25.24
N SER F 157 -17.77 22.59 26.18
CA SER F 157 -18.23 21.27 26.72
C SER F 157 -19.49 20.78 26.00
N PRO F 158 -19.59 19.47 25.71
CA PRO F 158 -20.78 18.91 25.08
C PRO F 158 -21.99 19.07 26.01
N VAL F 159 -23.10 19.54 25.44
CA VAL F 159 -24.45 19.54 26.06
C VAL F 159 -25.08 18.18 25.74
N LYS F 160 -25.60 17.48 26.75
CA LYS F 160 -26.20 16.13 26.55
C LYS F 160 -27.73 16.18 26.80
N ALA F 161 -28.22 17.25 27.44
CA ALA F 161 -29.61 17.38 27.96
C ALA F 161 -30.31 18.61 27.38
N GLY F 162 -31.63 18.50 27.16
CA GLY F 162 -32.49 19.63 26.77
C GLY F 162 -32.42 19.92 25.27
N VAL F 163 -31.84 19.02 24.47
CA VAL F 163 -31.72 19.20 23.00
C VAL F 163 -32.94 18.56 22.33
N GLU F 164 -33.58 19.26 21.40
CA GLU F 164 -34.55 18.67 20.44
C GLU F 164 -34.19 19.18 19.04
N THR F 165 -34.17 18.32 18.04
CA THR F 165 -34.05 18.74 16.63
C THR F 165 -35.26 18.23 15.87
N THR F 166 -35.98 19.14 15.20
CA THR F 166 -37.16 18.77 14.37
C THR F 166 -36.65 17.90 13.20
N THR F 167 -37.53 17.04 12.66
CA THR F 167 -37.31 16.19 11.46
C THR F 167 -37.25 17.11 10.23
N PRO F 168 -36.22 17.02 9.37
CA PRO F 168 -36.08 17.94 8.25
C PRO F 168 -37.34 17.95 7.37
N SER F 169 -37.86 19.12 6.98
CA SER F 169 -39.00 19.22 6.04
C SER F 169 -38.58 20.05 4.83
N LYS F 170 -38.99 19.61 3.64
CA LYS F 170 -38.66 20.29 2.37
C LYS F 170 -39.57 21.52 2.17
N GLN F 171 -38.97 22.66 1.82
CA GLN F 171 -39.59 24.00 1.82
C GLN F 171 -39.76 24.47 0.36
N SER F 172 -40.27 25.70 0.18
CA SER F 172 -40.70 26.28 -1.12
C SER F 172 -39.52 26.30 -2.12
N ASN F 173 -38.27 26.29 -1.62
CA ASN F 173 -37.03 26.32 -2.47
C ASN F 173 -36.56 24.89 -2.81
N ASN F 174 -37.36 23.87 -2.50
CA ASN F 174 -37.02 22.44 -2.81
C ASN F 174 -35.85 21.95 -1.96
N LYS F 175 -35.51 22.67 -0.88
CA LYS F 175 -34.43 22.28 0.06
C LYS F 175 -34.97 22.24 1.49
N TYR F 176 -34.27 21.50 2.38
CA TYR F 176 -34.73 21.12 3.74
C TYR F 176 -34.45 22.22 4.76
N ALA F 177 -35.32 22.28 5.77
CA ALA F 177 -35.17 23.14 6.96
C ALA F 177 -35.41 22.29 8.21
N ALA F 178 -34.69 22.56 9.29
CA ALA F 178 -35.02 22.06 10.63
C ALA F 178 -34.71 23.17 11.63
N SER F 179 -35.13 22.97 12.87
CA SER F 179 -34.64 23.79 13.98
C SER F 179 -34.21 22.83 15.08
N SER F 180 -33.04 23.08 15.67
CA SER F 180 -32.62 22.46 16.94
C SER F 180 -32.76 23.52 18.00
N TYR F 181 -33.42 23.22 19.10
CA TYR F 181 -33.61 24.22 20.17
C TYR F 181 -33.04 23.62 21.44
N LEU F 182 -32.43 24.46 22.26
CA LEU F 182 -31.84 24.01 23.53
C LEU F 182 -32.58 24.76 24.63
N SER F 183 -33.28 24.05 25.51
CA SER F 183 -34.03 24.65 26.63
C SER F 183 -33.06 24.88 27.79
N LEU F 184 -32.78 26.15 28.09
CA LEU F 184 -31.86 26.57 29.18
C LEU F 184 -32.64 27.44 30.16
N THR F 185 -32.27 27.41 31.44
CA THR F 185 -32.71 28.42 32.43
C THR F 185 -31.89 29.68 32.18
N PRO F 186 -32.44 30.89 32.39
CA PRO F 186 -31.63 32.11 32.27
C PRO F 186 -30.31 31.99 33.05
N GLU F 187 -30.29 31.17 34.11
CA GLU F 187 -29.09 30.92 34.94
C GLU F 187 -28.04 30.20 34.11
N GLN F 188 -28.36 29.04 33.54
CA GLN F 188 -27.42 28.28 32.67
C GLN F 188 -26.85 29.23 31.60
N TRP F 189 -27.73 29.96 30.92
CA TRP F 189 -27.42 30.93 29.83
C TRP F 189 -26.40 31.98 30.31
N LYS F 190 -26.65 32.62 31.45
CA LYS F 190 -25.87 33.81 31.92
C LYS F 190 -24.52 33.37 32.49
N SER F 191 -24.44 32.13 33.00
CA SER F 191 -23.27 31.55 33.72
C SER F 191 -22.22 30.96 32.75
N HIS F 192 -22.49 30.93 31.45
CA HIS F 192 -21.52 30.42 30.45
C HIS F 192 -21.00 31.60 29.61
N ARG F 193 -19.80 31.40 29.04
CA ARG F 193 -19.16 32.40 28.14
C ARG F 193 -19.92 32.40 26.82
N SER F 194 -20.39 31.22 26.41
CA SER F 194 -21.11 31.01 25.12
C SER F 194 -21.79 29.64 25.07
N TYR F 195 -22.66 29.47 24.08
CA TYR F 195 -23.19 28.17 23.61
C TYR F 195 -22.97 28.11 22.11
N SER F 196 -22.77 26.90 21.61
CA SER F 196 -22.48 26.64 20.18
C SER F 196 -23.41 25.53 19.71
N CYS F 197 -23.95 25.75 18.51
CA CYS F 197 -24.69 24.77 17.69
C CYS F 197 -23.74 24.28 16.61
N GLN F 198 -23.52 22.97 16.51
CA GLN F 198 -22.65 22.33 15.47
C GLN F 198 -23.51 21.42 14.58
N VAL F 199 -23.68 21.79 13.32
CA VAL F 199 -24.54 21.05 12.38
C VAL F 199 -23.64 20.29 11.41
N THR F 200 -23.76 18.96 11.38
CA THR F 200 -23.04 18.06 10.43
C THR F 200 -24.00 17.61 9.32
N HIS F 201 -23.60 17.82 8.06
CA HIS F 201 -24.35 17.43 6.83
C HIS F 201 -23.34 16.87 5.81
N GLU F 202 -23.46 15.58 5.48
CA GLU F 202 -22.58 14.90 4.49
C GLU F 202 -21.12 15.00 4.96
N GLY F 203 -20.87 14.78 6.25
CA GLY F 203 -19.52 14.67 6.83
C GLY F 203 -18.89 16.01 7.20
N SER F 204 -19.48 17.15 6.80
CA SER F 204 -18.95 18.52 6.99
C SER F 204 -19.75 19.26 8.07
N THR F 205 -19.06 20.06 8.90
CA THR F 205 -19.66 20.69 10.09
C THR F 205 -19.61 22.21 9.98
N VAL F 206 -20.74 22.84 10.26
CA VAL F 206 -20.90 24.31 10.48
C VAL F 206 -21.10 24.50 11.97
N GLU F 207 -20.33 25.41 12.58
CA GLU F 207 -20.55 25.84 13.98
C GLU F 207 -20.97 27.31 14.01
N LYS F 208 -21.91 27.64 14.89
CA LYS F 208 -22.25 29.02 15.27
C LYS F 208 -22.17 29.12 16.79
N THR F 209 -21.90 30.34 17.29
CA THR F 209 -21.67 30.67 18.71
C THR F 209 -22.44 31.97 19.02
N VAL F 210 -23.15 32.03 20.12
CA VAL F 210 -23.67 33.31 20.69
C VAL F 210 -23.29 33.38 22.17
N ALA F 211 -23.26 34.60 22.73
CA ALA F 211 -22.84 34.88 24.12
C ALA F 211 -23.83 35.86 24.73
N PRO F 212 -24.08 35.83 26.07
CA PRO F 212 -24.97 36.80 26.72
C PRO F 212 -24.66 38.25 26.30
N THR F 213 -25.67 38.96 25.77
CA THR F 213 -25.55 40.17 24.90
C THR F 213 -24.96 41.35 25.68
N ALA G 3 14.80 36.05 25.87
CA ALA G 3 15.99 35.38 26.45
C ALA G 3 15.60 34.00 27.00
N LEU G 4 14.63 33.94 27.93
CA LEU G 4 14.02 32.67 28.45
C LEU G 4 12.85 32.31 27.52
N THR G 5 12.62 31.01 27.34
CA THR G 5 11.65 30.44 26.36
C THR G 5 10.39 29.97 27.09
N GLN G 6 9.27 30.61 26.75
CA GLN G 6 7.90 30.25 27.20
C GLN G 6 7.10 29.91 25.95
N PRO G 7 6.16 28.93 26.00
CA PRO G 7 5.27 28.67 24.87
C PRO G 7 4.39 29.90 24.69
N PRO G 8 4.11 30.34 23.44
CA PRO G 8 3.33 31.55 23.22
C PRO G 8 1.88 31.42 23.72
N SER G 9 1.30 30.20 23.76
CA SER G 9 -0.10 30.00 24.22
C SER G 9 -0.28 28.70 24.99
N ALA G 10 -1.32 28.67 25.82
CA ALA G 10 -1.85 27.46 26.46
C ALA G 10 -3.33 27.68 26.77
N SER G 11 -4.08 26.60 27.02
CA SER G 11 -5.54 26.67 27.24
C SER G 11 -6.06 25.48 28.05
N GLY G 12 -7.14 25.70 28.78
CA GLY G 12 -7.95 24.62 29.37
C GLY G 12 -9.35 25.08 29.56
N SER G 13 -10.26 24.16 29.88
CA SER G 13 -11.66 24.46 30.20
C SER G 13 -11.79 24.71 31.70
N PRO G 14 -12.85 25.40 32.16
CA PRO G 14 -13.04 25.63 33.60
C PRO G 14 -12.84 24.32 34.39
N GLY G 15 -12.07 24.37 35.47
CA GLY G 15 -11.91 23.24 36.40
C GLY G 15 -10.75 22.35 36.01
N GLN G 16 -10.19 22.50 34.81
CA GLN G 16 -8.99 21.75 34.38
C GLN G 16 -7.75 22.46 34.94
N SER G 17 -6.58 21.85 34.69
CA SER G 17 -5.23 22.36 35.02
C SER G 17 -4.45 22.61 33.73
N VAL G 18 -3.50 23.55 33.81
CA VAL G 18 -2.56 23.86 32.71
C VAL G 18 -1.17 24.00 33.34
N THR G 19 -0.14 23.48 32.68
CA THR G 19 1.28 23.70 33.06
C THR G 19 2.00 24.44 31.93
N ILE G 20 2.66 25.55 32.28
CA ILE G 20 3.47 26.35 31.32
C ILE G 20 4.92 26.29 31.81
N SER G 21 5.86 26.21 30.87
CA SER G 21 7.32 26.07 31.14
C SER G 21 8.05 27.36 30.76
N CYS G 22 9.26 27.49 31.29
CA CYS G 22 10.15 28.68 31.23
C CYS G 22 11.56 28.13 31.27
N THR G 23 12.15 27.92 30.09
CA THR G 23 13.45 27.25 29.85
C THR G 23 14.55 28.32 29.70
N GLY G 24 15.59 28.20 30.51
CA GLY G 24 16.75 29.11 30.50
C GLY G 24 18.00 28.34 30.13
N THR G 25 19.13 28.76 30.70
CA THR G 25 20.46 28.09 30.59
C THR G 25 20.88 27.68 32.00
N SER G 26 22.11 27.20 32.15
CA SER G 26 22.73 26.79 33.44
C SER G 26 22.93 28.01 34.34
N SER G 27 23.19 29.19 33.76
CA SER G 27 23.58 30.42 34.49
C SER G 27 22.36 31.25 34.91
N ASP G 28 21.16 30.93 34.42
CA ASP G 28 19.94 31.71 34.80
C ASP G 28 18.97 30.77 35.52
N VAL G 29 17.98 30.19 34.82
CA VAL G 29 16.92 29.37 35.48
C VAL G 29 17.55 28.20 36.26
N GLY G 30 18.58 27.56 35.68
CA GLY G 30 19.26 26.40 36.29
C GLY G 30 20.26 26.73 37.40
N GLY G 31 20.65 28.01 37.58
CA GLY G 31 21.83 28.38 38.39
C GLY G 31 21.48 29.09 39.70
N SER G 32 20.22 29.03 40.15
CA SER G 32 19.72 29.58 41.44
C SER G 32 18.21 29.33 41.51
N ASP G 33 17.60 29.57 42.68
CA ASP G 33 16.15 29.35 42.91
C ASP G 33 15.46 30.71 42.97
N SER G 34 15.54 31.45 41.87
CA SER G 34 15.12 32.88 41.76
C SER G 34 14.21 33.07 40.52
N VAL G 35 13.45 32.05 40.14
CA VAL G 35 12.41 32.16 39.07
C VAL G 35 11.19 32.88 39.67
N SER G 36 10.63 33.87 39.00
CA SER G 36 9.38 34.55 39.41
C SER G 36 8.36 34.38 38.29
N TRP G 37 7.06 34.36 38.61
CA TRP G 37 5.95 34.38 37.63
C TRP G 37 5.06 35.60 37.90
N TYR G 38 4.68 36.28 36.82
CA TYR G 38 3.81 37.46 36.83
C TYR G 38 2.60 37.13 35.98
N GLN G 39 1.43 37.58 36.43
CA GLN G 39 0.15 37.45 35.74
C GLN G 39 -0.24 38.84 35.25
N GLN G 40 -0.65 38.97 33.99
CA GLN G 40 -1.20 40.28 33.51
C GLN G 40 -2.49 40.02 32.74
N HIS G 41 -3.60 40.54 33.25
CA HIS G 41 -4.86 40.68 32.51
C HIS G 41 -4.58 41.78 31.49
N PRO G 42 -4.94 41.61 30.20
CA PRO G 42 -4.45 42.52 29.18
C PRO G 42 -4.91 43.96 29.51
N GLY G 43 -4.02 44.93 29.34
CA GLY G 43 -4.24 46.37 29.65
C GLY G 43 -4.24 46.69 31.14
N LYS G 44 -3.90 45.74 32.01
CA LYS G 44 -3.87 45.98 33.48
C LYS G 44 -2.44 45.80 34.00
N ALA G 45 -2.15 46.42 35.15
CA ALA G 45 -0.91 46.20 35.94
C ALA G 45 -0.71 44.71 36.14
N PRO G 46 0.51 44.17 35.93
CA PRO G 46 0.77 42.76 36.25
C PRO G 46 0.89 42.57 37.77
N LYS G 47 0.88 41.33 38.21
CA LYS G 47 0.98 41.01 39.65
C LYS G 47 1.97 39.86 39.80
N LEU G 48 2.81 39.93 40.81
CA LEU G 48 3.74 38.82 41.18
C LEU G 48 2.90 37.70 41.79
N ILE G 49 2.96 36.49 41.22
CA ILE G 49 2.18 35.31 41.70
C ILE G 49 3.11 34.20 42.21
N ILE G 50 4.34 34.10 41.71
CA ILE G 50 5.38 33.18 42.25
C ILE G 50 6.70 33.93 42.40
N TYR G 51 7.44 33.69 43.49
CA TYR G 51 8.85 34.14 43.66
C TYR G 51 9.69 32.96 44.16
N GLU G 52 10.99 33.01 43.87
CA GLU G 52 11.96 31.96 44.31
C GLU G 52 11.37 30.59 44.01
N VAL G 53 10.87 30.41 42.78
CA VAL G 53 10.45 29.11 42.18
C VAL G 53 9.06 28.70 42.68
N SER G 54 8.82 28.67 43.99
CA SER G 54 7.65 28.00 44.62
C SER G 54 6.81 28.96 45.47
N GLN G 55 7.31 30.15 45.81
CA GLN G 55 6.70 30.96 46.91
C GLN G 55 5.54 31.79 46.35
N ARG G 56 4.38 31.71 47.01
N ARG G 56 4.39 31.72 47.01
CA ARG G 56 3.18 32.53 46.70
CA ARG G 56 3.18 32.52 46.69
C ARG G 56 3.15 33.77 47.58
C ARG G 56 3.12 33.76 47.58
N PRO G 57 3.07 34.98 47.01
CA PRO G 57 2.76 36.17 47.80
C PRO G 57 1.42 36.01 48.56
N SER G 58 1.29 36.68 49.69
CA SER G 58 0.01 36.85 50.44
C SER G 58 -1.13 37.09 49.43
N GLY G 59 -2.21 36.29 49.49
CA GLY G 59 -3.45 36.51 48.71
C GLY G 59 -3.48 35.73 47.41
N VAL G 60 -2.36 35.12 47.01
CA VAL G 60 -2.30 34.21 45.83
C VAL G 60 -2.76 32.84 46.31
N PRO G 61 -3.82 32.27 45.69
CA PRO G 61 -4.34 30.98 46.12
C PRO G 61 -3.41 29.84 45.69
N ASN G 62 -3.47 28.68 46.37
CA ASN G 62 -2.46 27.61 46.22
C ASN G 62 -2.74 26.74 44.98
N ARG G 63 -3.82 26.98 44.25
CA ARG G 63 -4.04 26.42 42.87
C ARG G 63 -2.84 26.77 41.99
N PHE G 64 -2.20 27.90 42.28
CA PHE G 64 -0.94 28.38 41.64
C PHE G 64 0.25 27.70 42.32
N SER G 65 1.04 26.91 41.60
CA SER G 65 2.29 26.34 42.15
C SER G 65 3.41 26.50 41.12
N GLY G 66 4.62 26.74 41.61
CA GLY G 66 5.85 26.82 40.80
C GLY G 66 6.79 25.70 41.18
N SER G 67 7.45 25.11 40.19
CA SER G 67 8.48 24.06 40.37
C SER G 67 9.60 24.32 39.37
N LYS G 68 10.66 23.53 39.45
CA LYS G 68 11.85 23.65 38.59
C LYS G 68 12.55 22.29 38.52
N SER G 69 12.95 21.87 37.33
CA SER G 69 13.86 20.72 37.07
C SER G 69 14.87 21.16 36.01
N GLY G 70 16.16 21.15 36.36
CA GLY G 70 17.27 21.55 35.48
C GLY G 70 17.20 23.02 35.11
N ASN G 71 17.05 23.32 33.82
CA ASN G 71 17.01 24.70 33.26
C ASN G 71 15.55 25.11 32.95
N THR G 72 14.57 24.35 33.44
CA THR G 72 13.14 24.58 33.10
C THR G 72 12.30 24.75 34.37
N ALA G 73 11.75 25.93 34.57
CA ALA G 73 10.73 26.20 35.61
C ALA G 73 9.34 25.97 35.01
N SER G 74 8.37 25.60 35.86
CA SER G 74 6.98 25.34 35.47
C SER G 74 6.03 26.03 36.43
N LEU G 75 4.99 26.66 35.87
CA LEU G 75 3.82 27.17 36.62
C LEU G 75 2.65 26.26 36.28
N THR G 76 1.99 25.71 37.31
CA THR G 76 0.76 24.90 37.21
C THR G 76 -0.35 25.78 37.78
N VAL G 77 -1.38 26.01 36.99
CA VAL G 77 -2.67 26.56 37.48
C VAL G 77 -3.66 25.40 37.49
N SER G 78 -4.11 25.02 38.70
N SER G 78 -4.10 25.01 38.70
CA SER G 78 -5.17 24.02 38.96
CA SER G 78 -5.17 24.01 38.94
C SER G 78 -6.53 24.73 39.04
C SER G 78 -6.52 24.73 38.99
N GLY G 79 -7.61 23.99 38.78
CA GLY G 79 -9.00 24.49 38.91
C GLY G 79 -9.18 25.80 38.18
N LEU G 80 -8.90 25.80 36.89
CA LEU G 80 -8.89 27.04 36.06
C LEU G 80 -10.22 27.76 36.22
N GLN G 81 -10.17 29.05 36.50
CA GLN G 81 -11.36 29.94 36.56
C GLN G 81 -11.18 31.01 35.48
N ALA G 82 -12.29 31.56 34.98
CA ALA G 82 -12.31 32.67 34.00
C ALA G 82 -11.25 33.73 34.37
N GLU G 83 -11.02 34.00 35.66
CA GLU G 83 -10.11 35.09 36.13
C GLU G 83 -8.66 34.72 35.81
N ASP G 84 -8.36 33.42 35.60
CA ASP G 84 -7.00 32.90 35.32
C ASP G 84 -6.60 33.19 33.87
N ASP G 85 -7.58 33.59 33.06
CA ASP G 85 -7.36 33.99 31.65
C ASP G 85 -6.48 35.26 31.65
N ALA G 86 -5.24 35.17 31.19
CA ALA G 86 -4.23 36.27 31.33
C ALA G 86 -2.94 35.91 30.60
N ASP G 87 -2.00 36.86 30.54
CA ASP G 87 -0.62 36.62 30.04
C ASP G 87 0.27 36.37 31.26
N TYR G 88 1.06 35.30 31.21
CA TYR G 88 1.93 34.86 32.32
C TYR G 88 3.39 34.97 31.87
N TYR G 89 4.19 35.73 32.63
CA TYR G 89 5.62 36.02 32.36
C TYR G 89 6.45 35.38 33.46
N CYS G 90 7.57 34.77 33.08
CA CYS G 90 8.58 34.29 34.05
C CYS G 90 9.78 35.22 33.99
N SER G 91 10.53 35.33 35.08
CA SER G 91 11.89 35.92 35.15
C SER G 91 12.81 35.03 35.97
N SER G 92 14.11 35.26 35.82
CA SER G 92 15.20 34.63 36.61
C SER G 92 16.38 35.60 36.65
N TYR G 93 17.02 35.68 37.82
CA TYR G 93 18.33 36.36 37.94
C TYR G 93 19.33 35.55 37.13
N GLY G 94 20.22 36.26 36.45
CA GLY G 94 21.20 35.71 35.51
C GLY G 94 22.55 35.52 36.17
N GLY G 95 23.58 35.26 35.36
CA GLY G 95 24.95 34.94 35.78
C GLY G 95 25.73 36.18 36.21
N ASP G 96 25.23 37.38 35.90
CA ASP G 96 25.83 38.69 36.31
C ASP G 96 24.81 39.47 37.14
N ASN G 97 23.90 38.78 37.83
CA ASN G 97 22.69 39.34 38.49
C ASN G 97 21.83 40.08 37.46
N ASN G 98 21.92 39.69 36.18
CA ASN G 98 21.12 40.25 35.07
C ASN G 98 19.73 39.59 35.09
N LEU G 99 18.66 40.38 35.28
CA LEU G 99 17.27 39.86 35.30
C LEU G 99 16.89 39.50 33.87
N PHE G 100 16.65 38.21 33.63
CA PHE G 100 16.20 37.64 32.33
C PHE G 100 14.68 37.43 32.38
N PHE G 101 14.00 37.65 31.23
CA PHE G 101 12.53 37.48 31.04
C PHE G 101 12.21 36.53 29.86
N GLY G 102 11.22 35.65 30.06
CA GLY G 102 10.59 34.85 29.00
C GLY G 102 9.62 35.69 28.18
N GLY G 103 9.13 35.15 27.06
CA GLY G 103 8.31 35.90 26.08
C GLY G 103 6.89 36.13 26.56
N GLY G 104 6.42 35.35 27.55
CA GLY G 104 5.02 35.41 28.00
C GLY G 104 4.21 34.28 27.37
N THR G 105 3.29 33.71 28.15
CA THR G 105 2.34 32.67 27.69
C THR G 105 0.91 33.18 27.87
N LYS G 106 0.20 33.30 26.75
CA LYS G 106 -1.24 33.64 26.70
C LYS G 106 -2.04 32.42 27.13
N VAL G 107 -2.62 32.45 28.33
CA VAL G 107 -3.41 31.30 28.87
C VAL G 107 -4.89 31.63 28.66
N THR G 108 -5.57 30.85 27.82
CA THR G 108 -7.02 31.01 27.58
C THR G 108 -7.80 29.93 28.34
N VAL G 109 -8.78 30.34 29.12
CA VAL G 109 -9.82 29.42 29.65
C VAL G 109 -10.97 29.40 28.63
N LEU G 110 -11.10 28.27 27.91
CA LEU G 110 -11.94 28.13 26.70
C LEU G 110 -13.37 28.59 27.00
N GLY G 111 -13.78 29.65 26.30
CA GLY G 111 -15.13 30.22 26.37
C GLY G 111 -16.02 29.68 25.25
N GLN G 112 -15.44 28.87 24.36
CA GLN G 112 -16.08 28.32 23.15
C GLN G 112 -15.17 27.20 22.66
N PRO G 113 -15.60 26.35 21.71
CA PRO G 113 -14.76 25.25 21.23
C PRO G 113 -13.51 25.75 20.51
N LYS G 114 -12.43 24.96 20.60
CA LYS G 114 -11.19 25.22 19.83
C LYS G 114 -11.57 25.23 18.36
N ALA G 115 -10.88 26.06 17.57
CA ALA G 115 -11.06 26.16 16.12
C ALA G 115 -9.70 26.47 15.50
N ALA G 116 -9.26 25.62 14.57
CA ALA G 116 -7.96 25.69 13.88
C ALA G 116 -8.06 26.77 12.82
N PRO G 117 -6.99 27.56 12.63
CA PRO G 117 -7.00 28.60 11.61
C PRO G 117 -7.19 28.09 10.17
N SER G 118 -8.07 28.76 9.43
N SER G 118 -8.07 28.76 9.43
CA SER G 118 -8.12 28.75 7.95
CA SER G 118 -8.10 28.75 7.95
C SER G 118 -7.08 29.74 7.43
C SER G 118 -7.07 29.75 7.45
N VAL G 119 -6.10 29.26 6.66
CA VAL G 119 -4.91 30.04 6.20
C VAL G 119 -4.94 30.08 4.67
N THR G 120 -4.79 31.28 4.11
CA THR G 120 -4.67 31.52 2.65
C THR G 120 -3.48 32.43 2.41
N LEU G 121 -2.49 31.94 1.67
CA LEU G 121 -1.29 32.70 1.26
C LEU G 121 -1.54 33.34 -0.10
N PHE G 122 -1.33 34.65 -0.23
CA PHE G 122 -1.52 35.38 -1.50
C PHE G 122 -0.16 35.76 -2.05
N PRO G 123 0.11 35.42 -3.33
CA PRO G 123 1.34 35.85 -4.01
C PRO G 123 1.16 37.31 -4.39
N PRO G 124 2.20 38.01 -4.90
CA PRO G 124 2.07 39.44 -5.18
C PRO G 124 1.12 39.71 -6.36
N SER G 125 0.31 40.76 -6.25
CA SER G 125 -0.69 41.20 -7.26
C SER G 125 0.02 41.91 -8.42
N SER G 126 -0.55 41.85 -9.62
CA SER G 126 0.00 42.52 -10.84
C SER G 126 0.17 44.02 -10.59
N GLU G 127 -0.84 44.69 -10.01
CA GLU G 127 -0.78 46.14 -9.72
C GLU G 127 0.45 46.47 -8.86
N GLU G 128 0.63 45.84 -7.69
CA GLU G 128 1.70 46.27 -6.73
C GLU G 128 3.06 45.99 -7.38
N LEU G 129 3.19 44.90 -8.11
CA LEU G 129 4.47 44.55 -8.77
C LEU G 129 4.84 45.67 -9.76
N GLN G 130 3.84 46.29 -10.38
CA GLN G 130 4.08 47.41 -11.35
C GLN G 130 4.36 48.71 -10.59
N ALA G 131 4.31 48.67 -9.25
CA ALA G 131 4.71 49.78 -8.36
C ALA G 131 5.92 49.38 -7.51
N ASN G 132 6.66 48.34 -7.95
CA ASN G 132 7.97 47.91 -7.38
C ASN G 132 7.81 47.25 -6.01
N LYS G 133 6.63 46.68 -5.71
CA LYS G 133 6.35 45.97 -4.43
C LYS G 133 5.95 44.52 -4.73
N ALA G 134 6.36 43.58 -3.88
CA ALA G 134 6.02 42.15 -4.01
C ALA G 134 5.57 41.63 -2.65
N THR G 135 4.79 42.45 -1.94
CA THR G 135 4.23 42.16 -0.61
C THR G 135 3.34 40.93 -0.72
N LEU G 136 3.61 39.92 0.11
CA LEU G 136 2.77 38.70 0.24
C LEU G 136 1.86 38.88 1.45
N VAL G 137 0.66 38.29 1.42
N VAL G 137 0.68 38.25 1.42
CA VAL G 137 -0.26 38.29 2.59
CA VAL G 137 -0.29 38.27 2.55
C VAL G 137 -0.66 36.86 2.95
C VAL G 137 -0.66 36.84 2.95
N CYS G 138 -0.47 36.52 4.22
CA CYS G 138 -1.00 35.31 4.87
C CYS G 138 -2.26 35.69 5.67
N LEU G 139 -3.44 35.37 5.14
CA LEU G 139 -4.75 35.65 5.79
C LEU G 139 -5.10 34.47 6.71
N ILE G 140 -5.32 34.76 8.00
CA ILE G 140 -5.58 33.77 9.09
C ILE G 140 -6.94 34.10 9.70
N SER G 141 -7.93 33.19 9.59
CA SER G 141 -9.32 33.47 10.02
C SER G 141 -9.93 32.27 10.76
N ASP G 142 -11.04 32.48 11.46
CA ASP G 142 -11.87 31.39 12.05
C ASP G 142 -11.11 30.56 13.10
N PHE G 143 -10.21 31.17 13.90
CA PHE G 143 -9.51 30.45 14.98
C PHE G 143 -10.00 30.89 16.37
N TYR G 144 -9.89 29.94 17.28
CA TYR G 144 -10.14 30.09 18.73
C TYR G 144 -9.31 29.05 19.45
N PRO G 145 -8.50 29.41 20.46
CA PRO G 145 -8.38 30.79 20.92
C PRO G 145 -7.70 31.75 19.94
N GLY G 146 -7.68 33.04 20.35
CA GLY G 146 -7.32 34.20 19.52
C GLY G 146 -5.84 34.51 19.54
N ALA G 147 -4.97 33.50 19.57
CA ALA G 147 -3.50 33.66 19.64
C ALA G 147 -2.93 32.75 18.59
N VAL G 148 -2.01 33.27 17.78
CA VAL G 148 -1.36 32.55 16.68
C VAL G 148 0.08 33.06 16.62
N THR G 149 1.00 32.21 16.15
CA THR G 149 2.42 32.53 15.81
C THR G 149 2.62 32.30 14.32
N VAL G 150 3.34 33.18 13.63
CA VAL G 150 3.51 33.14 12.16
C VAL G 150 5.01 33.19 11.88
N ALA G 151 5.51 32.29 11.04
CA ALA G 151 6.90 32.25 10.55
C ALA G 151 6.84 32.18 9.03
N TRP G 152 7.71 32.94 8.36
CA TRP G 152 7.89 32.94 6.91
C TRP G 152 9.19 32.21 6.55
N LYS G 153 9.19 31.52 5.42
CA LYS G 153 10.41 30.93 4.81
C LYS G 153 10.55 31.44 3.38
N ALA G 154 11.78 31.76 3.00
CA ALA G 154 12.25 31.84 1.61
C ALA G 154 12.99 30.53 1.30
N ASP G 155 12.39 29.64 0.52
CA ASP G 155 12.98 28.33 0.12
C ASP G 155 13.00 27.42 1.35
N SER G 156 13.81 27.74 2.35
CA SER G 156 13.93 26.97 3.62
C SER G 156 14.50 27.80 4.78
N SER G 157 15.12 28.97 4.52
CA SER G 157 15.56 29.93 5.56
C SER G 157 14.34 30.56 6.22
N PRO G 158 14.33 30.81 7.56
CA PRO G 158 13.45 31.85 8.12
C PRO G 158 13.73 33.19 7.41
N VAL G 159 12.80 34.15 7.52
CA VAL G 159 13.02 35.54 7.00
C VAL G 159 12.45 36.52 8.03
N LYS G 160 13.28 36.91 9.02
CA LYS G 160 12.87 37.79 10.13
C LYS G 160 12.39 39.14 9.58
N ALA G 161 13.19 39.77 8.72
CA ALA G 161 12.98 41.17 8.26
C ALA G 161 11.72 41.26 7.40
N GLY G 162 10.95 42.33 7.59
CA GLY G 162 9.87 42.72 6.68
C GLY G 162 8.59 41.95 6.95
N VAL G 163 8.50 41.28 8.11
CA VAL G 163 7.26 40.62 8.61
C VAL G 163 6.49 41.61 9.51
N GLU G 164 5.20 41.74 9.27
CA GLU G 164 4.22 42.41 10.16
C GLU G 164 3.00 41.49 10.28
N THR G 165 2.53 41.26 11.51
CA THR G 165 1.31 40.46 11.80
C THR G 165 0.37 41.32 12.66
N THR G 166 -0.88 41.47 12.24
CA THR G 166 -1.90 42.29 12.96
C THR G 166 -2.28 41.54 14.24
N THR G 167 -2.81 42.24 15.24
CA THR G 167 -3.31 41.64 16.49
C THR G 167 -4.65 40.95 16.22
N PRO G 168 -4.82 39.66 16.54
CA PRO G 168 -6.02 38.93 16.18
C PRO G 168 -7.22 39.73 16.69
N SER G 169 -8.27 39.84 15.88
CA SER G 169 -9.54 40.49 16.26
C SER G 169 -10.71 39.50 16.09
N LYS G 170 -11.65 39.51 17.03
CA LYS G 170 -12.84 38.64 17.01
C LYS G 170 -13.79 39.16 15.93
N GLN G 171 -14.18 38.31 14.97
CA GLN G 171 -14.99 38.75 13.81
C GLN G 171 -16.49 38.47 14.06
N SER G 172 -17.33 38.69 13.04
CA SER G 172 -18.80 38.58 13.14
C SER G 172 -19.22 37.17 13.57
N ASN G 173 -18.38 36.15 13.30
CA ASN G 173 -18.70 34.72 13.59
C ASN G 173 -18.22 34.32 14.99
N ASN G 174 -17.72 35.28 15.78
CA ASN G 174 -17.18 35.11 17.15
C ASN G 174 -15.86 34.30 17.11
N LYS G 175 -15.20 34.20 15.96
CA LYS G 175 -13.84 33.59 15.89
C LYS G 175 -12.88 34.70 15.47
N TYR G 176 -11.59 34.46 15.64
CA TYR G 176 -10.53 35.48 15.46
C TYR G 176 -10.03 35.46 14.03
N ALA G 177 -9.58 36.62 13.59
CA ALA G 177 -8.99 36.83 12.27
C ALA G 177 -7.79 37.75 12.46
N ALA G 178 -6.73 37.49 11.69
CA ALA G 178 -5.47 38.27 11.63
C ALA G 178 -4.89 38.08 10.22
N SER G 179 -3.95 38.94 9.82
N SER G 179 -3.95 38.93 9.83
CA SER G 179 -3.15 38.74 8.58
CA SER G 179 -3.15 38.79 8.59
C SER G 179 -1.68 39.05 8.88
C SER G 179 -1.66 39.03 8.92
N SER G 180 -0.77 38.31 8.24
CA SER G 180 0.68 38.56 8.25
C SER G 180 1.03 39.01 6.84
N TYR G 181 1.89 40.00 6.67
CA TYR G 181 2.34 40.43 5.32
C TYR G 181 3.86 40.58 5.33
N LEU G 182 4.47 40.04 4.29
CA LEU G 182 5.92 40.04 4.04
C LEU G 182 6.20 41.00 2.88
N SER G 183 6.90 42.10 3.16
CA SER G 183 7.09 43.26 2.25
C SER G 183 8.32 43.03 1.36
N LEU G 184 8.24 42.11 0.40
CA LEU G 184 9.35 41.72 -0.53
C LEU G 184 9.49 42.76 -1.65
N THR G 185 10.73 43.05 -2.08
CA THR G 185 11.02 43.72 -3.39
C THR G 185 10.75 42.68 -4.47
N PRO G 186 10.42 43.09 -5.71
CA PRO G 186 10.23 42.13 -6.80
C PRO G 186 11.46 41.23 -6.97
N GLU G 187 12.65 41.77 -6.69
CA GLU G 187 13.95 41.06 -6.83
C GLU G 187 13.96 39.88 -5.86
N GLN G 188 13.92 40.15 -4.55
CA GLN G 188 13.78 39.11 -3.50
C GLN G 188 12.78 38.05 -3.98
N TRP G 189 11.57 38.47 -4.37
CA TRP G 189 10.47 37.57 -4.79
C TRP G 189 10.91 36.65 -5.93
N LYS G 190 11.54 37.24 -6.96
CA LYS G 190 11.90 36.53 -8.22
C LYS G 190 13.20 35.77 -7.99
N SER G 191 14.06 36.27 -7.11
CA SER G 191 15.37 35.64 -6.76
C SER G 191 15.21 34.64 -5.61
N HIS G 192 14.20 33.75 -5.68
CA HIS G 192 13.88 32.72 -4.64
C HIS G 192 12.91 31.68 -5.21
N ARG G 193 13.12 30.41 -4.86
CA ARG G 193 12.38 29.24 -5.42
C ARG G 193 10.89 29.39 -5.13
N SER G 194 10.53 29.75 -3.89
CA SER G 194 9.13 29.96 -3.42
C SER G 194 9.13 30.59 -2.02
N TYR G 195 7.96 30.91 -1.47
CA TYR G 195 7.81 31.42 -0.09
C TYR G 195 6.69 30.69 0.65
N SER G 196 6.90 30.46 1.93
CA SER G 196 5.95 29.77 2.84
C SER G 196 5.60 30.65 4.02
N CYS G 197 4.34 30.60 4.42
CA CYS G 197 3.81 31.20 5.65
C CYS G 197 3.37 30.03 6.54
N GLN G 198 4.04 29.88 7.68
CA GLN G 198 3.78 28.80 8.68
CA GLN G 198 3.73 28.80 8.65
C GLN G 198 2.96 29.40 9.81
N VAL G 199 1.74 28.92 10.04
CA VAL G 199 0.84 29.42 11.13
C VAL G 199 0.71 28.35 12.23
N THR G 200 1.03 28.72 13.47
CA THR G 200 1.03 27.84 14.68
C THR G 200 -0.15 28.23 15.56
N HIS G 201 -0.96 27.26 15.94
CA HIS G 201 -2.15 27.52 16.79
C HIS G 201 -2.36 26.32 17.71
N GLU G 202 -2.42 26.54 19.02
CA GLU G 202 -2.74 25.46 19.97
C GLU G 202 -1.75 24.30 19.75
N GLY G 203 -0.47 24.62 19.45
CA GLY G 203 0.63 23.64 19.29
C GLY G 203 0.67 22.87 17.97
N SER G 204 -0.25 23.18 17.03
CA SER G 204 -0.35 22.53 15.70
CA SER G 204 -0.34 22.53 15.71
C SER G 204 -0.02 23.58 14.63
N THR G 205 0.54 23.14 13.50
CA THR G 205 0.99 24.03 12.39
C THR G 205 0.19 23.74 11.10
N VAL G 206 0.00 24.79 10.31
CA VAL G 206 -0.33 24.67 8.85
C VAL G 206 0.72 25.50 8.12
N GLU G 207 1.11 25.03 6.95
CA GLU G 207 2.09 25.72 6.09
C GLU G 207 1.52 25.76 4.68
N LYS G 208 1.38 26.97 4.15
CA LYS G 208 0.94 27.26 2.76
C LYS G 208 2.17 27.75 2.00
N THR G 209 2.22 27.54 0.69
CA THR G 209 3.41 27.84 -0.14
C THR G 209 2.92 28.45 -1.44
N VAL G 210 3.62 29.47 -1.95
CA VAL G 210 3.38 30.08 -3.28
C VAL G 210 4.73 30.32 -3.97
N ALA G 211 4.72 30.46 -5.30
CA ALA G 211 5.91 30.47 -6.19
C ALA G 211 5.76 31.57 -7.24
N PRO G 212 6.84 32.25 -7.68
CA PRO G 212 6.75 33.15 -8.84
C PRO G 212 6.18 32.37 -10.04
N THR G 213 5.09 32.86 -10.64
CA THR G 213 4.49 32.29 -11.88
C THR G 213 4.65 33.30 -13.03
N GLN H 1 -0.83 43.35 47.35
CA GLN H 1 -2.26 43.70 47.13
C GLN H 1 -2.40 45.21 46.86
N SER H 2 -1.75 46.07 47.66
CA SER H 2 -1.73 47.54 47.46
C SER H 2 -0.89 47.91 46.24
N ALA H 3 -1.33 48.94 45.50
CA ALA H 3 -0.69 49.43 44.25
C ALA H 3 0.13 50.69 44.55
N LEU H 4 1.25 50.87 43.85
CA LEU H 4 1.94 52.18 43.72
C LEU H 4 1.01 53.13 43.00
N THR H 5 1.14 54.44 43.19
CA THR H 5 0.21 55.40 42.55
C THR H 5 0.88 56.07 41.36
N GLN H 6 0.33 55.85 40.16
CA GLN H 6 0.70 56.52 38.91
C GLN H 6 -0.53 57.23 38.36
N PRO H 7 -0.38 58.41 37.73
CA PRO H 7 -1.52 59.06 37.11
C PRO H 7 -1.93 58.15 35.95
N PRO H 8 -3.24 58.00 35.63
CA PRO H 8 -3.67 57.04 34.62
C PRO H 8 -3.15 57.47 33.24
N SER H 9 -2.89 58.77 33.06
CA SER H 9 -2.57 59.38 31.75
C SER H 9 -1.54 60.52 31.85
N ALA H 10 -0.83 60.75 30.75
CA ALA H 10 0.11 61.87 30.50
C ALA H 10 0.28 62.01 28.99
N SER H 11 0.61 63.22 28.53
CA SER H 11 0.65 63.59 27.09
C SER H 11 1.78 64.60 26.86
N GLY H 12 2.48 64.47 25.74
CA GLY H 12 3.38 65.50 25.18
C GLY H 12 3.26 65.49 23.66
N SER H 13 3.77 66.52 23.00
CA SER H 13 3.84 66.61 21.52
C SER H 13 5.20 66.10 21.06
N PRO H 14 5.38 65.75 19.75
CA PRO H 14 6.68 65.29 19.27
C PRO H 14 7.80 66.27 19.66
N GLY H 15 8.83 65.76 20.33
CA GLY H 15 10.04 66.54 20.65
C GLY H 15 9.96 67.19 22.01
N GLN H 16 8.75 67.28 22.58
CA GLN H 16 8.52 67.72 23.99
C GLN H 16 9.04 66.64 24.94
N SER H 17 9.00 66.92 26.24
CA SER H 17 9.33 65.98 27.34
C SER H 17 8.03 65.67 28.10
N VAL H 18 7.97 64.52 28.76
CA VAL H 18 6.89 64.20 29.73
C VAL H 18 7.55 63.60 30.97
N THR H 19 7.00 63.92 32.14
CA THR H 19 7.45 63.35 33.45
C THR H 19 6.24 62.69 34.12
N ILE H 20 6.36 61.42 34.51
CA ILE H 20 5.24 60.65 35.10
C ILE H 20 5.68 60.17 36.48
N SER H 21 4.79 60.23 37.46
CA SER H 21 5.16 59.99 38.88
C SER H 21 4.71 58.60 39.32
N CYS H 22 5.42 58.06 40.30
CA CYS H 22 5.18 56.74 40.92
C CYS H 22 5.46 56.84 42.43
N THR H 23 4.42 56.91 43.26
CA THR H 23 4.54 57.04 44.73
C THR H 23 4.27 55.69 45.40
N GLY H 24 5.07 55.38 46.42
CA GLY H 24 5.05 54.14 47.20
C GLY H 24 5.42 54.35 48.67
N THR H 25 6.23 53.41 49.22
CA THR H 25 6.58 53.38 50.68
C THR H 25 8.05 53.77 50.90
N SER H 26 8.42 53.67 52.17
CA SER H 26 9.81 53.82 52.67
C SER H 26 10.40 52.41 52.85
N SER H 27 9.56 51.37 52.76
CA SER H 27 9.92 49.93 52.90
C SER H 27 10.08 49.31 51.50
N ASP H 28 9.59 50.03 50.48
CA ASP H 28 9.70 49.73 49.02
C ASP H 28 10.35 50.91 48.29
N VAL H 29 9.57 51.84 47.71
CA VAL H 29 10.03 52.99 46.88
C VAL H 29 11.16 53.80 47.54
N GLY H 30 10.91 54.31 48.73
CA GLY H 30 11.94 55.13 49.41
C GLY H 30 12.75 54.24 50.35
N GLY H 31 12.74 52.92 50.10
CA GLY H 31 13.20 51.87 51.04
C GLY H 31 14.43 51.11 50.55
N SER H 32 14.67 51.09 49.23
CA SER H 32 15.94 50.64 48.60
C SER H 32 16.02 51.18 47.17
N ASP H 33 17.04 50.79 46.42
CA ASP H 33 17.29 51.26 45.03
C ASP H 33 16.94 50.13 44.05
N SER H 34 15.65 49.79 43.95
CA SER H 34 15.11 48.77 43.01
C SER H 34 13.72 49.18 42.47
N VAL H 35 13.61 50.45 42.07
CA VAL H 35 12.46 50.98 41.29
C VAL H 35 12.70 50.65 39.82
N SER H 36 11.75 49.99 39.18
CA SER H 36 11.83 49.68 37.73
C SER H 36 10.70 50.36 36.95
N TRP H 37 10.95 50.70 35.69
CA TRP H 37 9.90 51.17 34.75
C TRP H 37 9.84 50.26 33.51
N TYR H 38 8.63 49.90 33.07
CA TYR H 38 8.40 49.10 31.85
C TYR H 38 7.57 49.93 30.88
N GLN H 39 7.90 49.84 29.59
CA GLN H 39 7.07 50.31 28.46
C GLN H 39 6.33 49.10 27.86
N GLN H 40 5.02 49.23 27.63
CA GLN H 40 4.22 48.17 26.99
C GLN H 40 3.26 48.79 25.97
N HIS H 41 3.43 48.47 24.68
CA HIS H 41 2.45 48.74 23.60
C HIS H 41 1.29 47.74 23.72
N PRO H 42 0.02 48.17 23.54
CA PRO H 42 -1.13 47.29 23.72
C PRO H 42 -0.95 45.97 22.94
N GLY H 43 -1.30 44.82 23.53
CA GLY H 43 -1.19 43.50 22.88
C GLY H 43 0.24 42.98 22.78
N LYS H 44 1.22 43.65 23.39
CA LYS H 44 2.66 43.29 23.21
C LYS H 44 3.32 43.07 24.58
N ALA H 45 4.37 42.24 24.60
CA ALA H 45 5.30 42.06 25.73
C ALA H 45 5.84 43.43 26.17
N PRO H 46 5.93 43.74 27.48
CA PRO H 46 6.61 44.96 27.93
C PRO H 46 8.11 44.92 27.65
N LYS H 47 8.73 46.10 27.73
CA LYS H 47 10.19 46.32 27.62
C LYS H 47 10.66 47.05 28.89
N LEU H 48 11.73 46.55 29.54
CA LEU H 48 12.37 47.22 30.71
C LEU H 48 13.11 48.47 30.20
N ILE H 49 12.75 49.66 30.71
CA ILE H 49 13.40 50.92 30.26
C ILE H 49 14.28 51.49 31.40
N ILE H 50 14.00 51.17 32.67
CA ILE H 50 14.75 51.67 33.84
C ILE H 50 14.74 50.57 34.92
N TYR H 51 15.92 50.23 35.44
CA TYR H 51 16.03 49.42 36.69
C TYR H 51 16.94 50.18 37.67
N GLU H 52 16.78 49.91 38.96
CA GLU H 52 17.56 50.51 40.07
C GLU H 52 17.47 52.03 39.98
N VAL H 53 16.24 52.54 39.87
CA VAL H 53 15.80 53.98 39.84
C VAL H 53 16.20 54.77 38.58
N SER H 54 17.37 54.49 38.00
CA SER H 54 18.01 55.38 36.99
C SER H 54 18.75 54.60 35.90
N GLN H 55 18.94 53.29 36.02
CA GLN H 55 19.78 52.52 35.06
C GLN H 55 18.99 52.11 33.81
N ARG H 56 19.45 52.54 32.62
CA ARG H 56 18.89 52.10 31.32
C ARG H 56 19.57 50.79 30.93
N PRO H 57 18.83 49.74 30.48
CA PRO H 57 19.46 48.58 29.85
C PRO H 57 19.93 48.91 28.43
N SER H 58 20.72 47.99 27.82
CA SER H 58 21.18 48.06 26.41
C SER H 58 19.98 48.30 25.50
N GLY H 59 20.12 49.16 24.50
CA GLY H 59 19.08 49.41 23.47
C GLY H 59 17.98 50.30 24.00
N VAL H 60 18.19 50.95 25.14
CA VAL H 60 17.26 52.00 25.64
C VAL H 60 17.96 53.35 25.57
N PRO H 61 17.41 54.30 24.79
CA PRO H 61 18.09 55.56 24.52
C PRO H 61 18.05 56.48 25.75
N ASN H 62 19.02 57.40 25.82
CA ASN H 62 19.24 58.25 27.02
C ASN H 62 18.22 59.40 27.03
N ARG H 63 17.16 59.29 26.21
CA ARG H 63 15.97 60.18 26.26
C ARG H 63 15.09 59.83 27.46
N PHE H 64 15.27 58.64 28.04
CA PHE H 64 14.48 58.13 29.18
C PHE H 64 15.32 58.28 30.46
N SER H 65 14.89 59.11 31.41
CA SER H 65 15.65 59.34 32.67
C SER H 65 14.76 58.99 33.86
N GLY H 66 15.23 58.09 34.73
CA GLY H 66 14.54 57.71 35.98
C GLY H 66 15.26 58.27 37.20
N SER H 67 14.47 58.72 38.19
CA SER H 67 14.98 59.35 39.45
C SER H 67 14.05 59.03 40.62
N LYS H 68 14.48 59.37 41.84
CA LYS H 68 13.71 59.13 43.08
C LYS H 68 13.94 60.27 44.08
N SER H 69 12.87 60.73 44.71
CA SER H 69 12.87 61.68 45.86
C SER H 69 11.84 61.21 46.89
N GLY H 70 12.30 60.82 48.08
CA GLY H 70 11.41 60.34 49.16
C GLY H 70 10.68 59.07 48.76
N ASN H 71 9.35 59.12 48.69
CA ASN H 71 8.46 57.96 48.41
C ASN H 71 8.03 57.98 46.94
N THR H 72 8.50 58.95 46.16
CA THR H 72 8.09 59.18 44.75
C THR H 72 9.27 58.92 43.80
N ALA H 73 9.10 57.97 42.87
CA ALA H 73 9.93 57.77 41.66
C ALA H 73 9.33 58.56 40.50
N SER H 74 10.16 59.09 39.61
CA SER H 74 9.74 59.84 38.40
C SER H 74 10.46 59.21 37.20
N LEU H 75 9.75 59.08 36.08
CA LEU H 75 10.36 58.86 34.75
C LEU H 75 10.13 60.11 33.90
N THR H 76 11.18 60.61 33.27
CA THR H 76 11.09 61.67 32.25
C THR H 76 11.44 61.06 30.89
N VAL H 77 10.58 61.25 29.90
CA VAL H 77 10.88 60.97 28.47
C VAL H 77 11.06 62.31 27.75
N SER H 78 12.28 62.63 27.30
CA SER H 78 12.60 63.78 26.41
C SER H 78 12.46 63.35 24.94
N GLY H 79 12.44 64.33 24.04
CA GLY H 79 12.36 64.17 22.57
C GLY H 79 11.34 63.12 22.18
N LEU H 80 10.09 63.28 22.64
CA LEU H 80 8.98 62.30 22.44
C LEU H 80 8.92 61.91 20.96
N GLN H 81 8.87 60.61 20.70
CA GLN H 81 8.60 59.98 19.39
C GLN H 81 7.25 59.24 19.44
N ALA H 82 6.68 58.97 18.26
CA ALA H 82 5.41 58.24 18.11
C ALA H 82 5.56 56.88 18.83
N GLU H 83 6.71 56.22 18.70
CA GLU H 83 6.93 54.86 19.28
C GLU H 83 6.98 54.92 20.82
N ASP H 84 6.95 56.10 21.43
CA ASP H 84 6.94 56.25 22.91
C ASP H 84 5.51 56.18 23.43
N ASP H 85 4.54 56.36 22.53
CA ASP H 85 3.10 56.15 22.82
C ASP H 85 2.90 54.70 23.26
N ALA H 86 2.47 54.50 24.50
CA ALA H 86 2.53 53.21 25.20
C ALA H 86 2.04 53.41 26.64
N ASP H 87 1.81 52.30 27.31
CA ASP H 87 1.57 52.22 28.77
C ASP H 87 2.92 52.06 29.48
N TYR H 88 3.16 52.84 30.53
CA TYR H 88 4.41 52.79 31.33
C TYR H 88 4.01 52.36 32.74
N TYR H 89 4.59 51.26 33.22
CA TYR H 89 4.39 50.70 34.58
C TYR H 89 5.67 50.90 35.42
N CYS H 90 5.50 51.29 36.69
CA CYS H 90 6.59 51.25 37.70
C CYS H 90 6.33 50.08 38.65
N SER H 91 7.42 49.60 39.23
CA SER H 91 7.39 48.57 40.29
C SER H 91 8.52 48.90 41.27
N SER H 92 8.38 48.41 42.49
CA SER H 92 9.35 48.60 43.60
C SER H 92 9.27 47.35 44.48
N TYR H 93 10.40 46.73 44.81
CA TYR H 93 10.49 45.75 45.94
C TYR H 93 10.24 46.51 47.24
N GLY H 94 9.52 45.89 48.17
CA GLY H 94 9.46 46.30 49.59
C GLY H 94 10.29 45.36 50.43
N GLY H 95 9.89 45.18 51.69
CA GLY H 95 10.38 44.07 52.53
C GLY H 95 9.53 42.84 52.27
N ASP H 96 10.01 41.68 52.71
CA ASP H 96 9.20 40.44 52.86
C ASP H 96 8.90 39.86 51.46
N ASN H 97 9.77 40.10 50.47
CA ASN H 97 9.70 39.50 49.10
C ASN H 97 8.54 40.07 48.26
N ASN H 98 7.88 41.15 48.72
CA ASN H 98 6.74 41.82 48.05
C ASN H 98 7.23 42.62 46.86
N LEU H 99 6.57 42.49 45.70
CA LEU H 99 6.83 43.34 44.52
C LEU H 99 5.56 44.12 44.24
N PHE H 100 5.63 45.44 44.41
CA PHE H 100 4.52 46.40 44.21
C PHE H 100 4.55 46.89 42.76
N PHE H 101 3.39 46.98 42.12
CA PHE H 101 3.25 47.56 40.77
C PHE H 101 2.37 48.79 40.82
N GLY H 102 2.68 49.77 39.97
CA GLY H 102 1.73 50.87 39.69
C GLY H 102 0.64 50.38 38.76
N GLY H 103 -0.44 51.17 38.66
CA GLY H 103 -1.58 50.92 37.76
C GLY H 103 -1.22 51.16 36.31
N GLY H 104 -0.11 51.87 36.06
CA GLY H 104 0.33 52.18 34.69
C GLY H 104 -0.14 53.56 34.28
N THR H 105 0.69 54.28 33.52
CA THR H 105 0.36 55.57 32.92
C THR H 105 0.33 55.38 31.39
N LYS H 106 -0.79 55.65 30.75
CA LYS H 106 -0.88 55.69 29.27
C LYS H 106 -0.32 57.06 28.83
N VAL H 107 0.82 57.02 28.13
CA VAL H 107 1.45 58.24 27.56
C VAL H 107 0.98 58.34 26.11
N THR H 108 0.32 59.45 25.78
CA THR H 108 -0.15 59.84 24.43
C THR H 108 0.85 60.84 23.85
N VAL H 109 1.39 60.54 22.69
CA VAL H 109 2.16 61.49 21.86
C VAL H 109 1.13 62.22 21.00
N LEU H 110 0.75 63.44 21.41
CA LEU H 110 -0.22 64.31 20.70
C LEU H 110 0.23 64.57 19.28
N GLY H 111 -0.75 64.78 18.38
CA GLY H 111 -0.55 65.40 17.05
C GLY H 111 0.36 64.57 16.17
N GLN H 112 0.17 63.25 16.18
CA GLN H 112 0.86 62.34 15.23
C GLN H 112 0.37 62.67 13.82
N PRO H 113 1.24 62.65 12.80
CA PRO H 113 0.82 63.06 11.46
C PRO H 113 -0.25 62.11 10.91
N LYS H 114 -1.27 62.67 10.26
CA LYS H 114 -2.31 61.90 9.52
C LYS H 114 -1.62 61.24 8.32
N ALA H 115 -2.02 60.01 8.02
CA ALA H 115 -1.43 59.18 6.96
C ALA H 115 -2.53 58.37 6.27
N ALA H 116 -2.63 58.50 4.95
CA ALA H 116 -3.59 57.78 4.09
C ALA H 116 -3.14 56.32 3.99
N PRO H 117 -4.08 55.36 3.90
CA PRO H 117 -3.73 53.95 3.81
C PRO H 117 -3.08 53.62 2.47
N SER H 118 -2.07 52.74 2.46
CA SER H 118 -1.67 51.92 1.28
C SER H 118 -2.71 50.80 1.18
N VAL H 119 -3.32 50.64 0.00
CA VAL H 119 -4.33 49.58 -0.28
C VAL H 119 -3.79 48.72 -1.41
N THR H 120 -3.59 47.43 -1.12
CA THR H 120 -3.30 46.37 -2.11
C THR H 120 -4.39 45.30 -2.07
N LEU H 121 -4.97 45.04 -3.22
CA LEU H 121 -6.09 44.08 -3.35
C LEU H 121 -5.55 42.88 -4.11
N PHE H 122 -5.79 41.69 -3.56
CA PHE H 122 -5.23 40.40 -4.02
C PHE H 122 -6.38 39.52 -4.52
N PRO H 123 -6.29 39.01 -5.75
CA PRO H 123 -7.33 38.15 -6.29
C PRO H 123 -7.15 36.78 -5.65
N PRO H 124 -8.03 35.81 -5.93
CA PRO H 124 -7.88 34.46 -5.39
C PRO H 124 -6.61 33.80 -5.93
N SER H 125 -5.89 33.07 -5.07
CA SER H 125 -4.63 32.37 -5.41
C SER H 125 -4.99 31.05 -6.12
N SER H 126 -4.13 30.57 -7.01
CA SER H 126 -4.20 29.21 -7.62
C SER H 126 -4.72 28.22 -6.58
N GLU H 127 -3.92 28.00 -5.52
CA GLU H 127 -4.11 26.97 -4.46
C GLU H 127 -5.56 27.01 -3.97
N GLU H 128 -6.14 28.20 -3.77
CA GLU H 128 -7.48 28.31 -3.10
C GLU H 128 -8.56 27.98 -4.14
N LEU H 129 -8.38 28.40 -5.38
CA LEU H 129 -9.29 28.06 -6.51
C LEU H 129 -9.25 26.55 -6.70
N GLN H 130 -8.04 25.98 -6.70
CA GLN H 130 -7.78 24.52 -6.81
C GLN H 130 -8.62 23.77 -5.76
N ALA H 131 -8.84 24.38 -4.59
CA ALA H 131 -9.54 23.80 -3.42
C ALA H 131 -10.92 24.42 -3.24
N ASN H 132 -11.52 24.93 -4.33
CA ASN H 132 -12.96 25.30 -4.39
C ASN H 132 -13.27 26.53 -3.52
N LYS H 133 -12.29 27.43 -3.30
CA LYS H 133 -12.44 28.71 -2.55
C LYS H 133 -11.97 29.90 -3.41
N ALA H 134 -12.48 31.10 -3.20
CA ALA H 134 -12.08 32.28 -4.00
C ALA H 134 -12.03 33.55 -3.13
N THR H 135 -11.52 33.47 -1.90
CA THR H 135 -11.43 34.62 -0.96
C THR H 135 -10.51 35.71 -1.57
N LEU H 136 -10.94 36.97 -1.52
CA LEU H 136 -10.15 38.19 -1.90
C LEU H 136 -9.69 38.82 -0.60
N VAL H 137 -8.48 39.37 -0.59
N VAL H 137 -8.48 39.37 -0.58
CA VAL H 137 -7.93 40.12 0.57
CA VAL H 137 -7.98 40.11 0.61
C VAL H 137 -7.61 41.56 0.14
C VAL H 137 -7.59 41.54 0.18
N CYS H 138 -8.12 42.52 0.89
CA CYS H 138 -7.75 43.94 0.77
C CYS H 138 -6.80 44.25 1.92
N LEU H 139 -5.50 44.40 1.66
CA LEU H 139 -4.52 44.74 2.73
C LEU H 139 -4.49 46.27 2.84
N ILE H 140 -4.87 46.80 4.01
CA ILE H 140 -4.83 48.25 4.33
C ILE H 140 -3.73 48.51 5.38
N SER H 141 -2.69 49.26 5.04
CA SER H 141 -1.50 49.48 5.89
C SER H 141 -1.09 50.97 5.84
N ASP H 142 -0.32 51.40 6.84
CA ASP H 142 0.41 52.69 6.89
C ASP H 142 -0.54 53.86 7.10
N PHE H 143 -1.67 53.64 7.76
CA PHE H 143 -2.68 54.69 7.98
C PHE H 143 -2.65 55.18 9.43
N TYR H 144 -3.07 56.43 9.61
CA TYR H 144 -3.17 57.09 10.94
C TYR H 144 -4.15 58.25 10.80
N PRO H 145 -5.17 58.36 11.67
CA PRO H 145 -5.40 57.44 12.79
C PRO H 145 -5.99 56.08 12.39
N GLY H 146 -6.21 55.22 13.39
CA GLY H 146 -6.53 53.79 13.21
C GLY H 146 -8.02 53.53 12.98
N ALA H 147 -8.71 54.39 12.24
CA ALA H 147 -10.13 54.20 11.86
C ALA H 147 -10.22 54.19 10.34
N VAL H 148 -10.71 53.09 9.77
CA VAL H 148 -11.10 52.97 8.33
C VAL H 148 -12.47 52.32 8.24
N THR H 149 -13.19 52.56 7.15
CA THR H 149 -14.38 51.78 6.74
C THR H 149 -14.14 51.30 5.30
N VAL H 150 -14.73 50.16 4.98
CA VAL H 150 -14.48 49.41 3.72
C VAL H 150 -15.83 48.99 3.16
N ALA H 151 -16.07 49.33 1.89
CA ALA H 151 -17.15 48.75 1.07
C ALA H 151 -16.49 47.93 -0.04
N TRP H 152 -17.20 46.94 -0.54
CA TRP H 152 -16.79 46.07 -1.67
C TRP H 152 -17.79 46.22 -2.83
N LYS H 153 -17.32 46.01 -4.06
CA LYS H 153 -18.16 46.01 -5.28
C LYS H 153 -17.92 44.71 -6.07
N ALA H 154 -19.02 44.16 -6.60
CA ALA H 154 -19.11 43.14 -7.67
C ALA H 154 -19.49 43.89 -8.96
N ASP H 155 -18.61 43.91 -9.96
CA ASP H 155 -18.67 44.92 -11.06
C ASP H 155 -18.85 46.31 -10.41
N SER H 156 -19.95 47.04 -10.68
CA SER H 156 -20.19 48.35 -10.04
C SER H 156 -21.27 48.20 -8.97
N SER H 157 -21.66 46.97 -8.60
CA SER H 157 -22.75 46.71 -7.62
C SER H 157 -22.20 46.58 -6.21
N PRO H 158 -22.83 47.22 -5.19
CA PRO H 158 -22.48 46.98 -3.79
C PRO H 158 -22.49 45.48 -3.44
N VAL H 159 -21.42 44.98 -2.81
CA VAL H 159 -21.37 43.61 -2.22
C VAL H 159 -21.87 43.75 -0.79
N LYS H 160 -22.95 43.05 -0.44
CA LYS H 160 -23.69 43.26 0.83
C LYS H 160 -23.27 42.20 1.86
N ALA H 161 -22.82 41.03 1.40
CA ALA H 161 -22.64 39.80 2.20
C ALA H 161 -21.23 39.22 2.04
N GLY H 162 -20.71 38.55 3.07
CA GLY H 162 -19.41 37.85 3.03
C GLY H 162 -18.21 38.77 3.27
N VAL H 163 -18.42 39.99 3.75
CA VAL H 163 -17.31 40.96 4.07
C VAL H 163 -16.91 40.75 5.54
N GLU H 164 -15.59 40.72 5.82
CA GLU H 164 -15.04 40.85 7.19
C GLU H 164 -13.85 41.79 7.15
N THR H 165 -13.76 42.65 8.14
CA THR H 165 -12.60 43.58 8.30
C THR H 165 -12.04 43.45 9.71
N THR H 166 -10.76 43.15 9.84
CA THR H 166 -10.06 43.11 11.15
C THR H 166 -10.00 44.54 11.75
N THR H 167 -10.19 44.63 13.07
CA THR H 167 -9.90 45.81 13.91
C THR H 167 -8.46 46.24 13.67
N PRO H 168 -8.22 47.51 13.25
CA PRO H 168 -6.86 47.93 12.94
C PRO H 168 -5.91 47.84 14.16
N SER H 169 -4.69 47.37 13.95
CA SER H 169 -3.63 47.30 14.99
C SER H 169 -2.44 48.14 14.53
N LYS H 170 -1.77 48.78 15.48
CA LYS H 170 -0.58 49.64 15.23
C LYS H 170 0.63 48.72 15.05
N GLN H 171 1.37 48.88 13.95
CA GLN H 171 2.52 48.00 13.58
C GLN H 171 3.83 48.71 13.92
N SER H 172 4.97 48.13 13.56
CA SER H 172 6.32 48.57 14.00
C SER H 172 6.65 49.98 13.48
N ASN H 173 5.94 50.47 12.45
CA ASN H 173 6.14 51.83 11.87
C ASN H 173 5.20 52.84 12.55
N ASN H 174 4.50 52.44 13.64
CA ASN H 174 3.63 53.32 14.46
C ASN H 174 2.39 53.77 13.67
N LYS H 175 2.12 53.10 12.55
CA LYS H 175 0.88 53.31 11.75
C LYS H 175 0.15 51.97 11.75
N TYR H 176 -1.13 52.01 11.38
CA TYR H 176 -2.08 50.89 11.59
C TYR H 176 -2.14 50.00 10.35
N ALA H 177 -2.66 48.79 10.55
CA ALA H 177 -2.87 47.83 9.46
C ALA H 177 -4.09 47.01 9.80
N ALA H 178 -4.82 46.64 8.75
CA ALA H 178 -6.03 45.80 8.75
C ALA H 178 -6.14 45.10 7.38
N SER H 179 -6.91 44.03 7.37
CA SER H 179 -7.36 43.31 6.16
C SER H 179 -8.89 43.30 6.11
N SER H 180 -9.46 43.62 4.96
CA SER H 180 -10.85 43.24 4.62
C SER H 180 -10.76 42.00 3.71
N TYR H 181 -11.55 40.98 3.99
CA TYR H 181 -11.59 39.76 3.13
C TYR H 181 -13.05 39.51 2.76
N LEU H 182 -13.27 39.20 1.48
CA LEU H 182 -14.55 38.81 0.84
C LEU H 182 -14.50 37.32 0.48
N SER H 183 -15.28 36.50 1.18
CA SER H 183 -15.32 35.04 0.94
C SER H 183 -16.24 34.79 -0.25
N LEU H 184 -15.69 34.68 -1.45
CA LEU H 184 -16.42 34.31 -2.70
C LEU H 184 -16.24 32.81 -2.97
N THR H 185 -17.18 32.23 -3.73
CA THR H 185 -17.03 30.91 -4.41
C THR H 185 -16.36 31.14 -5.76
N PRO H 186 -15.62 30.14 -6.29
CA PRO H 186 -15.01 30.26 -7.61
C PRO H 186 -15.99 30.62 -8.74
N GLU H 187 -17.28 30.27 -8.58
CA GLU H 187 -18.39 30.64 -9.52
C GLU H 187 -18.57 32.16 -9.51
N GLN H 188 -18.84 32.73 -8.33
CA GLN H 188 -19.03 34.19 -8.13
C GLN H 188 -17.82 34.98 -8.68
N TRP H 189 -16.59 34.48 -8.47
CA TRP H 189 -15.34 35.17 -8.92
C TRP H 189 -15.21 35.17 -10.44
N LYS H 190 -15.48 34.02 -11.06
CA LYS H 190 -15.31 33.82 -12.53
C LYS H 190 -16.45 34.50 -13.31
N SER H 191 -17.63 34.70 -12.72
CA SER H 191 -18.87 35.18 -13.39
C SER H 191 -19.03 36.70 -13.30
N HIS H 192 -18.00 37.44 -12.87
CA HIS H 192 -18.03 38.94 -12.78
C HIS H 192 -16.83 39.51 -13.53
N ARG H 193 -16.96 40.71 -14.08
CA ARG H 193 -15.85 41.38 -14.79
C ARG H 193 -14.75 41.77 -13.77
N SER H 194 -15.12 42.17 -12.54
CA SER H 194 -14.13 42.54 -11.48
C SER H 194 -14.77 42.59 -10.08
N TYR H 195 -13.92 42.68 -9.06
CA TYR H 195 -14.27 43.11 -7.68
C TYR H 195 -13.39 44.29 -7.27
N SER H 196 -13.96 45.23 -6.53
CA SER H 196 -13.27 46.42 -5.98
C SER H 196 -13.36 46.44 -4.46
N CYS H 197 -12.27 46.88 -3.83
CA CYS H 197 -12.24 47.23 -2.39
C CYS H 197 -12.21 48.75 -2.33
N GLN H 198 -13.17 49.37 -1.64
CA GLN H 198 -13.24 50.84 -1.41
C GLN H 198 -12.94 51.13 0.08
N VAL H 199 -11.79 51.74 0.34
CA VAL H 199 -11.29 52.05 1.70
C VAL H 199 -11.44 53.56 1.94
N THR H 200 -12.25 53.93 2.93
CA THR H 200 -12.47 55.35 3.37
C THR H 200 -11.71 55.60 4.68
N HIS H 201 -10.86 56.62 4.69
CA HIS H 201 -10.08 57.07 5.87
C HIS H 201 -10.05 58.60 5.88
N GLU H 202 -10.57 59.23 6.94
CA GLU H 202 -10.58 60.70 7.12
C GLU H 202 -11.22 61.35 5.87
N GLY H 203 -12.40 60.86 5.49
CA GLY H 203 -13.21 61.45 4.39
C GLY H 203 -12.77 61.02 3.00
N SER H 204 -11.45 60.85 2.76
CA SER H 204 -10.88 60.46 1.44
C SER H 204 -11.00 58.95 1.24
N THR H 205 -11.22 58.52 -0.01
CA THR H 205 -11.48 57.12 -0.41
C THR H 205 -10.46 56.69 -1.46
N VAL H 206 -10.00 55.45 -1.34
CA VAL H 206 -9.02 54.78 -2.26
C VAL H 206 -9.73 53.52 -2.77
N GLU H 207 -9.85 53.34 -4.08
CA GLU H 207 -10.45 52.10 -4.64
C GLU H 207 -9.37 51.27 -5.33
N LYS H 208 -9.40 49.95 -5.11
CA LYS H 208 -8.62 48.98 -5.92
C LYS H 208 -9.59 47.97 -6.56
N THR H 209 -9.23 47.46 -7.74
CA THR H 209 -10.07 46.59 -8.60
C THR H 209 -9.19 45.44 -9.12
N VAL H 210 -9.63 44.20 -9.00
CA VAL H 210 -8.93 43.04 -9.63
C VAL H 210 -9.93 42.28 -10.48
N ALA H 211 -9.42 41.52 -11.46
CA ALA H 211 -10.27 40.78 -12.43
C ALA H 211 -9.72 39.36 -12.60
N PRO H 212 -10.56 38.35 -12.92
CA PRO H 212 -10.08 37.00 -13.19
C PRO H 212 -8.90 36.97 -14.17
N THR H 213 -7.80 36.31 -13.77
CA THR H 213 -6.50 36.25 -14.49
C THR H 213 -6.70 35.69 -15.89
N GLU H 214 -5.81 36.05 -16.82
CA GLU H 214 -5.83 35.64 -18.25
C GLU H 214 -4.77 34.56 -18.46
N SER I 2 7.46 -34.76 0.70
CA SER I 2 6.43 -35.72 0.20
C SER I 2 5.17 -34.97 -0.24
N ALA I 3 4.64 -35.30 -1.42
CA ALA I 3 3.34 -34.82 -1.93
C ALA I 3 2.24 -35.05 -0.87
N LEU I 4 1.98 -36.29 -0.44
CA LEU I 4 1.05 -36.61 0.68
C LEU I 4 1.84 -36.61 2.01
N THR I 5 1.19 -36.22 3.10
CA THR I 5 1.83 -36.06 4.42
C THR I 5 1.42 -37.24 5.30
N GLN I 6 2.41 -37.96 5.83
CA GLN I 6 2.20 -39.01 6.85
C GLN I 6 2.98 -38.59 8.09
N PRO I 7 2.51 -38.91 9.32
CA PRO I 7 3.36 -38.68 10.49
C PRO I 7 4.60 -39.54 10.29
N PRO I 8 5.79 -39.06 10.70
CA PRO I 8 7.03 -39.82 10.51
C PRO I 8 7.09 -41.10 11.35
N SER I 9 6.38 -41.14 12.49
CA SER I 9 6.39 -42.30 13.42
C SER I 9 5.05 -42.44 14.14
N ALA I 10 4.77 -43.66 14.60
CA ALA I 10 3.62 -44.02 15.46
C ALA I 10 4.01 -45.26 16.29
N SER I 11 3.35 -45.51 17.41
CA SER I 11 3.71 -46.67 18.28
C SER I 11 2.51 -47.13 19.10
N GLY I 12 2.55 -48.40 19.52
CA GLY I 12 1.59 -49.02 20.45
C GLY I 12 2.16 -50.29 21.01
N SER I 13 1.60 -50.79 22.11
CA SER I 13 2.02 -52.06 22.76
C SER I 13 1.24 -53.22 22.17
N PRO I 14 1.70 -54.48 22.37
CA PRO I 14 0.94 -55.67 21.99
C PRO I 14 -0.53 -55.54 22.37
N GLY I 15 -1.42 -55.73 21.39
CA GLY I 15 -2.87 -55.73 21.59
C GLY I 15 -3.47 -54.36 21.44
N GLN I 16 -2.68 -53.30 21.55
CA GLN I 16 -3.16 -51.91 21.36
C GLN I 16 -3.44 -51.67 19.88
N SER I 17 -4.03 -50.52 19.58
CA SER I 17 -4.34 -50.11 18.20
C SER I 17 -3.52 -48.88 17.87
N VAL I 18 -3.16 -48.73 16.59
CA VAL I 18 -2.48 -47.52 16.06
C VAL I 18 -3.29 -47.06 14.85
N THR I 19 -3.57 -45.76 14.78
CA THR I 19 -4.18 -45.08 13.61
C THR I 19 -3.15 -44.12 13.04
N ILE I 20 -2.83 -44.25 11.76
CA ILE I 20 -1.85 -43.37 11.05
C ILE I 20 -2.58 -42.71 9.90
N SER I 21 -2.31 -41.44 9.65
CA SER I 21 -3.02 -40.62 8.66
C SER I 21 -2.14 -40.41 7.42
N CYS I 22 -2.80 -39.99 6.35
CA CYS I 22 -2.24 -39.75 5.00
C CYS I 22 -3.04 -38.61 4.37
N THR I 23 -2.54 -37.39 4.45
CA THR I 23 -3.22 -36.13 4.07
C THR I 23 -2.63 -35.63 2.74
N GLY I 24 -3.53 -35.18 1.86
CA GLY I 24 -3.24 -34.59 0.54
C GLY I 24 -4.16 -33.41 0.29
N THR I 25 -4.47 -33.15 -0.98
CA THR I 25 -5.36 -32.05 -1.46
C THR I 25 -6.63 -32.66 -2.08
N SER I 26 -7.56 -31.81 -2.55
CA SER I 26 -8.83 -32.19 -3.21
C SER I 26 -8.57 -32.92 -4.52
N SER I 27 -7.45 -32.63 -5.20
CA SER I 27 -7.11 -33.19 -6.55
C SER I 27 -6.43 -34.57 -6.43
N ASP I 28 -6.17 -35.06 -5.20
CA ASP I 28 -5.63 -36.43 -4.98
C ASP I 28 -6.50 -37.18 -3.98
N VAL I 29 -6.15 -37.16 -2.69
CA VAL I 29 -6.84 -38.01 -1.65
C VAL I 29 -8.32 -37.61 -1.61
N GLY I 30 -8.61 -36.32 -1.54
CA GLY I 30 -10.00 -35.80 -1.58
C GLY I 30 -10.74 -36.21 -2.84
N GLY I 31 -10.04 -36.21 -3.99
CA GLY I 31 -10.62 -36.24 -5.34
C GLY I 31 -11.27 -37.56 -5.73
N SER I 32 -10.95 -38.67 -5.05
CA SER I 32 -11.43 -40.03 -5.44
C SER I 32 -11.22 -41.02 -4.30
N ASP I 33 -11.55 -42.30 -4.54
CA ASP I 33 -11.46 -43.40 -3.56
C ASP I 33 -10.34 -44.35 -4.01
N SER I 34 -9.15 -43.81 -4.18
CA SER I 34 -7.98 -44.48 -4.81
C SER I 34 -6.76 -44.45 -3.88
N VAL I 35 -6.96 -44.37 -2.56
CA VAL I 35 -5.86 -44.42 -1.57
C VAL I 35 -5.44 -45.88 -1.41
N SER I 36 -4.14 -46.15 -1.52
CA SER I 36 -3.55 -47.48 -1.27
C SER I 36 -2.60 -47.37 -0.07
N TRP I 37 -2.43 -48.46 0.68
CA TRP I 37 -1.48 -48.55 1.82
C TRP I 37 -0.58 -49.75 1.55
N TYR I 38 0.73 -49.56 1.71
CA TYR I 38 1.74 -50.64 1.57
C TYR I 38 2.50 -50.73 2.89
N GLN I 39 2.83 -51.96 3.22
CA GLN I 39 3.54 -52.36 4.43
C GLN I 39 4.88 -52.83 3.94
N GLN I 40 5.96 -52.31 4.50
CA GLN I 40 7.30 -52.86 4.20
C GLN I 40 8.05 -53.12 5.50
N HIS I 41 8.30 -54.41 5.81
CA HIS I 41 9.38 -54.84 6.73
C HIS I 41 10.71 -54.33 6.16
N PRO I 42 11.63 -53.76 6.96
CA PRO I 42 12.82 -53.10 6.39
C PRO I 42 13.73 -54.13 5.70
N GLY I 43 14.33 -53.75 4.57
CA GLY I 43 15.12 -54.63 3.68
C GLY I 43 14.31 -55.78 3.07
N LYS I 44 12.96 -55.69 3.05
CA LYS I 44 12.08 -56.71 2.42
C LYS I 44 11.12 -56.03 1.44
N ALA I 45 10.62 -56.78 0.46
CA ALA I 45 9.72 -56.23 -0.58
C ALA I 45 8.47 -55.72 0.11
N PRO I 46 7.92 -54.56 -0.28
CA PRO I 46 6.65 -54.10 0.27
C PRO I 46 5.47 -55.01 -0.15
N LYS I 47 4.33 -54.84 0.51
CA LYS I 47 3.09 -55.58 0.16
C LYS I 47 1.95 -54.60 0.21
N LEU I 48 1.11 -54.59 -0.81
CA LEU I 48 -0.20 -53.88 -0.78
C LEU I 48 -1.08 -54.54 0.28
N ILE I 49 -1.57 -53.78 1.25
CA ILE I 49 -2.47 -54.27 2.34
C ILE I 49 -3.85 -53.61 2.21
N ILE I 50 -3.91 -52.42 1.60
CA ILE I 50 -5.19 -51.71 1.31
C ILE I 50 -5.14 -51.04 -0.07
N TYR I 51 -6.22 -51.15 -0.84
CA TYR I 51 -6.46 -50.41 -2.11
C TYR I 51 -7.89 -49.87 -2.11
N GLU I 52 -8.12 -48.81 -2.90
CA GLU I 52 -9.46 -48.17 -3.05
C GLU I 52 -9.99 -47.81 -1.66
N VAL I 53 -9.11 -47.24 -0.82
CA VAL I 53 -9.41 -46.68 0.55
C VAL I 53 -9.53 -47.81 1.59
N SER I 54 -10.38 -48.83 1.35
CA SER I 54 -10.93 -49.77 2.36
C SER I 54 -10.66 -51.25 2.05
N GLN I 55 -10.25 -51.60 0.84
CA GLN I 55 -10.27 -53.01 0.35
C GLN I 55 -8.99 -53.74 0.77
N ARG I 56 -9.15 -54.98 1.24
N ARG I 56 -9.16 -54.98 1.25
CA ARG I 56 -8.04 -55.87 1.68
CA ARG I 56 -8.05 -55.88 1.68
C ARG I 56 -7.81 -56.98 0.66
C ARG I 56 -7.82 -56.97 0.62
N PRO I 57 -6.58 -57.14 0.11
CA PRO I 57 -6.26 -58.30 -0.75
C PRO I 57 -6.40 -59.60 0.06
N SER I 58 -6.69 -60.74 -0.58
CA SER I 58 -6.80 -62.05 0.13
C SER I 58 -5.55 -62.26 1.00
N GLY I 59 -5.68 -62.84 2.19
CA GLY I 59 -4.54 -63.17 3.07
C GLY I 59 -4.18 -62.05 4.04
N VAL I 60 -4.67 -60.84 3.81
CA VAL I 60 -4.51 -59.68 4.72
C VAL I 60 -5.62 -59.73 5.76
N PRO I 61 -5.32 -59.85 7.07
CA PRO I 61 -6.38 -59.96 8.08
C PRO I 61 -7.14 -58.63 8.28
N ASN I 62 -8.31 -58.69 8.93
CA ASN I 62 -9.26 -57.54 9.00
C ASN I 62 -8.90 -56.59 10.16
N ARG I 63 -7.80 -56.85 10.89
CA ARG I 63 -7.22 -55.89 11.87
C ARG I 63 -6.84 -54.63 11.12
N PHE I 64 -6.33 -54.80 9.89
CA PHE I 64 -6.04 -53.67 8.97
C PHE I 64 -7.35 -53.13 8.40
N SER I 65 -7.61 -51.85 8.62
CA SER I 65 -8.79 -51.16 8.04
C SER I 65 -8.37 -49.78 7.54
N GLY I 66 -8.79 -49.45 6.32
CA GLY I 66 -8.61 -48.12 5.72
C GLY I 66 -9.92 -47.35 5.70
N SER I 67 -9.89 -46.07 6.05
CA SER I 67 -11.00 -45.14 5.75
C SER I 67 -10.43 -43.79 5.33
N LYS I 68 -11.33 -42.81 5.15
CA LYS I 68 -10.99 -41.48 4.59
C LYS I 68 -12.11 -40.49 4.90
N SER I 69 -11.73 -39.30 5.37
CA SER I 69 -12.62 -38.13 5.59
C SER I 69 -11.96 -36.93 4.88
N GLY I 70 -12.61 -36.38 3.86
CA GLY I 70 -12.11 -35.22 3.11
C GLY I 70 -10.78 -35.53 2.43
N ASN I 71 -9.72 -34.82 2.83
CA ASN I 71 -8.37 -34.92 2.21
C ASN I 71 -7.45 -35.87 3.01
N THR I 72 -7.93 -36.42 4.13
CA THR I 72 -7.12 -37.28 5.03
C THR I 72 -7.65 -38.71 4.99
N ALA I 73 -6.85 -39.66 4.49
CA ALA I 73 -7.08 -41.12 4.64
C ALA I 73 -6.33 -41.63 5.88
N SER I 74 -6.83 -42.71 6.49
CA SER I 74 -6.33 -43.24 7.79
C SER I 74 -6.27 -44.76 7.71
N LEU I 75 -5.19 -45.33 8.23
CA LEU I 75 -5.03 -46.80 8.35
C LEU I 75 -5.06 -47.11 9.84
N THR I 76 -5.90 -48.07 10.23
CA THR I 76 -6.01 -48.53 11.62
C THR I 76 -5.48 -49.93 11.65
N VAL I 77 -4.43 -50.17 12.45
CA VAL I 77 -4.03 -51.54 12.81
C VAL I 77 -4.56 -51.79 14.22
N SER I 78 -5.38 -52.83 14.38
N SER I 78 -5.39 -52.83 14.38
CA SER I 78 -5.96 -53.29 15.67
CA SER I 78 -5.94 -53.28 15.69
C SER I 78 -5.17 -54.52 16.15
C SER I 78 -5.11 -54.47 16.18
N GLY I 79 -5.28 -54.87 17.45
CA GLY I 79 -4.51 -55.96 18.06
C GLY I 79 -3.09 -56.06 17.51
N LEU I 80 -2.27 -55.00 17.64
CA LEU I 80 -0.87 -54.97 17.14
C LEU I 80 -0.13 -56.27 17.55
N GLN I 81 0.55 -56.92 16.62
CA GLN I 81 1.43 -58.10 16.87
C GLN I 81 2.85 -57.74 16.41
N ALA I 82 3.86 -58.44 16.95
CA ALA I 82 5.30 -58.25 16.65
C ALA I 82 5.48 -58.00 15.15
N GLU I 83 4.75 -58.74 14.31
CA GLU I 83 4.92 -58.74 12.84
C GLU I 83 4.50 -57.37 12.25
N ASP I 84 3.63 -56.60 12.91
CA ASP I 84 3.04 -55.34 12.39
C ASP I 84 4.10 -54.23 12.39
N ASP I 85 5.22 -54.50 13.05
CA ASP I 85 6.37 -53.58 13.16
C ASP I 85 7.01 -53.42 11.77
N ALA I 86 6.93 -52.23 11.16
CA ALA I 86 7.22 -52.02 9.72
C ALA I 86 7.04 -50.54 9.34
N ASP I 87 7.43 -50.18 8.11
CA ASP I 87 7.10 -48.88 7.46
C ASP I 87 5.82 -49.06 6.63
N TYR I 88 4.95 -48.08 6.70
CA TYR I 88 3.60 -48.03 6.08
C TYR I 88 3.56 -46.82 5.16
N TYR I 89 3.35 -47.06 3.86
CA TYR I 89 3.25 -46.00 2.83
C TYR I 89 1.81 -45.93 2.35
N CYS I 90 1.35 -44.71 2.11
CA CYS I 90 0.04 -44.45 1.45
C CYS I 90 0.29 -43.84 0.06
N SER I 91 -0.56 -44.20 -0.91
CA SER I 91 -0.57 -43.58 -2.26
C SER I 91 -2.01 -43.24 -2.68
N SER I 92 -2.11 -42.39 -3.70
CA SER I 92 -3.37 -41.82 -4.23
C SER I 92 -3.12 -41.28 -5.64
N TYR I 93 -4.14 -41.26 -6.49
CA TYR I 93 -4.10 -40.70 -7.86
C TYR I 93 -4.45 -39.21 -7.82
N ASN I 97 -4.14 -38.01 -13.53
CA ASN I 97 -3.95 -39.43 -13.12
C ASN I 97 -2.47 -39.66 -12.77
N ASN I 98 -1.88 -38.77 -11.95
CA ASN I 98 -0.51 -38.92 -11.41
C ASN I 98 -0.62 -39.65 -10.07
N LEU I 99 0.15 -40.73 -9.90
CA LEU I 99 0.20 -41.52 -8.62
C LEU I 99 1.06 -40.72 -7.64
N PHE I 100 0.46 -40.29 -6.52
CA PHE I 100 1.10 -39.53 -5.42
C PHE I 100 1.35 -40.45 -4.22
N PHE I 101 2.46 -40.25 -3.52
CA PHE I 101 2.91 -41.05 -2.34
C PHE I 101 3.14 -40.19 -1.10
N GLY I 102 2.86 -40.75 0.08
CA GLY I 102 3.25 -40.18 1.38
C GLY I 102 4.72 -40.45 1.67
N GLY I 103 5.25 -39.94 2.79
CA GLY I 103 6.67 -40.10 3.14
C GLY I 103 6.92 -41.41 3.87
N GLY I 104 5.87 -42.11 4.27
CA GLY I 104 5.97 -43.33 5.10
C GLY I 104 5.84 -43.01 6.59
N THR I 105 5.33 -43.98 7.36
CA THR I 105 5.20 -43.98 8.83
C THR I 105 5.90 -45.23 9.40
N LYS I 106 6.91 -45.01 10.22
CA LYS I 106 7.60 -46.05 11.02
C LYS I 106 6.66 -46.39 12.20
N VAL I 107 6.13 -47.61 12.20
CA VAL I 107 5.27 -48.15 13.30
C VAL I 107 6.09 -49.14 14.13
N THR I 108 6.30 -48.77 15.39
CA THR I 108 6.96 -49.59 16.41
C THR I 108 5.90 -50.21 17.32
N VAL I 109 5.96 -51.53 17.47
CA VAL I 109 5.30 -52.23 18.60
C VAL I 109 6.30 -52.23 19.76
N LEU I 110 6.09 -51.40 20.80
CA LEU I 110 7.02 -51.20 21.96
C LEU I 110 7.51 -52.54 22.52
N GLY I 111 8.80 -52.79 22.37
CA GLY I 111 9.50 -53.94 22.96
C GLY I 111 10.25 -53.53 24.21
N GLN I 112 10.17 -52.24 24.56
CA GLN I 112 10.72 -51.66 25.81
C GLN I 112 10.01 -50.33 26.08
N PRO I 113 10.28 -49.68 27.24
CA PRO I 113 9.67 -48.39 27.56
C PRO I 113 10.04 -47.24 26.62
N LYS I 114 9.10 -46.32 26.41
CA LYS I 114 9.32 -45.06 25.70
C LYS I 114 10.36 -44.27 26.49
N ALA I 115 11.30 -43.65 25.76
CA ALA I 115 12.36 -42.84 26.36
C ALA I 115 12.64 -41.69 25.38
N ALA I 116 12.57 -40.48 25.90
CA ALA I 116 12.63 -39.22 25.13
C ALA I 116 14.10 -38.96 24.90
N PRO I 117 14.46 -38.42 23.72
CA PRO I 117 15.87 -38.20 23.43
C PRO I 117 16.53 -37.20 24.40
N SER I 118 17.77 -37.49 24.82
N SER I 118 17.73 -37.52 24.87
CA SER I 118 18.72 -36.51 25.43
CA SER I 118 18.69 -36.51 25.40
C SER I 118 19.46 -35.75 24.31
C SER I 118 19.28 -35.77 24.20
N VAL I 119 19.26 -34.43 24.19
CA VAL I 119 19.76 -33.64 23.01
C VAL I 119 20.85 -32.67 23.48
N THR I 120 22.01 -32.66 22.79
CA THR I 120 23.10 -31.68 23.07
C THR I 120 23.55 -31.05 21.75
N LEU I 121 23.41 -29.74 21.64
CA LEU I 121 23.75 -28.97 20.42
C LEU I 121 25.14 -28.40 20.67
N PHE I 122 26.06 -28.57 19.72
CA PHE I 122 27.46 -28.14 19.87
C PHE I 122 27.70 -26.99 18.91
N PRO I 123 28.29 -25.86 19.39
CA PRO I 123 28.64 -24.76 18.49
C PRO I 123 29.93 -25.19 17.77
N PRO I 124 30.38 -24.44 16.73
CA PRO I 124 31.62 -24.78 16.01
C PRO I 124 32.87 -24.76 16.90
N SER I 125 33.75 -25.77 16.74
CA SER I 125 35.02 -25.92 17.47
C SER I 125 36.07 -24.92 16.95
N SER I 126 37.02 -24.54 17.80
CA SER I 126 38.14 -23.61 17.48
C SER I 126 38.92 -24.12 16.27
N GLU I 127 39.34 -25.39 16.28
CA GLU I 127 40.10 -26.08 15.21
C GLU I 127 39.39 -25.90 13.85
N GLU I 128 38.06 -26.14 13.78
CA GLU I 128 37.31 -26.21 12.48
C GLU I 128 37.06 -24.79 11.95
N LEU I 129 36.88 -23.81 12.83
CA LEU I 129 36.72 -22.38 12.43
C LEU I 129 38.02 -21.86 11.80
N GLN I 130 39.17 -22.43 12.15
CA GLN I 130 40.47 -22.04 11.52
C GLN I 130 40.63 -22.78 10.19
N ALA I 131 39.80 -23.80 9.92
CA ALA I 131 39.77 -24.58 8.66
C ALA I 131 38.60 -24.13 7.78
N ASN I 132 37.98 -22.99 8.11
CA ASN I 132 36.87 -22.41 7.31
C ASN I 132 35.67 -23.37 7.30
N LYS I 133 35.38 -24.01 8.44
CA LYS I 133 34.16 -24.84 8.62
C LYS I 133 33.48 -24.42 9.93
N ALA I 134 32.15 -24.40 9.92
CA ALA I 134 31.32 -23.92 11.05
C ALA I 134 30.25 -24.97 11.36
N THR I 135 30.61 -26.25 11.21
CA THR I 135 29.68 -27.40 11.31
C THR I 135 29.16 -27.48 12.74
N LEU I 136 27.83 -27.47 12.89
CA LEU I 136 27.17 -27.64 14.20
C LEU I 136 26.83 -29.13 14.32
N VAL I 137 26.91 -29.68 15.54
CA VAL I 137 26.41 -31.06 15.76
C VAL I 137 25.30 -31.04 16.80
N CYS I 138 24.16 -31.57 16.40
CA CYS I 138 23.05 -31.94 17.31
C CYS I 138 23.09 -33.44 17.61
N LEU I 139 23.61 -33.81 18.79
CA LEU I 139 23.70 -35.20 19.30
C LEU I 139 22.40 -35.55 20.02
N ILE I 140 21.85 -36.75 19.72
CA ILE I 140 20.54 -37.27 20.17
C ILE I 140 20.77 -38.68 20.71
N SER I 141 20.60 -38.92 22.01
CA SER I 141 20.86 -40.26 22.58
C SER I 141 19.76 -40.68 23.55
N ASP I 142 19.77 -41.97 23.89
CA ASP I 142 18.92 -42.61 24.92
C ASP I 142 17.43 -42.49 24.57
N PHE I 143 17.02 -42.71 23.30
CA PHE I 143 15.60 -42.68 22.90
C PHE I 143 15.12 -44.05 22.46
N TYR I 144 13.82 -44.23 22.62
CA TYR I 144 13.05 -45.40 22.15
C TYR I 144 11.63 -44.91 21.97
N PRO I 145 10.92 -45.22 20.86
CA PRO I 145 11.48 -45.96 19.74
C PRO I 145 12.57 -45.23 18.94
N GLY I 146 13.24 -45.99 18.07
CA GLY I 146 14.49 -45.62 17.40
C GLY I 146 14.26 -44.72 16.21
N ALA I 147 13.30 -43.79 16.30
CA ALA I 147 12.85 -42.95 15.16
C ALA I 147 12.73 -41.52 15.68
N VAL I 148 13.28 -40.59 14.92
CA VAL I 148 13.40 -39.16 15.30
C VAL I 148 13.43 -38.38 13.99
N THR I 149 12.90 -37.15 13.97
CA THR I 149 13.06 -36.16 12.87
C THR I 149 13.66 -34.89 13.46
N VAL I 150 14.49 -34.19 12.70
CA VAL I 150 15.38 -33.09 13.18
C VAL I 150 15.15 -31.88 12.27
N ALA I 151 14.93 -30.71 12.87
CA ALA I 151 14.63 -29.45 12.16
C ALA I 151 15.62 -28.42 12.66
N TRP I 152 16.37 -27.81 11.75
CA TRP I 152 17.32 -26.75 12.15
C TRP I 152 16.68 -25.39 11.89
N LYS I 153 17.08 -24.39 12.66
CA LYS I 153 16.69 -23.00 12.39
C LYS I 153 17.90 -22.08 12.53
N ALA I 154 18.06 -21.17 11.56
CA ALA I 154 18.88 -19.94 11.65
C ALA I 154 17.97 -18.81 12.15
N ASP I 155 18.23 -18.31 13.36
CA ASP I 155 17.30 -17.43 14.10
C ASP I 155 15.97 -18.17 14.24
N SER I 156 14.96 -17.78 13.46
N SER I 156 14.96 -17.78 13.46
CA SER I 156 13.59 -18.34 13.50
CA SER I 156 13.57 -18.34 13.50
C SER I 156 13.17 -18.90 12.13
C SER I 156 13.17 -18.90 12.13
N SER I 157 14.02 -18.81 11.10
CA SER I 157 13.75 -19.37 9.75
C SER I 157 14.26 -20.81 9.67
N PRO I 158 13.53 -21.76 9.06
CA PRO I 158 14.00 -23.14 8.94
C PRO I 158 15.05 -23.26 7.81
N VAL I 159 16.21 -23.86 8.11
CA VAL I 159 17.31 -24.11 7.12
C VAL I 159 17.17 -25.54 6.60
N LYS I 160 17.18 -25.72 5.28
CA LYS I 160 17.00 -27.04 4.60
C LYS I 160 18.35 -27.58 4.14
N ALA I 161 19.17 -26.73 3.51
CA ALA I 161 20.45 -27.11 2.87
C ALA I 161 21.53 -27.34 3.92
N GLY I 162 22.36 -28.37 3.68
CA GLY I 162 23.60 -28.66 4.43
C GLY I 162 23.28 -29.44 5.68
N VAL I 163 22.10 -30.07 5.71
CA VAL I 163 21.66 -30.91 6.87
C VAL I 163 21.87 -32.38 6.52
N GLU I 164 22.51 -33.14 7.40
CA GLU I 164 22.63 -34.63 7.35
C GLU I 164 22.30 -35.21 8.74
N THR I 165 21.43 -36.19 8.82
CA THR I 165 21.15 -36.90 10.09
C THR I 165 21.43 -38.39 9.90
N THR I 166 22.20 -39.00 10.81
CA THR I 166 22.59 -40.44 10.77
C THR I 166 21.36 -41.27 11.08
N THR I 167 21.31 -42.51 10.57
CA THR I 167 20.24 -43.48 10.87
C THR I 167 20.41 -43.90 12.33
N PRO I 168 19.36 -43.81 13.19
CA PRO I 168 19.51 -44.22 14.58
C PRO I 168 20.05 -45.66 14.70
N SER I 169 21.02 -45.88 15.58
CA SER I 169 21.59 -47.20 15.97
C SER I 169 21.33 -47.46 17.45
N LYS I 170 21.02 -48.70 17.79
CA LYS I 170 20.78 -49.08 19.21
C LYS I 170 22.15 -49.10 19.90
N GLN I 171 22.30 -48.43 21.04
CA GLN I 171 23.64 -48.31 21.70
C GLN I 171 23.69 -49.33 22.84
N SER I 172 24.74 -49.31 23.70
CA SER I 172 25.05 -50.37 24.70
C SER I 172 23.98 -50.42 25.81
N ASN I 173 23.28 -49.30 26.05
CA ASN I 173 22.17 -49.21 27.05
C ASN I 173 20.85 -49.70 26.43
N ASN I 174 20.87 -50.21 25.19
CA ASN I 174 19.69 -50.71 24.43
C ASN I 174 18.72 -49.58 24.08
N LYS I 175 19.18 -48.33 24.03
CA LYS I 175 18.42 -47.20 23.44
C LYS I 175 19.19 -46.65 22.23
N TYR I 176 18.49 -45.94 21.34
CA TYR I 176 19.01 -45.44 20.04
C TYR I 176 19.76 -44.12 20.20
N ALA I 177 20.70 -43.87 19.28
CA ALA I 177 21.47 -42.61 19.22
C ALA I 177 21.70 -42.29 17.75
N ALA I 178 21.74 -41.01 17.45
CA ALA I 178 22.01 -40.42 16.12
C ALA I 178 22.59 -39.02 16.37
N SER I 179 23.21 -38.44 15.36
CA SER I 179 23.66 -37.03 15.31
CA SER I 179 23.65 -37.03 15.32
C SER I 179 23.09 -36.41 14.03
N SER I 180 22.67 -35.17 14.09
CA SER I 180 22.40 -34.36 12.89
C SER I 180 23.55 -33.36 12.83
N TYR I 181 24.11 -33.09 11.64
CA TYR I 181 25.12 -32.01 11.52
C TYR I 181 24.72 -31.05 10.40
N LEU I 182 24.91 -29.76 10.69
CA LEU I 182 24.60 -28.63 9.77
C LEU I 182 25.93 -28.04 9.30
N SER I 183 26.24 -28.21 8.03
CA SER I 183 27.56 -27.83 7.46
C SER I 183 27.50 -26.36 7.07
N LEU I 184 27.64 -25.46 8.05
CA LEU I 184 27.66 -23.99 7.83
C LEU I 184 29.07 -23.52 7.45
N THR I 185 29.15 -22.41 6.70
CA THR I 185 30.39 -21.62 6.48
C THR I 185 30.56 -20.69 7.69
N PRO I 186 31.81 -20.37 8.11
CA PRO I 186 32.02 -19.43 9.22
C PRO I 186 31.27 -18.10 9.04
N GLU I 187 30.99 -17.70 7.79
CA GLU I 187 30.25 -16.43 7.49
C GLU I 187 28.77 -16.66 7.76
N GLN I 188 28.21 -17.74 7.22
CA GLN I 188 26.80 -18.17 7.50
C GLN I 188 26.56 -18.16 9.01
N TRP I 189 27.49 -18.69 9.80
CA TRP I 189 27.37 -18.84 11.28
C TRP I 189 27.42 -17.48 11.99
N LYS I 190 28.31 -16.58 11.54
CA LYS I 190 28.63 -15.29 12.22
C LYS I 190 27.59 -14.24 11.86
N SER I 191 27.00 -14.30 10.66
CA SER I 191 25.95 -13.37 10.19
C SER I 191 24.55 -13.96 10.49
N HIS I 192 24.35 -14.38 11.75
CA HIS I 192 23.07 -14.87 12.34
C HIS I 192 23.18 -14.83 13.86
N ARG I 193 22.07 -14.55 14.55
CA ARG I 193 21.94 -14.28 16.01
C ARG I 193 22.16 -15.57 16.83
N SER I 194 21.43 -16.64 16.50
CA SER I 194 21.55 -17.97 17.14
C SER I 194 21.16 -19.02 16.10
N TYR I 195 21.50 -20.29 16.34
CA TYR I 195 21.03 -21.47 15.57
C TYR I 195 20.43 -22.51 16.54
N SER I 196 19.37 -23.20 16.11
CA SER I 196 18.60 -24.18 16.90
C SER I 196 18.53 -25.53 16.20
N CYS I 197 18.51 -26.59 16.98
CA CYS I 197 18.22 -27.99 16.58
C CYS I 197 16.97 -28.40 17.35
N GLN I 198 15.86 -28.63 16.64
CA GLN I 198 14.57 -29.14 17.19
C GLN I 198 14.49 -30.63 16.88
N VAL I 199 14.38 -31.47 17.90
CA VAL I 199 14.27 -32.95 17.75
C VAL I 199 12.83 -33.36 18.13
N THR I 200 12.12 -34.02 17.21
CA THR I 200 10.75 -34.55 17.42
C THR I 200 10.87 -36.07 17.67
N HIS I 201 10.22 -36.55 18.72
CA HIS I 201 10.13 -38.00 19.05
C HIS I 201 8.73 -38.25 19.63
N GLU I 202 7.99 -39.20 19.06
CA GLU I 202 6.69 -39.63 19.64
C GLU I 202 5.79 -38.39 19.80
N GLY I 203 5.83 -37.47 18.82
CA GLY I 203 4.96 -36.28 18.74
C GLY I 203 5.37 -35.13 19.66
N SER I 204 6.39 -35.34 20.50
CA SER I 204 6.95 -34.32 21.43
C SER I 204 8.27 -33.77 20.87
N THR I 205 8.57 -32.49 21.12
CA THR I 205 9.65 -31.72 20.45
C THR I 205 10.48 -30.96 21.47
N VAL I 206 11.79 -31.28 21.53
CA VAL I 206 12.82 -30.59 22.34
C VAL I 206 13.64 -29.66 21.44
N GLU I 207 13.95 -28.44 21.89
CA GLU I 207 14.77 -27.48 21.11
C GLU I 207 15.97 -27.04 21.94
N LYS I 208 17.17 -27.15 21.38
CA LYS I 208 18.40 -26.55 21.97
C LYS I 208 18.87 -25.41 21.04
N THR I 209 19.59 -24.45 21.57
CA THR I 209 20.00 -23.23 20.79
C THR I 209 21.44 -22.87 21.12
N VAL I 210 22.18 -22.38 20.13
CA VAL I 210 23.56 -21.85 20.33
C VAL I 210 23.73 -20.56 19.54
N ALA I 211 24.72 -19.77 19.91
CA ALA I 211 24.99 -18.42 19.34
C ALA I 211 26.50 -18.21 19.27
N PRO I 212 27.01 -17.56 18.19
CA PRO I 212 28.42 -17.17 18.14
C PRO I 212 28.84 -16.48 19.44
N THR I 213 30.14 -16.46 19.76
CA THR I 213 30.67 -15.89 21.03
C THR I 213 31.99 -15.14 20.78
N GLN J 1 -0.15 -62.91 -2.95
CA GLN J 1 0.74 -63.93 -2.32
C GLN J 1 1.88 -64.31 -3.28
N SER J 2 1.57 -64.46 -4.57
CA SER J 2 2.52 -64.86 -5.65
C SER J 2 3.47 -63.69 -5.96
N ALA J 3 4.78 -63.87 -5.74
CA ALA J 3 5.81 -62.83 -5.98
C ALA J 3 6.16 -62.78 -7.46
N LEU J 4 6.69 -61.65 -7.92
CA LEU J 4 7.44 -61.55 -9.19
C LEU J 4 8.89 -62.01 -8.94
N THR J 5 9.56 -62.54 -9.97
CA THR J 5 10.89 -63.20 -9.87
C THR J 5 11.99 -62.23 -10.30
N GLN J 6 12.82 -61.82 -9.35
CA GLN J 6 14.02 -60.97 -9.58
C GLN J 6 15.21 -61.72 -9.01
N PRO J 7 16.41 -61.54 -9.61
CA PRO J 7 17.64 -62.07 -9.04
C PRO J 7 17.87 -61.37 -7.70
N PRO J 8 18.35 -62.09 -6.65
CA PRO J 8 18.55 -61.47 -5.33
C PRO J 8 19.64 -60.40 -5.42
N SER J 9 20.53 -60.48 -6.42
CA SER J 9 21.58 -59.46 -6.58
C SER J 9 22.06 -59.35 -8.02
N ALA J 10 22.69 -58.21 -8.29
CA ALA J 10 23.47 -57.89 -9.50
C ALA J 10 24.60 -56.98 -9.02
N SER J 11 25.58 -56.68 -9.87
CA SER J 11 26.70 -55.79 -9.51
C SER J 11 27.35 -55.23 -10.78
N GLY J 12 28.31 -54.35 -10.56
CA GLY J 12 29.03 -53.61 -11.60
C GLY J 12 29.75 -52.47 -10.94
N SER J 13 30.94 -52.13 -11.41
CA SER J 13 31.75 -51.01 -10.89
C SER J 13 31.33 -49.73 -11.61
N PRO J 14 31.86 -48.56 -11.19
CA PRO J 14 31.58 -47.30 -11.86
C PRO J 14 31.61 -47.46 -13.38
N GLY J 15 30.59 -46.93 -14.06
CA GLY J 15 30.53 -46.82 -15.52
C GLY J 15 30.11 -48.12 -16.17
N GLN J 16 30.12 -49.24 -15.44
CA GLN J 16 29.57 -50.51 -15.97
C GLN J 16 28.06 -50.31 -16.17
N SER J 17 27.45 -51.19 -16.98
CA SER J 17 25.98 -51.31 -17.15
C SER J 17 25.52 -52.57 -16.42
N VAL J 18 24.30 -52.55 -15.90
CA VAL J 18 23.65 -53.75 -15.31
C VAL J 18 22.23 -53.84 -15.87
N THR J 19 21.80 -55.05 -16.20
CA THR J 19 20.42 -55.36 -16.63
C THR J 19 19.85 -56.23 -15.52
N ILE J 20 18.62 -55.95 -15.07
CA ILE J 20 17.95 -56.83 -14.06
C ILE J 20 16.56 -57.18 -14.58
N SER J 21 16.11 -58.41 -14.31
CA SER J 21 14.90 -59.02 -14.91
C SER J 21 13.80 -59.16 -13.84
N CYS J 22 12.56 -59.19 -14.31
CA CYS J 22 11.34 -59.25 -13.47
C CYS J 22 10.33 -60.13 -14.19
N THR J 23 10.24 -61.40 -13.77
CA THR J 23 9.46 -62.44 -14.47
C THR J 23 8.18 -62.74 -13.69
N GLY J 24 7.03 -62.56 -14.33
CA GLY J 24 5.71 -63.00 -13.85
C GLY J 24 5.04 -63.91 -14.86
N THR J 25 3.80 -63.59 -15.24
CA THR J 25 2.92 -64.38 -16.14
C THR J 25 2.13 -63.42 -17.04
N SER J 26 1.28 -63.98 -17.91
CA SER J 26 0.47 -63.27 -18.93
C SER J 26 -0.65 -62.45 -18.26
N SER J 27 -1.10 -62.87 -17.07
CA SER J 27 -2.18 -62.21 -16.29
C SER J 27 -1.62 -61.13 -15.34
N ASP J 28 -0.30 -60.86 -15.32
CA ASP J 28 0.29 -59.66 -14.65
C ASP J 28 1.36 -59.01 -15.54
N VAL J 29 2.63 -59.41 -15.47
CA VAL J 29 3.75 -58.71 -16.20
C VAL J 29 3.40 -58.61 -17.69
N GLY J 30 3.05 -59.74 -18.32
CA GLY J 30 2.69 -59.83 -19.75
C GLY J 30 1.29 -59.34 -20.06
N GLY J 31 0.52 -58.97 -19.02
CA GLY J 31 -0.93 -58.66 -19.10
C GLY J 31 -1.20 -57.24 -19.57
N SER J 32 -0.40 -56.27 -19.13
CA SER J 32 -0.56 -54.83 -19.49
C SER J 32 0.75 -54.07 -19.27
N ASP J 33 0.76 -52.77 -19.62
CA ASP J 33 1.97 -51.91 -19.62
C ASP J 33 1.95 -51.08 -18.33
N SER J 34 1.92 -51.75 -17.17
CA SER J 34 1.91 -51.12 -15.81
C SER J 34 3.02 -51.72 -14.93
N VAL J 35 4.12 -52.17 -15.54
CA VAL J 35 5.32 -52.62 -14.77
C VAL J 35 6.03 -51.35 -14.29
N SER J 36 6.15 -51.18 -12.97
CA SER J 36 6.88 -50.07 -12.30
C SER J 36 8.18 -50.57 -11.65
N TRP J 37 9.20 -49.71 -11.61
CA TRP J 37 10.47 -49.99 -10.92
C TRP J 37 10.68 -48.93 -9.83
N TYR J 38 11.17 -49.36 -8.67
CA TYR J 38 11.48 -48.51 -7.50
C TYR J 38 12.92 -48.77 -7.08
N GLN J 39 13.63 -47.71 -6.73
CA GLN J 39 14.99 -47.73 -6.15
C GLN J 39 14.91 -47.33 -4.67
N GLN J 40 15.58 -48.08 -3.81
CA GLN J 40 15.51 -47.82 -2.33
C GLN J 40 16.89 -47.91 -1.70
N HIS J 41 17.37 -46.82 -1.11
CA HIS J 41 18.57 -46.82 -0.23
C HIS J 41 18.14 -47.34 1.14
N PRO J 42 18.89 -48.27 1.76
CA PRO J 42 18.51 -48.84 3.06
C PRO J 42 18.21 -47.70 4.03
N GLY J 43 17.12 -47.80 4.82
CA GLY J 43 16.72 -46.75 5.78
C GLY J 43 16.02 -45.55 5.13
N LYS J 44 15.84 -45.54 3.80
CA LYS J 44 15.22 -44.41 3.07
C LYS J 44 13.91 -44.87 2.44
N ALA J 45 12.99 -43.94 2.20
CA ALA J 45 11.83 -44.13 1.31
C ALA J 45 12.30 -44.50 -0.10
N PRO J 46 11.54 -45.33 -0.84
CA PRO J 46 11.91 -45.65 -2.22
C PRO J 46 11.78 -44.40 -3.10
N LYS J 47 12.38 -44.46 -4.29
CA LYS J 47 12.23 -43.53 -5.43
C LYS J 47 11.66 -44.30 -6.64
N LEU J 48 10.49 -43.90 -7.15
CA LEU J 48 9.91 -44.44 -8.42
C LEU J 48 10.80 -44.03 -9.59
N ILE J 49 11.41 -44.99 -10.30
CA ILE J 49 12.37 -44.67 -11.41
C ILE J 49 11.76 -45.06 -12.77
N ILE J 50 10.84 -46.03 -12.83
CA ILE J 50 10.10 -46.37 -14.09
C ILE J 50 8.65 -46.68 -13.78
N TYR J 51 7.75 -46.19 -14.62
CA TYR J 51 6.32 -46.60 -14.62
C TYR J 51 5.89 -46.86 -16.08
N GLU J 52 4.76 -47.55 -16.26
CA GLU J 52 4.25 -47.96 -17.58
C GLU J 52 5.38 -48.60 -18.41
N VAL J 53 6.16 -49.51 -17.81
CA VAL J 53 7.26 -50.32 -18.45
C VAL J 53 8.50 -49.45 -18.70
N SER J 54 8.36 -48.24 -19.24
CA SER J 54 9.41 -47.52 -20.04
C SER J 54 9.60 -46.07 -19.58
N GLN J 55 8.62 -45.48 -18.90
CA GLN J 55 8.55 -44.01 -18.65
C GLN J 55 9.35 -43.67 -17.40
N ARG J 56 10.33 -42.75 -17.51
CA ARG J 56 11.03 -42.13 -16.34
C ARG J 56 10.22 -40.93 -15.87
N PRO J 57 9.89 -40.81 -14.56
CA PRO J 57 9.33 -39.55 -14.04
C PRO J 57 10.43 -38.49 -14.05
N SER J 58 10.05 -37.23 -13.81
CA SER J 58 11.00 -36.09 -13.78
C SER J 58 12.02 -36.33 -12.67
N GLY J 59 13.25 -35.87 -12.89
CA GLY J 59 14.36 -36.00 -11.93
C GLY J 59 15.16 -37.26 -12.20
N VAL J 60 14.56 -38.25 -12.86
CA VAL J 60 15.22 -39.54 -13.18
C VAL J 60 16.00 -39.41 -14.49
N PRO J 61 17.33 -39.64 -14.47
CA PRO J 61 18.16 -39.57 -15.68
C PRO J 61 17.84 -40.65 -16.72
N ASN J 62 18.20 -40.40 -17.98
CA ASN J 62 17.86 -41.30 -19.12
C ASN J 62 18.82 -42.50 -19.13
N ARG J 63 19.72 -42.62 -18.15
CA ARG J 63 20.61 -43.80 -17.99
C ARG J 63 19.85 -44.96 -17.30
N PHE J 64 18.62 -44.73 -16.84
CA PHE J 64 17.66 -45.79 -16.42
C PHE J 64 16.64 -46.06 -17.54
N SER J 65 16.67 -47.25 -18.14
CA SER J 65 15.70 -47.67 -19.19
C SER J 65 14.94 -48.93 -18.78
N GLY J 66 13.61 -48.91 -18.96
CA GLY J 66 12.70 -50.04 -18.70
C GLY J 66 12.18 -50.62 -20.00
N SER J 67 12.11 -51.95 -20.08
CA SER J 67 11.61 -52.67 -21.26
C SER J 67 10.88 -53.95 -20.84
N LYS J 68 10.21 -54.57 -21.80
CA LYS J 68 9.33 -55.75 -21.60
C LYS J 68 9.40 -56.65 -22.84
N SER J 69 9.33 -57.96 -22.63
CA SER J 69 9.29 -59.01 -23.67
C SER J 69 8.62 -60.25 -23.06
N GLY J 70 7.43 -60.61 -23.52
CA GLY J 70 6.61 -61.67 -22.92
C GLY J 70 6.48 -61.35 -21.43
N ASN J 71 6.76 -62.31 -20.56
CA ASN J 71 6.42 -62.32 -19.10
C ASN J 71 7.55 -61.74 -18.25
N THR J 72 8.61 -61.23 -18.89
CA THR J 72 9.84 -60.71 -18.25
C THR J 72 9.99 -59.23 -18.62
N ALA J 73 9.89 -58.35 -17.63
CA ALA J 73 10.36 -56.95 -17.71
C ALA J 73 11.87 -56.89 -17.37
N SER J 74 12.57 -55.93 -17.97
CA SER J 74 14.01 -55.67 -17.76
C SER J 74 14.20 -54.19 -17.44
N LEU J 75 15.00 -53.88 -16.42
CA LEU J 75 15.54 -52.53 -16.15
C LEU J 75 17.03 -52.55 -16.42
N THR J 76 17.53 -51.58 -17.17
CA THR J 76 18.98 -51.38 -17.42
C THR J 76 19.47 -50.11 -16.72
N VAL J 77 20.56 -50.24 -15.96
CA VAL J 77 21.30 -49.09 -15.36
C VAL J 77 22.63 -49.02 -16.09
N SER J 78 22.77 -48.03 -16.96
CA SER J 78 24.03 -47.71 -17.69
C SER J 78 24.78 -46.60 -16.94
N GLY J 79 26.11 -46.59 -17.05
CA GLY J 79 26.98 -45.63 -16.35
C GLY J 79 26.74 -45.65 -14.86
N LEU J 80 26.82 -46.85 -14.26
CA LEU J 80 26.67 -47.06 -12.80
C LEU J 80 27.42 -45.98 -12.04
N GLN J 81 26.78 -45.41 -11.02
CA GLN J 81 27.33 -44.41 -10.07
C GLN J 81 27.15 -44.95 -8.64
N ALA J 82 27.93 -44.41 -7.71
CA ALA J 82 27.84 -44.80 -6.28
C ALA J 82 26.38 -44.74 -5.83
N GLU J 83 25.67 -43.64 -6.13
CA GLU J 83 24.25 -43.37 -5.77
C GLU J 83 23.30 -44.47 -6.28
N ASP J 84 23.68 -45.28 -7.28
CA ASP J 84 22.77 -46.33 -7.84
C ASP J 84 22.80 -47.58 -6.99
N ASP J 85 23.80 -47.70 -6.11
CA ASP J 85 23.98 -48.85 -5.20
C ASP J 85 22.79 -48.83 -4.23
N ALA J 86 21.96 -49.87 -4.26
CA ALA J 86 20.62 -49.84 -3.67
C ALA J 86 19.88 -51.12 -4.05
N ASP J 87 18.71 -51.31 -3.45
CA ASP J 87 17.71 -52.34 -3.78
C ASP J 87 16.76 -51.83 -4.87
N TYR J 88 16.41 -52.69 -5.81
CA TYR J 88 15.46 -52.37 -6.90
C TYR J 88 14.30 -53.35 -6.91
N TYR J 89 13.09 -52.83 -6.82
CA TYR J 89 11.84 -53.61 -6.75
C TYR J 89 11.01 -53.32 -8.01
N CYS J 90 10.53 -54.38 -8.68
CA CYS J 90 9.53 -54.21 -9.76
C CYS J 90 8.17 -54.45 -9.15
N SER J 91 7.14 -53.97 -9.83
CA SER J 91 5.73 -54.26 -9.49
C SER J 91 4.93 -54.26 -10.79
N SER J 92 3.83 -54.98 -10.80
CA SER J 92 2.86 -55.06 -11.91
C SER J 92 1.50 -55.27 -11.26
N TYR J 93 0.50 -54.49 -11.68
CA TYR J 93 -0.92 -54.82 -11.37
C TYR J 93 -1.22 -56.14 -12.10
N GLY J 94 -2.01 -57.01 -11.47
CA GLY J 94 -2.56 -58.23 -12.10
C GLY J 94 -3.94 -57.94 -12.66
N GLY J 95 -4.76 -58.99 -12.80
CA GLY J 95 -6.22 -58.85 -12.89
C GLY J 95 -6.71 -58.72 -11.47
N ASP J 96 -7.87 -58.09 -11.27
CA ASP J 96 -8.68 -58.19 -10.02
C ASP J 96 -7.95 -57.44 -8.89
N ASN J 97 -7.54 -56.20 -9.17
CA ASN J 97 -6.98 -55.20 -8.22
C ASN J 97 -5.74 -55.72 -7.48
N ASN J 98 -5.11 -56.81 -7.91
CA ASN J 98 -3.88 -57.33 -7.28
C ASN J 98 -2.68 -56.47 -7.72
N LEU J 99 -1.78 -56.18 -6.78
CA LEU J 99 -0.46 -55.58 -7.09
C LEU J 99 0.61 -56.59 -6.68
N PHE J 100 1.34 -57.12 -7.67
CA PHE J 100 2.48 -58.04 -7.50
C PHE J 100 3.76 -57.22 -7.27
N PHE J 101 4.62 -57.65 -6.35
CA PHE J 101 5.99 -57.11 -6.16
C PHE J 101 6.98 -58.24 -6.33
N GLY J 102 8.16 -57.91 -6.89
CA GLY J 102 9.29 -58.84 -6.91
C GLY J 102 10.08 -58.71 -5.63
N GLY J 103 10.95 -59.69 -5.31
CA GLY J 103 11.71 -59.74 -4.05
C GLY J 103 12.79 -58.68 -3.98
N GLY J 104 12.99 -57.91 -5.04
CA GLY J 104 14.02 -56.88 -5.12
C GLY J 104 15.33 -57.46 -5.63
N THR J 105 16.13 -56.64 -6.29
CA THR J 105 17.53 -56.95 -6.63
C THR J 105 18.42 -55.94 -5.92
N LYS J 106 19.34 -56.41 -5.08
CA LYS J 106 20.40 -55.56 -4.47
C LYS J 106 21.47 -55.33 -5.53
N VAL J 107 21.56 -54.10 -6.05
CA VAL J 107 22.62 -53.72 -7.03
C VAL J 107 23.78 -53.14 -6.22
N THR J 108 24.90 -53.83 -6.28
CA THR J 108 26.20 -53.40 -5.71
C THR J 108 26.99 -52.64 -6.78
N VAL J 109 27.42 -51.44 -6.46
CA VAL J 109 28.51 -50.75 -7.21
C VAL J 109 29.84 -51.11 -6.53
N LEU J 110 30.55 -52.08 -7.13
CA LEU J 110 31.88 -52.57 -6.68
C LEU J 110 32.92 -51.46 -6.87
N GLY J 111 33.98 -51.49 -6.07
CA GLY J 111 35.17 -50.65 -6.24
C GLY J 111 34.87 -49.16 -6.18
N GLN J 112 33.96 -48.72 -5.29
CA GLN J 112 33.74 -47.28 -5.01
C GLN J 112 34.99 -46.70 -4.36
N PRO J 113 35.31 -45.41 -4.58
CA PRO J 113 36.61 -44.87 -4.17
C PRO J 113 36.73 -44.86 -2.64
N LYS J 114 37.87 -45.34 -2.11
CA LYS J 114 38.18 -45.30 -0.66
C LYS J 114 38.32 -43.83 -0.26
N ALA J 115 37.90 -43.47 0.96
CA ALA J 115 37.87 -42.06 1.43
C ALA J 115 38.16 -42.00 2.94
N ALA J 116 39.13 -41.16 3.32
CA ALA J 116 39.56 -40.91 4.71
C ALA J 116 38.48 -40.08 5.42
N PRO J 117 38.24 -40.32 6.72
CA PRO J 117 37.20 -39.55 7.43
C PRO J 117 37.69 -38.12 7.73
N SER J 118 36.80 -37.14 7.55
CA SER J 118 36.79 -35.86 8.29
C SER J 118 36.48 -36.19 9.76
N VAL J 119 37.25 -35.64 10.69
CA VAL J 119 37.09 -35.75 12.17
C VAL J 119 37.06 -34.34 12.75
N THR J 120 35.99 -33.94 13.44
CA THR J 120 35.83 -32.66 14.17
C THR J 120 35.38 -33.01 15.60
N LEU J 121 36.18 -32.64 16.60
CA LEU J 121 35.92 -32.96 18.03
C LEU J 121 35.39 -31.68 18.67
N PHE J 122 34.27 -31.78 19.38
CA PHE J 122 33.58 -30.64 20.02
C PHE J 122 33.71 -30.83 21.52
N PRO J 123 34.24 -29.80 22.23
CA PRO J 123 34.32 -29.82 23.69
C PRO J 123 32.89 -29.60 24.19
N PRO J 124 32.64 -29.67 25.52
CA PRO J 124 31.30 -29.40 26.06
C PRO J 124 30.84 -27.95 25.83
N SER J 125 29.60 -27.76 25.40
CA SER J 125 28.95 -26.44 25.17
C SER J 125 28.68 -25.72 26.50
N SER J 126 28.47 -24.40 26.44
CA SER J 126 27.99 -23.53 27.55
C SER J 126 26.79 -24.18 28.24
N GLU J 127 25.70 -24.39 27.49
CA GLU J 127 24.40 -24.92 27.99
C GLU J 127 24.64 -26.16 28.87
N GLU J 128 25.34 -27.19 28.39
CA GLU J 128 25.35 -28.52 29.06
C GLU J 128 26.19 -28.44 30.35
N LEU J 129 27.24 -27.60 30.40
CA LEU J 129 28.09 -27.43 31.62
C LEU J 129 27.21 -26.81 32.73
N GLN J 130 26.57 -25.67 32.43
CA GLN J 130 25.53 -24.99 33.27
C GLN J 130 24.55 -26.04 33.84
N ALA J 131 24.15 -27.04 33.04
CA ALA J 131 23.26 -28.17 33.40
C ALA J 131 24.07 -29.36 33.95
N ASN J 132 25.29 -29.12 34.44
CA ASN J 132 26.15 -30.12 35.13
C ASN J 132 26.38 -31.37 34.24
N LYS J 133 26.56 -31.20 32.91
CA LYS J 133 27.00 -32.27 31.96
C LYS J 133 28.22 -31.81 31.15
N ALA J 134 29.10 -32.74 30.73
CA ALA J 134 30.35 -32.41 29.98
C ALA J 134 30.63 -33.40 28.85
N THR J 135 29.59 -33.83 28.13
CA THR J 135 29.68 -34.71 26.94
C THR J 135 30.55 -34.06 25.83
N LEU J 136 31.47 -34.85 25.27
CA LEU J 136 32.26 -34.52 24.05
C LEU J 136 31.65 -35.31 22.88
N VAL J 137 31.65 -34.73 21.68
CA VAL J 137 31.18 -35.43 20.45
C VAL J 137 32.32 -35.41 19.43
N CYS J 138 32.63 -36.59 18.92
CA CYS J 138 33.54 -36.82 17.77
C CYS J 138 32.71 -37.10 16.50
N LEU J 139 32.54 -36.10 15.64
CA LEU J 139 31.82 -36.23 14.33
C LEU J 139 32.79 -36.76 13.27
N ILE J 140 32.47 -37.94 12.73
CA ILE J 140 33.26 -38.69 11.72
C ILE J 140 32.41 -38.84 10.46
N SER J 141 32.80 -38.17 9.36
CA SER J 141 32.01 -38.10 8.11
C SER J 141 32.91 -38.27 6.87
N ASP J 142 32.28 -38.53 5.73
CA ASP J 142 32.88 -38.48 4.38
C ASP J 142 33.84 -39.66 4.20
N PHE J 143 33.59 -40.80 4.86
CA PHE J 143 34.51 -41.97 4.81
C PHE J 143 33.87 -43.12 4.01
N TYR J 144 34.72 -43.94 3.38
CA TYR J 144 34.29 -45.16 2.64
C TYR J 144 35.45 -46.14 2.63
N PRO J 145 35.25 -47.46 2.88
CA PRO J 145 33.96 -48.03 3.27
C PRO J 145 33.52 -47.69 4.71
N GLY J 146 32.37 -48.23 5.12
CA GLY J 146 31.58 -47.77 6.29
C GLY J 146 31.97 -48.51 7.55
N ALA J 147 33.27 -48.55 7.85
CA ALA J 147 33.84 -49.31 8.97
C ALA J 147 34.93 -48.45 9.62
N VAL J 148 34.73 -48.08 10.89
CA VAL J 148 35.73 -47.32 11.70
C VAL J 148 35.79 -47.92 13.10
N THR J 149 36.90 -47.68 13.80
CA THR J 149 37.07 -47.93 15.25
C THR J 149 37.59 -46.62 15.84
N VAL J 150 37.15 -46.32 17.06
CA VAL J 150 37.35 -45.04 17.77
C VAL J 150 37.85 -45.39 19.17
N ALA J 151 39.00 -44.82 19.53
CA ALA J 151 39.58 -44.80 20.89
C ALA J 151 39.54 -43.36 21.41
N TRP J 152 39.38 -43.16 22.72
CA TRP J 152 39.49 -41.83 23.37
C TRP J 152 40.69 -41.83 24.31
N LYS J 153 41.23 -40.65 24.55
CA LYS J 153 42.31 -40.37 25.53
C LYS J 153 41.89 -39.24 26.46
N ALA J 154 42.10 -39.47 27.75
CA ALA J 154 42.21 -38.44 28.81
C ALA J 154 43.70 -38.10 28.95
N ASP J 155 44.08 -36.87 28.64
CA ASP J 155 45.52 -36.53 28.45
C ASP J 155 46.09 -37.63 27.52
N SER J 156 47.08 -38.41 27.97
CA SER J 156 47.75 -39.45 27.15
C SER J 156 47.15 -40.82 27.46
N SER J 157 46.25 -40.91 28.45
CA SER J 157 45.80 -42.24 28.93
C SER J 157 44.51 -42.68 28.21
N PRO J 158 44.37 -44.00 27.93
CA PRO J 158 43.11 -44.57 27.42
C PRO J 158 41.85 -44.37 28.27
N VAL J 159 40.75 -43.95 27.64
CA VAL J 159 39.38 -43.86 28.22
C VAL J 159 38.69 -45.21 28.04
N LYS J 160 38.34 -45.90 29.12
CA LYS J 160 37.70 -47.24 29.06
C LYS J 160 36.21 -47.12 29.36
N ALA J 161 35.72 -45.93 29.76
CA ALA J 161 34.40 -45.72 30.38
C ALA J 161 33.65 -44.55 29.72
N GLY J 162 32.35 -44.76 29.48
CA GLY J 162 31.44 -43.71 28.99
C GLY J 162 31.64 -43.40 27.51
N VAL J 163 32.13 -44.36 26.72
CA VAL J 163 32.25 -44.20 25.23
C VAL J 163 31.06 -44.90 24.58
N GLU J 164 30.44 -44.22 23.60
CA GLU J 164 29.47 -44.82 22.64
C GLU J 164 29.84 -44.33 21.24
N THR J 165 29.71 -45.19 20.23
CA THR J 165 29.91 -44.78 18.83
C THR J 165 28.72 -45.31 18.03
N THR J 166 28.12 -44.47 17.18
CA THR J 166 26.95 -44.88 16.37
C THR J 166 27.43 -45.80 15.22
N THR J 167 26.56 -46.70 14.78
CA THR J 167 26.68 -47.57 13.57
C THR J 167 26.72 -46.63 12.36
N PRO J 168 27.79 -46.65 11.53
CA PRO J 168 27.93 -45.66 10.47
C PRO J 168 26.78 -45.80 9.49
N SER J 169 26.28 -44.69 8.97
CA SER J 169 25.15 -44.68 8.02
C SER J 169 25.56 -43.90 6.78
N LYS J 170 25.19 -44.43 5.61
CA LYS J 170 25.46 -43.79 4.29
C LYS J 170 24.62 -42.53 4.18
N GLN J 171 25.28 -41.39 3.99
CA GLN J 171 24.64 -40.07 3.82
C GLN J 171 24.48 -39.77 2.31
N SER J 172 24.16 -38.53 1.97
CA SER J 172 23.70 -38.08 0.63
C SER J 172 24.89 -37.94 -0.33
N ASN J 173 26.12 -37.87 0.18
CA ASN J 173 27.37 -37.87 -0.64
C ASN J 173 27.85 -39.32 -0.85
N ASN J 174 27.03 -40.32 -0.52
CA ASN J 174 27.30 -41.77 -0.73
C ASN J 174 28.49 -42.21 0.12
N LYS J 175 28.91 -41.37 1.08
CA LYS J 175 29.95 -41.73 2.08
C LYS J 175 29.28 -41.78 3.45
N TYR J 176 29.98 -42.39 4.41
CA TYR J 176 29.46 -42.79 5.74
C TYR J 176 29.67 -41.67 6.76
N ALA J 177 28.85 -41.72 7.81
CA ALA J 177 28.85 -40.76 8.92
C ALA J 177 28.51 -41.53 10.20
N ALA J 178 29.23 -41.17 11.26
CA ALA J 178 29.00 -41.62 12.64
C ALA J 178 29.47 -40.53 13.60
N SER J 179 28.98 -40.65 14.83
N SER J 179 29.00 -40.59 14.84
CA SER J 179 29.39 -39.86 16.01
CA SER J 179 29.59 -39.79 15.93
C SER J 179 29.92 -40.83 17.09
C SER J 179 29.89 -40.70 17.11
N SER J 180 31.09 -40.54 17.67
CA SER J 180 31.51 -41.11 18.96
C SER J 180 31.26 -40.05 20.03
N TYR J 181 30.67 -40.44 21.16
CA TYR J 181 30.37 -39.47 22.24
C TYR J 181 30.89 -40.04 23.57
N LEU J 182 31.51 -39.14 24.35
CA LEU J 182 32.14 -39.46 25.65
C LEU J 182 31.43 -38.63 26.73
N SER J 183 30.57 -39.26 27.51
CA SER J 183 29.79 -38.64 28.61
C SER J 183 30.72 -38.46 29.82
N LEU J 184 31.18 -37.24 30.06
CA LEU J 184 32.06 -36.90 31.20
C LEU J 184 31.27 -36.06 32.19
N THR J 185 31.68 -36.04 33.46
CA THR J 185 31.22 -34.99 34.41
C THR J 185 32.01 -33.73 34.16
N PRO J 186 31.47 -32.54 34.48
CA PRO J 186 32.25 -31.31 34.46
C PRO J 186 33.55 -31.46 35.28
N GLU J 187 33.49 -32.14 36.44
CA GLU J 187 34.69 -32.43 37.28
C GLU J 187 35.75 -33.13 36.41
N GLN J 188 35.37 -34.23 35.75
CA GLN J 188 36.26 -35.08 34.89
C GLN J 188 36.89 -34.23 33.78
N TRP J 189 36.09 -33.46 33.05
CA TRP J 189 36.52 -32.59 31.92
C TRP J 189 37.62 -31.63 32.42
N LYS J 190 37.31 -30.86 33.49
CA LYS J 190 38.14 -29.73 33.98
C LYS J 190 39.40 -30.22 34.70
N SER J 191 39.43 -31.49 35.12
CA SER J 191 40.56 -32.08 35.90
C SER J 191 41.66 -32.60 34.96
N HIS J 192 41.43 -32.63 33.64
CA HIS J 192 42.43 -33.10 32.65
C HIS J 192 42.92 -31.93 31.78
N ARG J 193 44.10 -32.10 31.19
CA ARG J 193 44.74 -31.07 30.32
C ARG J 193 44.07 -31.09 28.94
N SER J 194 43.46 -32.21 28.53
CA SER J 194 42.88 -32.40 27.17
C SER J 194 42.16 -33.75 27.06
N TYR J 195 41.21 -33.87 26.13
CA TYR J 195 40.71 -35.18 25.63
C TYR J 195 40.98 -35.31 24.13
N SER J 196 41.23 -36.55 23.69
CA SER J 196 41.50 -36.86 22.27
C SER J 196 40.50 -37.90 21.77
N CYS J 197 40.06 -37.72 20.53
CA CYS J 197 39.35 -38.74 19.74
C CYS J 197 40.32 -39.29 18.68
N GLN J 198 40.57 -40.60 18.68
CA GLN J 198 41.44 -41.28 17.68
C GLN J 198 40.57 -42.18 16.79
N VAL J 199 40.56 -41.94 15.48
CA VAL J 199 39.65 -42.63 14.50
C VAL J 199 40.51 -43.46 13.56
N THR J 200 40.30 -44.76 13.53
CA THR J 200 41.03 -45.72 12.66
C THR J 200 40.09 -46.13 11.52
N HIS J 201 40.52 -45.85 10.29
CA HIS J 201 39.84 -46.27 9.04
C HIS J 201 40.87 -46.88 8.07
N GLU J 202 40.70 -48.16 7.71
CA GLU J 202 41.58 -48.86 6.73
C GLU J 202 43.04 -48.66 7.15
N GLY J 203 43.39 -49.04 8.39
CA GLY J 203 44.79 -49.01 8.88
C GLY J 203 45.33 -47.60 9.17
N SER J 204 44.78 -46.52 8.60
CA SER J 204 45.24 -45.12 8.84
C SER J 204 44.44 -44.50 9.99
N THR J 205 45.12 -43.78 10.89
CA THR J 205 44.56 -43.19 12.14
C THR J 205 44.57 -41.67 12.06
N VAL J 206 43.46 -41.04 12.49
CA VAL J 206 43.28 -39.55 12.59
C VAL J 206 42.97 -39.25 14.05
N GLU J 207 43.72 -38.33 14.67
CA GLU J 207 43.54 -37.94 16.10
C GLU J 207 43.18 -36.45 16.19
N LYS J 208 42.12 -36.11 16.93
CA LYS J 208 41.82 -34.71 17.31
C LYS J 208 41.87 -34.58 18.83
N THR J 209 42.27 -33.39 19.30
CA THR J 209 42.48 -33.00 20.71
C THR J 209 41.78 -31.66 21.00
N VAL J 210 41.03 -31.59 22.11
CA VAL J 210 40.48 -30.35 22.72
C VAL J 210 40.87 -30.31 24.20
N ALA J 211 40.95 -29.09 24.74
CA ALA J 211 41.26 -28.79 26.16
C ALA J 211 40.20 -27.84 26.68
N PRO J 212 39.95 -27.82 28.02
CA PRO J 212 39.04 -26.86 28.64
C PRO J 212 39.31 -25.41 28.20
N THR J 213 38.24 -24.68 27.83
CA THR J 213 38.23 -23.47 26.97
C THR J 213 38.96 -22.29 27.63
N SER K 2 14.57 -34.73 -46.99
CA SER K 2 14.39 -34.87 -45.51
C SER K 2 15.48 -35.80 -44.95
N ALA K 3 16.43 -35.27 -44.18
CA ALA K 3 17.58 -36.01 -43.62
C ALA K 3 17.13 -37.34 -42.99
N LEU K 4 15.92 -37.38 -42.41
CA LEU K 4 15.22 -38.64 -41.99
C LEU K 4 14.04 -38.93 -42.94
N THR K 5 13.74 -40.21 -43.15
CA THR K 5 12.78 -40.76 -44.13
C THR K 5 11.49 -41.19 -43.41
N GLN K 6 10.40 -40.45 -43.60
CA GLN K 6 9.07 -40.89 -43.12
C GLN K 6 8.21 -41.20 -44.33
N PRO K 7 7.32 -42.22 -44.27
CA PRO K 7 6.36 -42.42 -45.35
C PRO K 7 5.58 -41.12 -45.43
N PRO K 8 5.17 -40.68 -46.63
CA PRO K 8 4.37 -39.46 -46.78
C PRO K 8 3.02 -39.51 -46.06
N SER K 9 2.37 -40.68 -45.95
CA SER K 9 0.96 -40.82 -45.48
C SER K 9 0.72 -42.15 -44.78
N ALA K 10 -0.27 -42.17 -43.87
CA ALA K 10 -0.87 -43.37 -43.26
C ALA K 10 -2.35 -43.06 -43.01
N SER K 11 -3.22 -44.08 -43.04
CA SER K 11 -4.66 -43.88 -42.75
C SER K 11 -5.20 -45.02 -41.87
N GLY K 12 -6.37 -44.78 -41.25
CA GLY K 12 -7.11 -45.77 -40.46
C GLY K 12 -8.52 -45.30 -40.16
N SER K 13 -9.42 -46.26 -39.87
CA SER K 13 -10.82 -46.03 -39.43
C SER K 13 -10.83 -45.77 -37.93
N PRO K 14 -11.87 -45.09 -37.38
CA PRO K 14 -11.99 -44.89 -35.93
C PRO K 14 -11.77 -46.17 -35.12
N GLY K 15 -10.85 -46.15 -34.16
CA GLY K 15 -10.57 -47.28 -33.26
C GLY K 15 -9.50 -48.21 -33.78
N GLN K 16 -8.93 -47.97 -34.97
CA GLN K 16 -7.83 -48.81 -35.51
C GLN K 16 -6.46 -48.30 -35.03
N SER K 17 -5.46 -49.17 -35.16
CA SER K 17 -4.03 -48.90 -34.87
C SER K 17 -3.40 -48.33 -36.15
N VAL K 18 -2.41 -47.45 -36.04
CA VAL K 18 -1.53 -47.09 -37.19
C VAL K 18 -0.10 -46.97 -36.67
N THR K 19 0.86 -47.36 -37.50
CA THR K 19 2.32 -47.27 -37.20
C THR K 19 2.97 -46.54 -38.36
N ILE K 20 3.68 -45.47 -38.05
CA ILE K 20 4.45 -44.66 -39.02
C ILE K 20 5.93 -44.78 -38.65
N SER K 21 6.78 -44.90 -39.66
CA SER K 21 8.23 -45.17 -39.51
C SER K 21 9.02 -43.89 -39.78
N CYS K 22 10.27 -43.87 -39.33
CA CYS K 22 11.20 -42.73 -39.38
C CYS K 22 12.62 -43.30 -39.41
N THR K 23 13.10 -43.58 -40.61
CA THR K 23 14.37 -44.29 -40.88
C THR K 23 15.48 -43.26 -41.14
N GLY K 24 16.55 -43.31 -40.35
CA GLY K 24 17.77 -42.53 -40.56
C GLY K 24 18.98 -43.44 -40.75
N THR K 25 20.08 -43.13 -40.07
CA THR K 25 21.36 -43.88 -40.11
C THR K 25 21.75 -44.23 -38.67
N SER K 26 22.89 -44.87 -38.47
CA SER K 26 23.43 -45.17 -37.11
C SER K 26 24.07 -43.90 -36.52
N SER K 27 24.35 -42.91 -37.37
CA SER K 27 24.85 -41.57 -36.95
C SER K 27 23.72 -40.69 -36.40
N ASP K 28 22.44 -41.01 -36.68
CA ASP K 28 21.26 -40.24 -36.21
C ASP K 28 20.27 -41.17 -35.49
N VAL K 29 19.36 -41.85 -36.19
CA VAL K 29 18.25 -42.63 -35.54
C VAL K 29 18.87 -43.70 -34.62
N GLY K 30 19.78 -44.52 -35.13
CA GLY K 30 20.51 -45.56 -34.35
C GLY K 30 21.59 -44.97 -33.46
N GLY K 31 21.80 -43.64 -33.52
CA GLY K 31 22.90 -42.92 -32.85
C GLY K 31 22.70 -42.81 -31.34
N SER K 32 21.51 -42.38 -30.93
CA SER K 32 21.17 -41.99 -29.54
C SER K 32 19.68 -42.32 -29.28
N ASP K 33 19.21 -42.07 -28.06
CA ASP K 33 17.79 -42.22 -27.68
C ASP K 33 17.20 -40.80 -27.58
N SER K 34 17.31 -40.05 -28.69
CA SER K 34 16.83 -38.64 -28.82
C SER K 34 15.92 -38.50 -30.05
N VAL K 35 15.26 -39.58 -30.46
CA VAL K 35 14.14 -39.56 -31.45
C VAL K 35 12.94 -38.86 -30.80
N SER K 36 12.48 -37.73 -31.34
CA SER K 36 11.26 -37.03 -30.89
C SER K 36 10.16 -37.15 -31.95
N TRP K 37 8.89 -37.10 -31.55
CA TRP K 37 7.76 -37.05 -32.50
C TRP K 37 6.88 -35.84 -32.18
N TYR K 38 6.40 -35.16 -33.21
CA TYR K 38 5.53 -33.95 -33.10
C TYR K 38 4.30 -34.17 -33.98
N GLN K 39 3.14 -33.79 -33.46
CA GLN K 39 1.83 -33.80 -34.13
C GLN K 39 1.49 -32.36 -34.45
N GLN K 40 1.10 -32.05 -35.69
CA GLN K 40 0.55 -30.71 -36.03
C GLN K 40 -0.81 -30.85 -36.74
N HIS K 41 -1.85 -30.27 -36.15
CA HIS K 41 -3.16 -30.04 -36.82
C HIS K 41 -2.95 -28.92 -37.84
N PRO K 42 -3.34 -29.13 -39.12
CA PRO K 42 -3.04 -28.17 -40.17
C PRO K 42 -3.40 -26.73 -39.76
N GLY K 43 -2.46 -25.79 -39.90
CA GLY K 43 -2.64 -24.37 -39.57
C GLY K 43 -2.76 -24.14 -38.07
N LYS K 44 -2.28 -25.08 -37.25
CA LYS K 44 -2.20 -24.90 -35.78
C LYS K 44 -0.77 -25.22 -35.31
N ALA K 45 -0.42 -24.77 -34.11
CA ALA K 45 0.88 -25.05 -33.48
C ALA K 45 1.05 -26.56 -33.29
N PRO K 46 2.26 -27.10 -33.57
CA PRO K 46 2.56 -28.49 -33.29
C PRO K 46 2.68 -28.77 -31.78
N LYS K 47 2.81 -30.03 -31.40
CA LYS K 47 2.91 -30.45 -29.98
C LYS K 47 3.90 -31.62 -29.94
N LEU K 48 4.88 -31.57 -29.03
CA LEU K 48 5.75 -32.73 -28.74
C LEU K 48 4.88 -33.83 -28.14
N ILE K 49 4.92 -35.05 -28.70
CA ILE K 49 4.10 -36.19 -28.21
C ILE K 49 4.97 -37.40 -27.84
N ILE K 50 6.23 -37.46 -28.31
CA ILE K 50 7.21 -38.48 -27.81
C ILE K 50 8.61 -37.87 -27.86
N TYR K 51 9.43 -38.17 -26.85
CA TYR K 51 10.84 -37.77 -26.79
C TYR K 51 11.64 -38.99 -26.30
N GLU K 52 12.94 -38.91 -26.46
CA GLU K 52 13.88 -40.01 -26.09
C GLU K 52 13.24 -41.34 -26.51
N VAL K 53 12.77 -41.38 -27.76
CA VAL K 53 12.18 -42.56 -28.47
C VAL K 53 10.83 -43.05 -27.93
N SER K 54 10.68 -43.10 -26.61
CA SER K 54 9.54 -43.83 -25.97
C SER K 54 8.85 -43.03 -24.88
N GLN K 55 9.27 -41.80 -24.55
CA GLN K 55 8.71 -41.03 -23.40
C GLN K 55 7.56 -40.14 -23.87
N ARG K 56 6.41 -40.26 -23.21
N ARG K 56 6.41 -40.23 -23.22
CA ARG K 56 5.21 -39.40 -23.42
CA ARG K 56 5.21 -39.39 -23.50
C ARG K 56 5.32 -38.16 -22.53
C ARG K 56 5.18 -38.18 -22.56
N PRO K 57 5.20 -36.92 -23.06
CA PRO K 57 4.99 -35.75 -22.21
C PRO K 57 3.68 -35.85 -21.42
N SER K 58 3.53 -35.02 -20.38
CA SER K 58 2.29 -34.93 -19.56
C SER K 58 1.16 -34.48 -20.49
N GLY K 59 -0.01 -35.15 -20.43
CA GLY K 59 -1.20 -34.76 -21.20
C GLY K 59 -1.33 -35.56 -22.50
N VAL K 60 -0.36 -36.42 -22.80
CA VAL K 60 -0.34 -37.24 -24.04
C VAL K 60 -0.78 -38.63 -23.65
N PRO K 61 -1.89 -39.18 -24.22
CA PRO K 61 -2.44 -40.43 -23.71
C PRO K 61 -1.55 -41.56 -24.21
N ASN K 62 -1.52 -42.68 -23.48
CA ASN K 62 -0.64 -43.85 -23.78
C ASN K 62 -1.19 -44.67 -24.96
N ARG K 63 -2.12 -44.10 -25.73
CA ARG K 63 -2.42 -44.49 -27.15
C ARG K 63 -1.21 -44.22 -28.04
N PHE K 64 -0.39 -43.21 -27.72
CA PHE K 64 0.85 -42.89 -28.47
C PHE K 64 1.99 -43.68 -27.83
N SER K 65 2.74 -44.46 -28.62
CA SER K 65 3.94 -45.17 -28.14
C SER K 65 5.05 -45.09 -29.19
N GLY K 66 6.24 -44.65 -28.75
CA GLY K 66 7.46 -44.64 -29.57
C GLY K 66 8.34 -45.85 -29.26
N SER K 67 8.96 -46.40 -30.30
CA SER K 67 9.92 -47.54 -30.23
C SER K 67 11.04 -47.29 -31.25
N LYS K 68 12.06 -48.16 -31.23
CA LYS K 68 13.23 -48.03 -32.12
C LYS K 68 13.92 -49.39 -32.25
N SER K 69 14.26 -49.75 -33.48
CA SER K 69 14.95 -50.99 -33.93
C SER K 69 16.04 -50.63 -34.94
N GLY K 70 17.28 -50.65 -34.50
CA GLY K 70 18.38 -50.26 -35.38
C GLY K 70 18.28 -48.80 -35.75
N ASN K 71 17.92 -48.55 -37.00
CA ASN K 71 17.90 -47.20 -37.61
C ASN K 71 16.49 -46.82 -38.08
N THR K 72 15.44 -47.50 -37.63
CA THR K 72 14.04 -47.13 -37.93
C THR K 72 13.25 -46.99 -36.62
N ALA K 73 13.08 -45.74 -36.14
CA ALA K 73 12.18 -45.38 -35.02
C ALA K 73 10.73 -45.43 -35.50
N SER K 74 9.80 -45.84 -34.63
CA SER K 74 8.38 -46.06 -35.00
C SER K 74 7.44 -45.30 -34.04
N LEU K 75 6.34 -44.76 -34.57
CA LEU K 75 5.23 -44.23 -33.73
C LEU K 75 3.97 -45.06 -33.98
N THR K 76 3.35 -45.56 -32.91
CA THR K 76 2.10 -46.36 -32.94
C THR K 76 0.97 -45.54 -32.30
N VAL K 77 -0.08 -45.24 -33.06
CA VAL K 77 -1.33 -44.60 -32.55
C VAL K 77 -2.44 -45.67 -32.50
N SER K 78 -2.76 -46.16 -31.30
CA SER K 78 -3.86 -47.12 -31.00
C SER K 78 -5.20 -46.39 -30.88
N GLY K 79 -6.29 -47.09 -31.19
CA GLY K 79 -7.64 -46.54 -31.05
C GLY K 79 -7.67 -45.12 -31.60
N LEU K 80 -7.36 -44.98 -32.89
CA LEU K 80 -7.42 -43.71 -33.63
C LEU K 80 -8.77 -43.07 -33.36
N GLN K 81 -8.75 -41.76 -33.04
CA GLN K 81 -9.91 -40.85 -32.89
C GLN K 81 -9.73 -39.66 -33.84
N ALA K 82 -10.83 -39.00 -34.22
CA ALA K 82 -10.84 -37.92 -35.22
C ALA K 82 -9.75 -36.91 -34.87
N GLU K 83 -9.54 -36.66 -33.57
CA GLU K 83 -8.59 -35.63 -33.06
C GLU K 83 -7.15 -36.02 -33.46
N ASP K 84 -6.87 -37.30 -33.73
CA ASP K 84 -5.51 -37.79 -34.09
C ASP K 84 -5.18 -37.46 -35.55
N ASP K 85 -6.18 -36.98 -36.30
CA ASP K 85 -6.05 -36.64 -37.73
C ASP K 85 -5.12 -35.43 -37.86
N ALA K 86 -3.92 -35.61 -38.41
CA ALA K 86 -2.87 -34.57 -38.34
C ALA K 86 -1.61 -35.03 -39.06
N ASP K 87 -0.64 -34.13 -39.16
CA ASP K 87 0.73 -34.40 -39.68
C ASP K 87 1.66 -34.68 -38.50
N TYR K 88 2.43 -35.76 -38.61
CA TYR K 88 3.42 -36.20 -37.61
C TYR K 88 4.82 -36.11 -38.20
N TYR K 89 5.71 -35.41 -37.51
CA TYR K 89 7.15 -35.31 -37.82
C TYR K 89 7.98 -36.07 -36.79
N CYS K 90 9.10 -36.64 -37.23
CA CYS K 90 10.16 -37.09 -36.30
C CYS K 90 11.39 -36.19 -36.44
N SER K 91 12.20 -36.16 -35.40
CA SER K 91 13.54 -35.54 -35.35
C SER K 91 14.51 -36.48 -34.63
N SER K 92 15.81 -36.30 -34.88
CA SER K 92 16.89 -37.00 -34.15
C SER K 92 18.16 -36.15 -34.19
N TYR K 93 18.94 -36.12 -33.10
CA TYR K 93 20.26 -35.44 -33.02
C TYR K 93 21.33 -36.30 -33.71
N ASP K 96 27.13 -33.93 -34.89
CA ASP K 96 27.62 -32.56 -34.55
C ASP K 96 26.64 -31.91 -33.56
N ASN K 97 25.99 -32.73 -32.73
CA ASN K 97 24.71 -32.42 -32.02
C ASN K 97 23.80 -31.62 -32.97
N ASN K 98 23.74 -32.03 -34.25
CA ASN K 98 22.83 -31.47 -35.28
C ASN K 98 21.47 -32.16 -35.19
N LEU K 99 20.38 -31.40 -35.35
CA LEU K 99 19.00 -31.92 -35.33
C LEU K 99 18.56 -32.30 -36.76
N PHE K 100 18.16 -33.55 -36.97
CA PHE K 100 17.65 -34.03 -38.28
C PHE K 100 16.13 -34.21 -38.16
N PHE K 101 15.39 -33.74 -39.18
CA PHE K 101 13.92 -33.86 -39.28
C PHE K 101 13.54 -34.81 -40.41
N GLY K 102 12.47 -35.59 -40.18
CA GLY K 102 11.73 -36.25 -41.27
C GLY K 102 10.80 -35.27 -41.96
N GLY K 103 10.30 -35.63 -43.14
CA GLY K 103 9.46 -34.75 -43.97
C GLY K 103 8.01 -34.81 -43.57
N GLY K 104 7.67 -35.63 -42.56
CA GLY K 104 6.31 -35.71 -42.00
C GLY K 104 5.51 -36.84 -42.60
N THR K 105 4.54 -37.37 -41.85
CA THR K 105 3.50 -38.33 -42.32
C THR K 105 2.11 -37.76 -42.05
N LYS K 106 1.33 -37.49 -43.09
CA LYS K 106 -0.11 -37.09 -43.00
C LYS K 106 -0.92 -38.32 -42.60
N VAL K 107 -1.44 -38.34 -41.37
CA VAL K 107 -2.27 -39.47 -40.87
C VAL K 107 -3.75 -39.06 -41.05
N THR K 108 -4.52 -39.81 -41.79
CA THR K 108 -5.96 -39.54 -41.95
C THR K 108 -6.74 -40.56 -41.13
N VAL K 109 -7.69 -40.04 -40.35
CA VAL K 109 -8.81 -40.85 -39.80
C VAL K 109 -9.91 -40.82 -40.85
N LEU K 110 -10.07 -41.92 -41.56
CA LEU K 110 -10.91 -42.05 -42.79
C LEU K 110 -12.31 -41.56 -42.48
N GLY K 111 -12.68 -40.42 -43.08
CA GLY K 111 -14.02 -39.79 -43.03
C GLY K 111 -14.92 -40.25 -44.17
N GLN K 112 -14.38 -41.01 -45.11
CA GLN K 112 -15.07 -41.59 -46.28
C GLN K 112 -14.15 -42.67 -46.85
N PRO K 113 -14.60 -43.47 -47.84
CA PRO K 113 -13.77 -44.54 -48.40
C PRO K 113 -12.51 -44.05 -49.13
N LYS K 114 -11.51 -44.92 -49.14
CA LYS K 114 -10.22 -44.74 -49.85
C LYS K 114 -10.52 -44.77 -51.35
N ALA K 115 -10.02 -43.77 -52.08
CA ALA K 115 -10.09 -43.74 -53.55
C ALA K 115 -8.72 -43.33 -54.11
N ALA K 116 -8.08 -44.28 -54.83
CA ALA K 116 -6.84 -44.10 -55.59
C ALA K 116 -7.07 -43.07 -56.70
N PRO K 117 -6.05 -42.27 -57.02
CA PRO K 117 -6.23 -41.19 -57.99
C PRO K 117 -6.22 -41.70 -59.45
N SER K 118 -7.00 -41.07 -60.32
N SER K 118 -7.02 -41.07 -60.30
CA SER K 118 -6.78 -41.15 -61.79
CA SER K 118 -6.82 -41.05 -61.78
C SER K 118 -5.72 -40.12 -62.16
C SER K 118 -5.66 -40.12 -62.07
N VAL K 119 -4.67 -40.53 -62.88
CA VAL K 119 -3.52 -39.65 -63.20
C VAL K 119 -3.42 -39.52 -64.74
N THR K 120 -3.38 -38.28 -65.23
CA THR K 120 -3.26 -37.94 -66.66
C THR K 120 -2.00 -37.09 -66.84
N LEU K 121 -1.07 -37.50 -67.70
CA LEU K 121 0.12 -36.66 -68.04
C LEU K 121 -0.05 -36.09 -69.46
N PHE K 122 -0.13 -34.76 -69.55
CA PHE K 122 -0.38 -33.99 -70.80
C PHE K 122 0.95 -33.51 -71.39
N PRO K 123 1.33 -33.93 -72.63
CA PRO K 123 2.42 -33.29 -73.34
C PRO K 123 2.15 -31.79 -73.55
N PRO K 124 3.16 -30.96 -73.89
CA PRO K 124 2.95 -29.52 -74.02
C PRO K 124 2.10 -29.22 -75.26
N SER K 125 1.36 -28.11 -75.27
CA SER K 125 0.33 -27.82 -76.30
C SER K 125 0.97 -27.13 -77.51
N SER K 126 0.48 -27.45 -78.71
CA SER K 126 1.00 -26.95 -80.01
C SER K 126 1.10 -25.43 -79.92
N GLU K 127 0.17 -24.81 -79.19
CA GLU K 127 0.16 -23.35 -78.88
C GLU K 127 1.36 -23.02 -78.00
N GLU K 128 1.29 -23.34 -76.68
CA GLU K 128 2.29 -22.94 -75.64
C GLU K 128 3.72 -23.18 -76.17
N LEU K 129 3.96 -24.27 -76.93
CA LEU K 129 5.24 -24.52 -77.67
C LEU K 129 5.66 -23.37 -78.59
N GLN K 130 4.70 -22.75 -79.28
CA GLN K 130 4.95 -21.71 -80.31
C GLN K 130 5.03 -20.37 -79.55
N ALA K 131 5.20 -20.46 -78.22
CA ALA K 131 5.69 -19.38 -77.32
C ALA K 131 6.83 -19.90 -76.42
N ASN K 132 7.55 -20.94 -76.88
CA ASN K 132 8.85 -21.44 -76.33
C ASN K 132 8.71 -22.00 -74.90
N LYS K 133 7.52 -22.51 -74.53
CA LYS K 133 7.33 -23.28 -73.28
C LYS K 133 6.96 -24.71 -73.65
N ALA K 134 7.30 -25.66 -72.77
CA ALA K 134 6.83 -27.07 -72.86
C ALA K 134 6.38 -27.54 -71.48
N THR K 135 5.87 -26.60 -70.65
CA THR K 135 5.25 -26.90 -69.34
C THR K 135 4.34 -28.12 -69.46
N LEU K 136 4.74 -29.25 -68.89
CA LEU K 136 3.86 -30.44 -68.79
C LEU K 136 2.89 -30.21 -67.62
N VAL K 137 1.74 -30.87 -67.65
CA VAL K 137 0.74 -30.87 -66.55
C VAL K 137 0.38 -32.33 -66.30
N CYS K 138 0.58 -32.78 -65.06
CA CYS K 138 0.13 -34.10 -64.55
C CYS K 138 -1.18 -33.83 -63.78
N LEU K 139 -2.30 -34.40 -64.22
CA LEU K 139 -3.61 -34.16 -63.56
C LEU K 139 -3.91 -35.38 -62.67
N ILE K 140 -4.25 -35.13 -61.40
CA ILE K 140 -4.51 -36.14 -60.34
C ILE K 140 -5.89 -35.84 -59.72
N SER K 141 -6.91 -36.68 -59.93
CA SER K 141 -8.30 -36.42 -59.49
C SER K 141 -8.94 -37.65 -58.82
N ASP K 142 -10.08 -37.43 -58.17
CA ASP K 142 -10.95 -38.48 -57.55
C ASP K 142 -10.20 -39.26 -56.47
N PHE K 143 -9.37 -38.60 -55.64
CA PHE K 143 -8.58 -39.28 -54.58
C PHE K 143 -9.13 -39.00 -53.16
N TYR K 144 -8.93 -40.01 -52.33
CA TYR K 144 -9.15 -39.94 -50.88
C TYR K 144 -8.26 -40.98 -50.17
N PRO K 145 -7.54 -40.60 -49.08
CA PRO K 145 -7.49 -39.24 -48.55
C PRO K 145 -6.77 -38.21 -49.46
N GLY K 146 -6.85 -36.94 -49.07
CA GLY K 146 -6.36 -35.80 -49.85
C GLY K 146 -4.86 -35.56 -49.70
N ALA K 147 -4.10 -36.58 -49.30
CA ALA K 147 -2.62 -36.52 -49.15
C ALA K 147 -1.98 -37.25 -50.33
N VAL K 148 -1.13 -36.56 -51.09
CA VAL K 148 -0.40 -37.12 -52.27
C VAL K 148 0.94 -36.37 -52.42
N THR K 149 1.99 -37.08 -52.85
CA THR K 149 3.34 -36.56 -53.23
C THR K 149 3.67 -37.04 -54.66
N VAL K 150 4.33 -36.21 -55.47
CA VAL K 150 4.60 -36.48 -56.92
C VAL K 150 6.08 -36.21 -57.21
N ALA K 151 6.78 -37.21 -57.77
CA ALA K 151 8.11 -37.04 -58.40
C ALA K 151 7.93 -36.97 -59.92
N TRP K 152 9.00 -36.64 -60.64
CA TRP K 152 9.12 -36.76 -62.13
C TRP K 152 10.43 -37.46 -62.49
N LYS K 153 10.60 -37.89 -63.75
CA LYS K 153 11.80 -38.62 -64.23
C LYS K 153 12.17 -38.19 -65.65
N ALA K 154 13.28 -37.46 -65.80
CA ALA K 154 13.97 -37.18 -67.09
C ALA K 154 14.82 -38.40 -67.47
N ASP K 155 14.49 -39.05 -68.59
CA ASP K 155 15.16 -40.29 -69.09
C ASP K 155 14.76 -41.38 -68.10
N SER K 156 15.66 -41.74 -67.18
CA SER K 156 15.38 -42.57 -65.97
C SER K 156 15.90 -41.84 -64.72
N SER K 157 16.17 -40.53 -64.81
CA SER K 157 16.85 -39.71 -63.76
C SER K 157 15.88 -38.71 -63.15
N PRO K 158 15.62 -38.79 -61.84
CA PRO K 158 14.88 -37.75 -61.12
C PRO K 158 15.26 -36.30 -61.50
N VAL K 159 14.25 -35.44 -61.66
CA VAL K 159 14.36 -33.99 -61.99
C VAL K 159 13.78 -33.17 -60.83
N LYS K 160 14.61 -32.39 -60.15
CA LYS K 160 14.26 -31.72 -58.88
C LYS K 160 13.71 -30.32 -59.17
N ALA K 161 14.50 -29.47 -59.83
CA ALA K 161 14.15 -28.07 -60.16
C ALA K 161 13.01 -28.04 -61.18
N GLY K 162 12.13 -27.02 -61.08
CA GLY K 162 11.10 -26.69 -62.09
C GLY K 162 9.79 -27.47 -61.92
N VAL K 163 9.70 -28.39 -60.96
CA VAL K 163 8.48 -29.21 -60.69
C VAL K 163 7.58 -28.47 -59.70
N GLU K 164 6.25 -28.45 -59.94
CA GLU K 164 5.22 -27.89 -59.01
C GLU K 164 4.04 -28.84 -58.88
N THR K 165 3.38 -28.81 -57.70
CA THR K 165 2.11 -29.52 -57.41
C THR K 165 1.23 -28.57 -56.58
N THR K 166 -0.07 -28.49 -56.88
CA THR K 166 -1.03 -27.63 -56.15
C THR K 166 -1.54 -28.38 -54.91
N THR K 167 -2.01 -27.65 -53.90
CA THR K 167 -2.63 -28.18 -52.66
C THR K 167 -3.96 -28.85 -53.02
N PRO K 168 -4.10 -30.20 -52.85
CA PRO K 168 -5.37 -30.89 -53.08
C PRO K 168 -6.58 -30.18 -52.46
N SER K 169 -7.55 -29.84 -53.29
CA SER K 169 -8.86 -29.26 -52.92
C SER K 169 -9.92 -30.35 -53.08
N LYS K 170 -10.95 -30.35 -52.24
CA LYS K 170 -12.09 -31.27 -52.34
C LYS K 170 -12.94 -30.80 -53.53
N GLN K 171 -13.28 -31.70 -54.45
CA GLN K 171 -14.11 -31.37 -55.65
C GLN K 171 -15.59 -31.66 -55.38
N SER K 172 -16.45 -31.43 -56.37
CA SER K 172 -17.94 -31.47 -56.28
C SER K 172 -18.42 -32.87 -55.86
N ASN K 173 -17.65 -33.91 -56.15
CA ASN K 173 -17.95 -35.34 -55.84
C ASN K 173 -17.34 -35.71 -54.47
N ASN K 174 -16.99 -34.69 -53.69
CA ASN K 174 -16.38 -34.78 -52.34
C ASN K 174 -15.10 -35.62 -52.37
N LYS K 175 -14.39 -35.66 -53.51
CA LYS K 175 -13.03 -36.26 -53.63
C LYS K 175 -12.09 -35.17 -54.11
N TYR K 176 -10.79 -35.38 -53.85
CA TYR K 176 -9.68 -34.40 -53.92
C TYR K 176 -9.13 -34.32 -55.35
N ALA K 177 -8.78 -33.12 -55.81
CA ALA K 177 -8.12 -32.91 -57.13
C ALA K 177 -6.83 -32.09 -56.97
N ALA K 178 -5.80 -32.42 -57.75
CA ALA K 178 -4.59 -31.56 -57.91
C ALA K 178 -3.94 -31.81 -59.27
N SER K 179 -3.16 -30.83 -59.73
CA SER K 179 -2.31 -30.93 -60.95
C SER K 179 -0.81 -30.83 -60.58
N SER K 180 0.02 -31.76 -61.05
CA SER K 180 1.51 -31.66 -60.97
C SER K 180 2.05 -31.17 -62.33
N TYR K 181 2.67 -29.97 -62.34
CA TYR K 181 2.99 -29.24 -63.60
C TYR K 181 4.43 -28.71 -63.61
N LEU K 182 5.18 -29.18 -64.62
CA LEU K 182 6.65 -29.03 -64.77
C LEU K 182 6.94 -27.97 -65.85
N SER K 183 7.36 -26.78 -65.43
CA SER K 183 7.68 -25.62 -66.31
C SER K 183 9.01 -25.85 -67.05
N LEU K 184 9.00 -26.65 -68.12
CA LEU K 184 10.19 -27.00 -68.93
C LEU K 184 10.54 -25.89 -69.94
N THR K 185 11.52 -26.16 -70.81
CA THR K 185 11.82 -25.39 -72.06
C THR K 185 11.52 -26.31 -73.24
N PRO K 186 11.58 -25.83 -74.50
CA PRO K 186 11.52 -26.72 -75.66
C PRO K 186 12.88 -27.39 -75.91
N GLU K 187 13.92 -26.68 -75.44
CA GLU K 187 15.30 -27.19 -75.41
C GLU K 187 15.24 -28.29 -74.37
N GLN K 188 15.26 -28.05 -73.08
CA GLN K 188 15.08 -28.95 -71.92
C GLN K 188 14.09 -30.04 -72.33
N TRP K 189 12.87 -29.66 -72.75
CA TRP K 189 11.81 -30.61 -73.14
C TRP K 189 12.21 -31.39 -74.40
N LYS K 190 12.71 -30.70 -75.44
CA LYS K 190 13.13 -31.34 -76.72
C LYS K 190 14.45 -32.10 -76.52
N SER K 191 15.38 -31.54 -75.74
CA SER K 191 16.74 -32.10 -75.48
C SER K 191 16.66 -33.41 -74.70
N HIS K 192 15.77 -33.51 -73.69
CA HIS K 192 15.57 -34.73 -72.87
C HIS K 192 14.71 -35.74 -73.65
N ARG K 193 14.99 -37.04 -73.51
CA ARG K 193 14.35 -38.13 -74.31
C ARG K 193 12.86 -38.23 -73.94
N SER K 194 12.55 -38.37 -72.65
CA SER K 194 11.19 -38.25 -72.08
C SER K 194 11.25 -37.49 -70.75
N TYR K 195 10.07 -37.12 -70.24
CA TYR K 195 9.79 -36.62 -68.87
C TYR K 195 8.63 -37.45 -68.32
N SER K 196 8.56 -37.65 -66.99
CA SER K 196 7.64 -38.66 -66.39
C SER K 196 6.94 -38.11 -65.15
N CYS K 197 5.74 -38.61 -64.88
CA CYS K 197 4.94 -38.31 -63.66
C CYS K 197 4.73 -39.61 -62.90
N GLN K 198 5.29 -39.71 -61.69
CA GLN K 198 4.99 -40.79 -60.70
C GLN K 198 4.20 -40.13 -59.55
N VAL K 199 3.01 -40.66 -59.29
CA VAL K 199 2.10 -40.13 -58.23
C VAL K 199 2.08 -41.16 -57.10
N THR K 200 2.42 -40.74 -55.88
CA THR K 200 2.42 -41.58 -54.64
C THR K 200 1.17 -41.25 -53.82
N HIS K 201 0.27 -42.23 -53.66
CA HIS K 201 -0.94 -42.07 -52.80
C HIS K 201 -1.18 -43.35 -51.97
N GLU K 202 -1.28 -43.20 -50.65
CA GLU K 202 -1.62 -44.32 -49.72
C GLU K 202 -0.65 -45.48 -49.97
N GLY K 203 0.64 -45.17 -49.98
CA GLY K 203 1.75 -46.15 -50.04
C GLY K 203 1.78 -46.93 -51.35
N SER K 204 1.10 -46.47 -52.41
CA SER K 204 1.24 -46.95 -53.80
C SER K 204 1.77 -45.79 -54.66
N THR K 205 2.43 -46.10 -55.77
CA THR K 205 3.05 -45.12 -56.72
C THR K 205 2.81 -45.60 -58.16
N VAL K 206 1.85 -45.03 -58.87
CA VAL K 206 1.64 -45.28 -60.33
C VAL K 206 2.41 -44.19 -61.11
N GLU K 207 2.85 -44.50 -62.35
CA GLU K 207 3.68 -43.58 -63.19
C GLU K 207 3.08 -43.42 -64.60
N LYS K 208 3.28 -42.23 -65.18
CA LYS K 208 2.95 -41.85 -66.59
C LYS K 208 4.15 -41.10 -67.17
N THR K 209 4.44 -41.32 -68.45
CA THR K 209 5.63 -40.74 -69.14
C THR K 209 5.20 -40.07 -70.43
N VAL K 210 5.69 -38.85 -70.69
CA VAL K 210 5.51 -38.14 -71.99
C VAL K 210 6.87 -37.70 -72.55
N ALA K 211 6.94 -37.52 -73.86
CA ALA K 211 8.16 -37.17 -74.63
C ALA K 211 7.82 -36.25 -75.79
N PRO K 212 8.77 -35.38 -76.25
CA PRO K 212 8.60 -34.61 -77.49
C PRO K 212 8.16 -35.48 -78.68
N THR K 213 7.27 -34.97 -79.55
CA THR K 213 6.79 -35.65 -80.79
C THR K 213 7.16 -34.80 -82.01
N GLN L 1 1.54 -28.16 -21.33
CA GLN L 1 0.14 -27.88 -21.82
C GLN L 1 -0.02 -26.41 -22.24
N SER L 2 0.86 -25.51 -21.80
CA SER L 2 0.73 -24.03 -21.99
C SER L 2 1.61 -23.54 -23.15
N ALA L 3 0.96 -23.03 -24.20
CA ALA L 3 1.57 -22.38 -25.37
C ALA L 3 2.37 -21.15 -24.94
N LEU L 4 3.57 -20.99 -25.47
CA LEU L 4 4.25 -19.67 -25.56
C LEU L 4 3.28 -18.72 -26.26
N THR L 5 3.45 -17.42 -26.06
CA THR L 5 2.55 -16.36 -26.58
C THR L 5 3.16 -15.69 -27.82
N GLN L 6 2.50 -15.86 -28.96
CA GLN L 6 2.82 -15.10 -30.19
C GLN L 6 1.59 -14.32 -30.62
N PRO L 7 1.74 -13.11 -31.20
CA PRO L 7 0.59 -12.41 -31.74
C PRO L 7 0.03 -13.15 -32.96
N PRO L 8 -1.31 -13.28 -33.09
CA PRO L 8 -1.90 -13.98 -34.23
C PRO L 8 -1.43 -13.50 -35.63
N SER L 9 -1.24 -12.19 -35.80
N SER L 9 -1.21 -12.20 -35.78
CA SER L 9 -1.00 -11.52 -37.10
CA SER L 9 -0.95 -11.53 -37.08
C SER L 9 0.14 -10.49 -36.97
C SER L 9 0.19 -10.52 -36.94
N ALA L 10 0.93 -10.31 -38.02
CA ALA L 10 1.90 -9.20 -38.18
C ALA L 10 2.03 -8.98 -39.69
N SER L 11 2.55 -7.81 -40.09
CA SER L 11 2.70 -7.44 -41.52
C SER L 11 3.83 -6.43 -41.69
N GLY L 12 4.36 -6.36 -42.91
CA GLY L 12 5.26 -5.32 -43.43
C GLY L 12 5.11 -5.24 -44.94
N SER L 13 5.53 -4.12 -45.54
CA SER L 13 5.54 -3.93 -47.01
C SER L 13 6.85 -4.49 -47.55
N PRO L 14 6.92 -4.80 -48.85
CA PRO L 14 8.17 -5.28 -49.45
C PRO L 14 9.36 -4.37 -49.12
N GLY L 15 10.51 -4.96 -48.81
CA GLY L 15 11.77 -4.24 -48.51
C GLY L 15 11.81 -3.71 -47.08
N GLN L 16 10.66 -3.69 -46.39
CA GLN L 16 10.48 -3.26 -44.98
C GLN L 16 10.88 -4.39 -44.04
N SER L 17 10.83 -4.10 -42.73
CA SER L 17 11.10 -5.05 -41.62
C SER L 17 9.81 -5.32 -40.85
N VAL L 18 9.73 -6.51 -40.26
CA VAL L 18 8.67 -6.89 -39.28
C VAL L 18 9.38 -7.63 -38.15
N THR L 19 9.01 -7.34 -36.90
CA THR L 19 9.58 -7.96 -35.68
C THR L 19 8.44 -8.65 -34.95
N ILE L 20 8.60 -9.91 -34.54
CA ILE L 20 7.51 -10.67 -33.89
C ILE L 20 8.06 -11.23 -32.57
N SER L 21 7.19 -11.37 -31.57
CA SER L 21 7.59 -11.69 -30.18
C SER L 21 7.07 -13.08 -29.82
N CYS L 22 7.89 -13.81 -29.07
CA CYS L 22 7.54 -15.10 -28.44
C CYS L 22 7.71 -14.95 -26.92
N THR L 23 6.62 -14.89 -26.15
CA THR L 23 6.70 -14.65 -24.69
C THR L 23 6.45 -15.94 -23.95
N GLY L 24 7.44 -16.37 -23.15
CA GLY L 24 7.35 -17.58 -22.32
C GLY L 24 7.49 -17.24 -20.84
N THR L 25 8.04 -18.18 -20.08
CA THR L 25 8.25 -18.05 -18.61
C THR L 25 9.76 -18.08 -18.38
N SER L 26 10.19 -17.67 -17.18
CA SER L 26 11.58 -17.76 -16.68
C SER L 26 12.15 -19.19 -16.78
N SER L 27 11.31 -20.23 -16.85
CA SER L 27 11.74 -21.66 -16.85
C SER L 27 11.77 -22.26 -18.27
N ASP L 28 11.36 -21.51 -19.29
CA ASP L 28 11.43 -21.99 -20.70
C ASP L 28 12.23 -20.96 -21.49
N VAL L 29 11.59 -19.98 -22.14
CA VAL L 29 12.29 -18.90 -22.89
C VAL L 29 13.37 -18.26 -21.98
N GLY L 30 13.04 -17.97 -20.72
CA GLY L 30 13.92 -17.20 -19.81
C GLY L 30 15.07 -18.02 -19.23
N GLY L 31 14.96 -19.35 -19.21
CA GLY L 31 15.85 -20.26 -18.45
C GLY L 31 16.96 -20.91 -19.26
N SER L 32 17.05 -20.68 -20.58
CA SER L 32 18.15 -21.21 -21.45
C SER L 32 18.20 -20.51 -22.82
N ASP L 33 19.16 -20.90 -23.66
CA ASP L 33 19.35 -20.41 -25.05
C ASP L 33 18.84 -21.48 -26.01
N SER L 34 17.60 -21.90 -25.85
CA SER L 34 17.00 -23.00 -26.65
C SER L 34 15.72 -22.51 -27.33
N VAL L 35 15.70 -21.28 -27.81
CA VAL L 35 14.57 -20.81 -28.67
C VAL L 35 14.93 -21.13 -30.13
N SER L 36 13.96 -21.76 -30.81
CA SER L 36 13.96 -22.06 -32.25
C SER L 36 12.80 -21.31 -32.90
N TRP L 37 12.94 -20.91 -34.16
CA TRP L 37 11.82 -20.40 -34.97
C TRP L 37 11.71 -21.25 -36.22
N TYR L 38 10.46 -21.52 -36.62
CA TYR L 38 10.14 -22.28 -37.85
C TYR L 38 9.32 -21.39 -38.76
N GLN L 39 9.59 -21.43 -40.07
CA GLN L 39 8.76 -20.79 -41.12
C GLN L 39 7.90 -21.90 -41.73
N GLN L 40 6.61 -21.68 -41.89
CA GLN L 40 5.70 -22.65 -42.55
C GLN L 40 4.73 -21.94 -43.50
N HIS L 41 4.83 -22.23 -44.80
CA HIS L 41 3.80 -21.94 -45.82
C HIS L 41 2.62 -22.89 -45.61
N PRO L 42 1.36 -22.45 -45.85
CA PRO L 42 0.19 -23.34 -45.77
C PRO L 42 0.31 -24.64 -46.58
N GLY L 43 -0.08 -25.75 -45.95
CA GLY L 43 0.07 -27.14 -46.43
C GLY L 43 1.50 -27.56 -46.78
N LYS L 44 2.55 -26.94 -46.23
CA LYS L 44 3.98 -27.34 -46.47
C LYS L 44 4.64 -27.74 -45.15
N ALA L 45 5.68 -28.58 -45.21
CA ALA L 45 6.61 -28.82 -44.09
C ALA L 45 7.20 -27.50 -43.62
N PRO L 46 7.40 -27.33 -42.31
CA PRO L 46 8.06 -26.13 -41.78
C PRO L 46 9.55 -26.14 -42.16
N LYS L 47 10.19 -24.98 -42.12
CA LYS L 47 11.66 -24.85 -42.23
C LYS L 47 12.18 -24.15 -40.97
N LEU L 48 13.27 -24.68 -40.40
CA LEU L 48 13.97 -24.08 -39.25
C LEU L 48 14.72 -22.86 -39.76
N ILE L 49 14.42 -21.67 -39.19
CA ILE L 49 15.12 -20.42 -39.59
C ILE L 49 16.12 -20.01 -38.49
N ILE L 50 15.87 -20.42 -37.23
CA ILE L 50 16.71 -20.08 -36.05
C ILE L 50 16.67 -21.22 -35.03
N TYR L 51 17.82 -21.53 -34.44
CA TYR L 51 17.96 -22.44 -33.27
C TYR L 51 18.92 -21.76 -32.28
N GLU L 52 18.83 -22.12 -31.00
CA GLU L 52 19.65 -21.52 -29.90
C GLU L 52 19.53 -20.00 -29.94
N VAL L 53 18.33 -19.48 -30.20
CA VAL L 53 17.91 -18.05 -30.02
C VAL L 53 18.30 -17.19 -31.23
N SER L 54 19.46 -17.43 -31.84
CA SER L 54 20.20 -16.48 -32.72
C SER L 54 20.85 -17.14 -33.94
N GLN L 55 21.00 -18.47 -33.95
CA GLN L 55 21.82 -19.25 -34.93
C GLN L 55 20.97 -19.59 -36.17
N ARG L 56 21.39 -19.12 -37.34
CA ARG L 56 20.75 -19.47 -38.63
C ARG L 56 21.37 -20.75 -39.16
N PRO L 57 20.54 -21.76 -39.55
CA PRO L 57 21.06 -22.92 -40.27
C PRO L 57 21.58 -22.51 -41.65
N SER L 58 22.50 -23.30 -42.23
CA SER L 58 22.96 -23.16 -43.63
C SER L 58 21.74 -22.97 -44.54
N GLY L 59 21.83 -22.02 -45.47
CA GLY L 59 20.78 -21.78 -46.48
C GLY L 59 19.69 -20.83 -45.98
N VAL L 60 19.74 -20.36 -44.74
CA VAL L 60 18.77 -19.30 -44.29
C VAL L 60 19.45 -17.95 -44.45
N PRO L 61 18.84 -17.02 -45.23
CA PRO L 61 19.43 -15.72 -45.48
C PRO L 61 19.64 -14.91 -44.20
N ASN L 62 20.62 -14.00 -44.19
CA ASN L 62 21.01 -13.20 -42.99
C ASN L 62 20.05 -12.03 -42.77
N ARG L 63 18.99 -11.94 -43.59
CA ARG L 63 17.72 -11.18 -43.38
C ARG L 63 16.97 -11.61 -42.10
N PHE L 64 17.13 -12.85 -41.64
CA PHE L 64 16.42 -13.37 -40.43
C PHE L 64 17.32 -13.30 -39.19
N SER L 65 16.92 -12.49 -38.21
CA SER L 65 17.65 -12.27 -36.92
C SER L 65 16.76 -12.58 -35.72
N GLY L 66 17.30 -13.39 -34.81
CA GLY L 66 16.64 -13.84 -33.57
C GLY L 66 17.38 -13.27 -32.36
N SER L 67 16.63 -13.03 -31.29
CA SER L 67 17.13 -12.42 -30.03
C SER L 67 16.19 -12.79 -28.89
N LYS L 68 16.69 -12.55 -27.67
CA LYS L 68 16.03 -12.85 -26.38
C LYS L 68 16.26 -11.66 -25.45
N SER L 69 15.18 -11.06 -24.93
CA SER L 69 15.20 -10.11 -23.79
C SER L 69 14.35 -10.73 -22.67
N GLY L 70 15.01 -11.27 -21.62
CA GLY L 70 14.34 -11.90 -20.46
C GLY L 70 13.51 -13.10 -20.88
N ASN L 71 12.19 -13.06 -20.71
CA ASN L 71 11.26 -14.20 -20.99
C ASN L 71 10.63 -14.07 -22.39
N THR L 72 11.04 -13.08 -23.19
CA THR L 72 10.47 -12.76 -24.52
C THR L 72 11.58 -12.88 -25.57
N ALA L 73 11.37 -13.73 -26.57
CA ALA L 73 12.22 -13.84 -27.79
C ALA L 73 11.55 -13.10 -28.94
N SER L 74 12.38 -12.53 -29.82
CA SER L 74 11.93 -11.82 -31.04
C SER L 74 12.62 -12.35 -32.28
N LEU L 75 11.89 -12.35 -33.39
CA LEU L 75 12.41 -12.60 -34.74
C LEU L 75 12.11 -11.33 -35.53
N THR L 76 13.14 -10.72 -36.10
CA THR L 76 13.06 -9.63 -37.09
C THR L 76 13.40 -10.21 -38.47
N VAL L 77 12.51 -9.96 -39.43
CA VAL L 77 12.71 -10.23 -40.88
C VAL L 77 12.92 -8.87 -41.53
N SER L 78 14.14 -8.61 -42.04
CA SER L 78 14.45 -7.44 -42.89
C SER L 78 14.29 -7.82 -44.38
N GLY L 79 14.30 -6.81 -45.25
CA GLY L 79 14.12 -6.92 -46.72
C GLY L 79 12.95 -7.83 -47.07
N LEU L 80 11.78 -7.57 -46.50
CA LEU L 80 10.59 -8.46 -46.63
C LEU L 80 10.36 -8.74 -48.12
N GLN L 81 10.27 -10.02 -48.46
CA GLN L 81 9.94 -10.48 -49.83
C GLN L 81 8.61 -11.24 -49.75
N ALA L 82 7.88 -11.30 -50.87
CA ALA L 82 6.66 -12.13 -51.06
C ALA L 82 6.85 -13.51 -50.41
N GLU L 83 8.01 -14.15 -50.59
CA GLU L 83 8.26 -15.53 -50.10
C GLU L 83 8.28 -15.57 -48.55
N ASP L 84 8.43 -14.44 -47.85
CA ASP L 84 8.39 -14.41 -46.36
C ASP L 84 6.94 -14.43 -45.85
N ASP L 85 5.94 -14.31 -46.73
CA ASP L 85 4.50 -14.48 -46.38
C ASP L 85 4.28 -15.93 -45.95
N ALA L 86 4.02 -16.15 -44.67
CA ALA L 86 3.99 -17.50 -44.06
C ALA L 86 3.58 -17.41 -42.59
N ASP L 87 3.38 -18.58 -41.97
CA ASP L 87 3.22 -18.75 -40.50
C ASP L 87 4.61 -18.90 -39.83
N TYR L 88 4.87 -18.17 -38.74
CA TYR L 88 6.13 -18.26 -37.95
C TYR L 88 5.82 -18.80 -36.55
N TYR L 89 6.41 -19.94 -36.21
CA TYR L 89 6.27 -20.57 -34.89
C TYR L 89 7.59 -20.46 -34.13
N CYS L 90 7.50 -20.17 -32.83
CA CYS L 90 8.64 -20.21 -31.89
C CYS L 90 8.53 -21.49 -31.04
N SER L 91 9.66 -22.02 -30.56
CA SER L 91 9.67 -23.15 -29.60
C SER L 91 10.76 -22.88 -28.57
N SER L 92 10.64 -23.47 -27.40
CA SER L 92 11.67 -23.38 -26.35
C SER L 92 11.62 -24.66 -25.55
N TYR L 93 12.78 -25.19 -25.21
CA TYR L 93 12.85 -26.29 -24.21
C TYR L 93 12.52 -25.68 -22.86
N GLY L 94 11.82 -26.43 -22.02
CA GLY L 94 11.73 -26.15 -20.57
C GLY L 94 12.69 -27.03 -19.82
N GLY L 95 12.78 -26.87 -18.50
CA GLY L 95 13.23 -27.95 -17.60
C GLY L 95 12.26 -29.12 -17.75
N ASP L 96 12.59 -30.29 -17.21
CA ASP L 96 11.64 -31.43 -17.12
C ASP L 96 11.28 -31.90 -18.55
N ASN L 97 12.25 -31.89 -19.48
CA ASN L 97 12.15 -32.52 -20.82
C ASN L 97 10.97 -31.96 -21.63
N ASN L 98 10.57 -30.72 -21.35
CA ASN L 98 9.38 -30.06 -21.95
C ASN L 98 9.85 -29.31 -23.20
N LEU L 99 9.03 -29.27 -24.24
CA LEU L 99 9.21 -28.37 -25.41
C LEU L 99 7.89 -27.64 -25.60
N PHE L 100 7.94 -26.33 -25.50
CA PHE L 100 6.77 -25.44 -25.65
C PHE L 100 6.81 -24.85 -27.06
N PHE L 101 5.65 -24.73 -27.69
CA PHE L 101 5.44 -24.01 -28.98
C PHE L 101 4.57 -22.78 -28.76
N GLY L 102 4.80 -21.71 -29.52
CA GLY L 102 3.86 -20.58 -29.65
C GLY L 102 2.71 -20.95 -30.55
N GLY L 103 1.70 -20.09 -30.64
CA GLY L 103 0.47 -20.31 -31.40
C GLY L 103 0.68 -20.10 -32.88
N GLY L 104 1.79 -19.44 -33.25
CA GLY L 104 2.09 -19.04 -34.63
C GLY L 104 1.74 -17.58 -34.87
N THR L 105 2.59 -16.86 -35.60
CA THR L 105 2.28 -15.53 -36.20
C THR L 105 2.15 -15.70 -37.72
N LYS L 106 0.99 -15.34 -38.29
CA LYS L 106 0.81 -15.25 -39.76
C LYS L 106 1.43 -13.93 -40.20
N VAL L 107 2.57 -13.96 -40.92
CA VAL L 107 3.22 -12.71 -41.43
C VAL L 107 2.69 -12.50 -42.83
N THR L 108 1.97 -11.39 -43.04
CA THR L 108 1.49 -10.95 -44.37
C THR L 108 2.52 -9.96 -44.92
N VAL L 109 2.89 -10.10 -46.19
CA VAL L 109 3.69 -9.10 -46.93
C VAL L 109 2.67 -8.26 -47.67
N LEU L 110 2.49 -7.01 -47.24
CA LEU L 110 1.42 -6.10 -47.73
C LEU L 110 1.68 -5.72 -49.19
N GLY L 111 0.59 -5.59 -49.95
CA GLY L 111 0.51 -4.95 -51.28
C GLY L 111 1.27 -5.71 -52.36
N GLN L 112 1.16 -7.03 -52.42
CA GLN L 112 1.76 -7.85 -53.50
C GLN L 112 1.12 -7.41 -54.83
N PRO L 113 1.84 -7.49 -55.95
CA PRO L 113 1.35 -6.97 -57.22
C PRO L 113 0.35 -7.90 -57.94
N LYS L 114 -0.58 -7.30 -58.69
CA LYS L 114 -1.51 -7.98 -59.65
C LYS L 114 -0.70 -8.77 -60.70
N ALA L 115 -1.15 -9.98 -61.03
CA ALA L 115 -0.55 -10.82 -62.08
C ALA L 115 -1.67 -11.52 -62.86
N ALA L 116 -1.69 -11.35 -64.18
CA ALA L 116 -2.69 -11.98 -65.07
C ALA L 116 -2.42 -13.48 -65.10
N PRO L 117 -3.46 -14.34 -65.03
CA PRO L 117 -3.24 -15.76 -65.25
C PRO L 117 -2.50 -16.02 -66.58
N SER L 118 -1.52 -16.92 -66.51
CA SER L 118 -0.85 -17.61 -67.62
C SER L 118 -1.64 -18.87 -67.95
N VAL L 119 -2.75 -18.66 -68.65
CA VAL L 119 -3.72 -19.71 -69.08
C VAL L 119 -3.09 -20.49 -70.24
N THR L 120 -2.88 -21.79 -70.02
CA THR L 120 -2.64 -22.80 -71.07
C THR L 120 -3.80 -23.79 -71.05
N LEU L 121 -4.51 -23.96 -72.18
CA LEU L 121 -5.44 -25.10 -72.38
C LEU L 121 -4.68 -26.22 -73.10
N PHE L 122 -4.79 -27.47 -72.63
CA PHE L 122 -4.16 -28.69 -73.22
C PHE L 122 -5.24 -29.62 -73.76
N PRO L 123 -5.08 -30.22 -74.97
CA PRO L 123 -6.07 -31.14 -75.52
C PRO L 123 -5.87 -32.43 -74.74
N PRO L 124 -6.59 -33.53 -75.04
CA PRO L 124 -6.30 -34.82 -74.41
C PRO L 124 -4.89 -35.33 -74.76
N SER L 125 -4.52 -36.51 -74.25
CA SER L 125 -3.22 -37.19 -74.47
C SER L 125 -3.46 -38.51 -75.21
N SER L 126 -2.42 -39.08 -75.83
CA SER L 126 -2.50 -40.39 -76.53
C SER L 126 -2.86 -41.47 -75.51
N GLU L 127 -2.25 -41.42 -74.31
CA GLU L 127 -2.41 -42.46 -73.26
C GLU L 127 -3.89 -42.57 -72.87
N GLU L 128 -4.52 -41.46 -72.48
CA GLU L 128 -5.93 -41.42 -71.97
C GLU L 128 -6.88 -41.72 -73.14
N LEU L 129 -6.62 -41.16 -74.33
CA LEU L 129 -7.38 -41.47 -75.57
C LEU L 129 -7.30 -42.98 -75.86
N GLN L 130 -6.15 -43.61 -75.64
CA GLN L 130 -6.00 -45.09 -75.84
C GLN L 130 -6.87 -45.82 -74.82
N ALA L 131 -7.02 -45.26 -73.62
CA ALA L 131 -7.79 -45.80 -72.47
C ALA L 131 -9.17 -45.13 -72.35
N ASN L 132 -9.80 -44.79 -73.48
CA ASN L 132 -11.24 -44.39 -73.61
C ASN L 132 -11.57 -43.19 -72.70
N LYS L 133 -10.67 -42.21 -72.59
CA LYS L 133 -10.90 -40.93 -71.88
C LYS L 133 -10.33 -39.78 -72.71
N ALA L 134 -10.88 -38.57 -72.57
CA ALA L 134 -10.50 -37.38 -73.36
C ALA L 134 -10.61 -36.11 -72.50
N THR L 135 -10.17 -36.18 -71.25
CA THR L 135 -10.16 -35.03 -70.32
C THR L 135 -9.25 -33.93 -70.89
N LEU L 136 -9.74 -32.68 -70.85
CA LEU L 136 -8.96 -31.45 -71.14
C LEU L 136 -8.54 -30.83 -69.80
N VAL L 137 -7.34 -30.25 -69.74
CA VAL L 137 -6.91 -29.46 -68.56
C VAL L 137 -6.56 -28.03 -69.01
N CYS L 138 -7.05 -27.05 -68.24
CA CYS L 138 -6.81 -25.60 -68.36
C CYS L 138 -6.03 -25.14 -67.13
N LEU L 139 -4.69 -25.09 -67.27
CA LEU L 139 -3.69 -24.72 -66.23
C LEU L 139 -3.67 -23.19 -66.10
N ILE L 140 -4.01 -22.66 -64.92
CA ILE L 140 -4.19 -21.20 -64.67
C ILE L 140 -3.16 -20.75 -63.63
N SER L 141 -1.93 -20.44 -64.09
CA SER L 141 -0.71 -20.30 -63.24
C SER L 141 -0.29 -18.84 -63.09
N ASP L 142 0.81 -18.62 -62.37
CA ASP L 142 1.55 -17.33 -62.29
C ASP L 142 0.56 -16.16 -62.16
N PHE L 143 -0.50 -16.31 -61.35
CA PHE L 143 -1.57 -15.28 -61.18
C PHE L 143 -1.75 -14.89 -59.70
N TYR L 144 -2.25 -13.66 -59.50
CA TYR L 144 -2.44 -13.00 -58.18
C TYR L 144 -3.45 -11.86 -58.28
N PRO L 145 -4.50 -11.76 -57.42
CA PRO L 145 -4.77 -12.72 -56.35
C PRO L 145 -5.38 -14.07 -56.77
N GLY L 146 -5.75 -14.88 -55.76
CA GLY L 146 -6.31 -16.25 -55.93
C GLY L 146 -7.83 -16.24 -56.05
N ALA L 147 -8.35 -15.46 -57.00
CA ALA L 147 -9.79 -15.27 -57.26
C ALA L 147 -10.04 -15.27 -58.77
N VAL L 148 -10.67 -16.33 -59.29
CA VAL L 148 -10.92 -16.56 -60.75
C VAL L 148 -12.29 -17.23 -60.94
N THR L 149 -12.88 -17.03 -62.12
CA THR L 149 -14.03 -17.81 -62.64
C THR L 149 -13.62 -18.38 -64.00
N VAL L 150 -13.99 -19.63 -64.25
CA VAL L 150 -13.69 -20.38 -65.51
C VAL L 150 -15.03 -20.75 -66.15
N ALA L 151 -15.19 -20.45 -67.45
CA ALA L 151 -16.23 -21.01 -68.35
C ALA L 151 -15.55 -21.86 -69.43
N TRP L 152 -16.21 -22.94 -69.86
CA TRP L 152 -15.82 -23.75 -71.03
C TRP L 152 -16.83 -23.56 -72.16
N LYS L 153 -16.36 -23.72 -73.40
CA LYS L 153 -17.18 -23.76 -74.65
C LYS L 153 -16.93 -25.08 -75.40
N ALA L 154 -17.97 -25.66 -76.01
CA ALA L 154 -17.89 -26.71 -77.06
C ALA L 154 -18.32 -26.09 -78.40
N ASP L 155 -17.40 -26.06 -79.37
CA ASP L 155 -17.50 -25.17 -80.56
C ASP L 155 -17.71 -23.76 -79.99
N SER L 156 -18.83 -23.09 -80.28
CA SER L 156 -19.16 -21.74 -79.77
C SER L 156 -20.14 -21.83 -78.60
N SER L 157 -20.52 -23.02 -78.13
CA SER L 157 -21.64 -23.15 -77.16
C SER L 157 -21.14 -23.38 -75.71
N PRO L 158 -21.77 -22.78 -74.68
CA PRO L 158 -21.48 -23.15 -73.29
C PRO L 158 -21.48 -24.67 -73.03
N VAL L 159 -20.45 -25.16 -72.32
CA VAL L 159 -20.41 -26.50 -71.67
C VAL L 159 -20.97 -26.32 -70.24
N LYS L 160 -21.94 -27.11 -69.82
CA LYS L 160 -22.47 -27.01 -68.44
C LYS L 160 -21.98 -28.18 -67.57
N ALA L 161 -21.70 -29.35 -68.17
CA ALA L 161 -21.55 -30.65 -67.47
C ALA L 161 -20.10 -31.13 -67.55
N GLY L 162 -19.67 -31.88 -66.52
CA GLY L 162 -18.36 -32.56 -66.46
C GLY L 162 -17.21 -31.61 -66.18
N VAL L 163 -17.48 -30.40 -65.68
CA VAL L 163 -16.48 -29.33 -65.36
C VAL L 163 -16.15 -29.36 -63.86
N GLU L 164 -14.85 -29.23 -63.56
CA GLU L 164 -14.27 -29.14 -62.19
C GLU L 164 -13.15 -28.11 -62.21
N THR L 165 -13.15 -27.15 -61.26
CA THR L 165 -12.02 -26.19 -61.07
C THR L 165 -11.52 -26.28 -59.61
N THR L 166 -10.21 -26.40 -59.42
CA THR L 166 -9.57 -26.47 -58.09
C THR L 166 -9.60 -25.09 -57.40
N THR L 167 -9.56 -25.10 -56.07
CA THR L 167 -9.35 -23.92 -55.20
C THR L 167 -7.90 -23.52 -55.37
N PRO L 168 -7.62 -22.26 -55.81
CA PRO L 168 -6.26 -21.85 -56.13
C PRO L 168 -5.30 -22.02 -54.94
N SER L 169 -4.08 -22.50 -55.19
CA SER L 169 -2.97 -22.64 -54.20
C SER L 169 -1.67 -21.99 -54.72
N LYS L 170 -0.87 -21.41 -53.83
CA LYS L 170 0.37 -20.66 -54.14
C LYS L 170 1.55 -21.63 -54.36
N GLN L 171 2.36 -21.39 -55.41
CA GLN L 171 3.53 -22.24 -55.78
C GLN L 171 4.85 -21.56 -55.35
N SER L 172 5.98 -22.02 -55.89
CA SER L 172 7.35 -21.64 -55.45
C SER L 172 7.76 -20.26 -55.99
N ASN L 173 6.88 -19.57 -56.73
CA ASN L 173 7.09 -18.19 -57.24
C ASN L 173 6.07 -17.23 -56.58
N ASN L 174 5.43 -17.67 -55.48
CA ASN L 174 4.53 -16.86 -54.63
C ASN L 174 3.30 -16.46 -55.45
N LYS L 175 3.08 -17.15 -56.59
CA LYS L 175 1.97 -16.92 -57.54
C LYS L 175 1.15 -18.22 -57.69
N TYR L 176 -0.16 -18.06 -57.91
CA TYR L 176 -1.19 -19.13 -57.76
C TYR L 176 -1.25 -20.00 -59.01
N ALA L 177 -1.78 -21.20 -58.80
CA ALA L 177 -2.08 -22.20 -59.85
C ALA L 177 -3.40 -22.89 -59.48
N ALA L 178 -4.29 -22.98 -60.46
CA ALA L 178 -5.50 -23.82 -60.41
C ALA L 178 -5.64 -24.48 -61.77
N SER L 179 -5.99 -25.77 -61.77
CA SER L 179 -6.43 -26.56 -62.95
C SER L 179 -7.95 -26.47 -63.05
N SER L 180 -8.48 -26.17 -64.24
CA SER L 180 -9.88 -26.52 -64.62
C SER L 180 -9.80 -27.74 -65.54
N TYR L 181 -10.57 -28.78 -65.28
CA TYR L 181 -10.56 -29.98 -66.15
C TYR L 181 -12.00 -30.32 -66.55
N LEU L 182 -12.13 -30.81 -67.77
CA LEU L 182 -13.41 -31.13 -68.45
C LEU L 182 -13.34 -32.59 -68.88
N SER L 183 -14.13 -33.46 -68.23
CA SER L 183 -14.19 -34.90 -68.53
C SER L 183 -15.07 -35.09 -69.77
N LEU L 184 -14.46 -35.49 -70.88
CA LEU L 184 -15.12 -35.71 -72.17
C LEU L 184 -14.95 -37.18 -72.52
N THR L 185 -15.93 -37.79 -73.18
CA THR L 185 -15.76 -39.12 -73.83
C THR L 185 -15.00 -38.88 -75.12
N PRO L 186 -14.28 -39.89 -75.64
CA PRO L 186 -13.64 -39.77 -76.95
C PRO L 186 -14.62 -39.40 -78.07
N GLU L 187 -15.88 -39.86 -78.00
CA GLU L 187 -16.97 -39.44 -78.92
C GLU L 187 -17.08 -37.90 -78.94
N GLN L 188 -17.24 -37.29 -77.77
CA GLN L 188 -17.53 -35.83 -77.63
C GLN L 188 -16.34 -35.05 -78.20
N TRP L 189 -15.12 -35.39 -77.79
CA TRP L 189 -13.88 -34.71 -78.23
C TRP L 189 -13.80 -34.66 -79.77
N LYS L 190 -14.10 -35.78 -80.44
CA LYS L 190 -13.81 -35.97 -81.88
C LYS L 190 -14.94 -35.39 -82.72
N SER L 191 -16.16 -35.33 -82.17
CA SER L 191 -17.41 -34.89 -82.84
C SER L 191 -17.65 -33.38 -82.68
N HIS L 192 -16.70 -32.62 -82.13
CA HIS L 192 -16.77 -31.13 -82.11
C HIS L 192 -15.56 -30.59 -82.87
N ARG L 193 -15.63 -29.35 -83.31
CA ARG L 193 -14.55 -28.69 -84.10
C ARG L 193 -13.47 -28.22 -83.13
N SER L 194 -13.87 -27.81 -81.91
CA SER L 194 -12.95 -27.31 -80.84
C SER L 194 -13.63 -27.32 -79.44
N TYR L 195 -12.82 -27.18 -78.39
CA TYR L 195 -13.22 -26.78 -77.01
C TYR L 195 -12.39 -25.56 -76.59
N SER L 196 -12.98 -24.69 -75.76
CA SER L 196 -12.34 -23.44 -75.27
C SER L 196 -12.40 -23.35 -73.74
N CYS L 197 -11.39 -22.69 -73.15
CA CYS L 197 -11.30 -22.37 -71.71
C CYS L 197 -11.28 -20.84 -71.56
N GLN L 198 -12.22 -20.25 -70.84
CA GLN L 198 -12.31 -18.76 -70.67
C GLN L 198 -12.16 -18.38 -69.17
N VAL L 199 -11.09 -17.66 -68.84
CA VAL L 199 -10.67 -17.35 -67.43
C VAL L 199 -10.88 -15.85 -67.18
N THR L 200 -11.63 -15.50 -66.13
CA THR L 200 -11.91 -14.09 -65.74
C THR L 200 -11.30 -13.82 -64.36
N HIS L 201 -10.40 -12.84 -64.31
CA HIS L 201 -9.63 -12.40 -63.13
C HIS L 201 -9.70 -10.87 -63.07
N GLU L 202 -10.21 -10.31 -61.97
CA GLU L 202 -10.21 -8.85 -61.67
C GLU L 202 -11.02 -8.08 -62.73
N GLY L 203 -12.00 -8.74 -63.36
CA GLY L 203 -12.82 -8.14 -64.44
C GLY L 203 -12.30 -8.45 -65.83
N SER L 204 -11.00 -8.76 -65.98
CA SER L 204 -10.33 -8.95 -67.30
C SER L 204 -10.31 -10.43 -67.68
N THR L 205 -10.69 -10.76 -68.92
CA THR L 205 -11.00 -12.14 -69.39
C THR L 205 -10.01 -12.61 -70.48
N VAL L 206 -9.48 -13.82 -70.28
CA VAL L 206 -8.68 -14.60 -71.28
C VAL L 206 -9.59 -15.71 -71.80
N GLU L 207 -9.37 -16.14 -73.05
CA GLU L 207 -9.91 -17.40 -73.65
C GLU L 207 -8.77 -18.12 -74.37
N LYS L 208 -8.75 -19.45 -74.34
CA LYS L 208 -7.86 -20.34 -75.15
C LYS L 208 -8.70 -21.42 -75.83
N THR L 209 -8.25 -21.95 -76.98
CA THR L 209 -9.01 -22.94 -77.79
C THR L 209 -8.07 -24.06 -78.27
N VAL L 210 -8.45 -25.32 -78.10
CA VAL L 210 -7.78 -26.48 -78.74
C VAL L 210 -8.79 -27.12 -79.69
N ALA L 211 -8.29 -27.87 -80.66
CA ALA L 211 -9.11 -28.65 -81.60
C ALA L 211 -8.51 -30.04 -81.65
N PRO L 212 -9.25 -31.08 -82.10
CA PRO L 212 -8.62 -32.36 -82.44
C PRO L 212 -7.42 -32.06 -83.36
N THR L 213 -6.27 -32.69 -83.08
CA THR L 213 -5.00 -32.55 -83.83
C THR L 213 -5.13 -33.25 -85.19
N GLU L 214 -4.23 -32.95 -86.13
CA GLU L 214 -4.26 -33.47 -87.52
C GLU L 214 -3.09 -34.46 -87.72
#